data_1N6P
# 
_entry.id   1N6P 
# 
_audit_conform.dict_name       mmcif_pdbx.dic 
_audit_conform.dict_version    5.386 
_audit_conform.dict_location   http://mmcif.pdb.org/dictionaries/ascii/mmcif_pdbx.dic 
# 
loop_
_database_2.database_id 
_database_2.database_code 
_database_2.pdbx_database_accession 
_database_2.pdbx_DOI 
PDB   1N6P         pdb_00001n6p 10.2210/pdb1n6p/pdb 
RCSB  RCSB017586   ?            ?                   
WWPDB D_1000017586 ?            ?                   
# 
loop_
_pdbx_audit_revision_history.ordinal 
_pdbx_audit_revision_history.data_content_type 
_pdbx_audit_revision_history.major_revision 
_pdbx_audit_revision_history.minor_revision 
_pdbx_audit_revision_history.revision_date 
1 'Structure model' 1 0 2002-11-27 
2 'Structure model' 1 1 2008-04-28 
3 'Structure model' 1 2 2011-07-13 
4 'Structure model' 1 3 2021-10-27 
5 'Structure model' 1 4 2024-02-14 
# 
_pdbx_audit_revision_details.ordinal             1 
_pdbx_audit_revision_details.revision_ordinal    1 
_pdbx_audit_revision_details.data_content_type   'Structure model' 
_pdbx_audit_revision_details.provider            repository 
_pdbx_audit_revision_details.type                'Initial release' 
_pdbx_audit_revision_details.description         ? 
_pdbx_audit_revision_details.details             ? 
# 
loop_
_pdbx_audit_revision_group.ordinal 
_pdbx_audit_revision_group.revision_ordinal 
_pdbx_audit_revision_group.data_content_type 
_pdbx_audit_revision_group.group 
1 2 'Structure model' 'Version format compliance' 
2 3 'Structure model' 'Version format compliance' 
3 4 'Structure model' 'Database references'       
4 4 'Structure model' 'Derived calculations'      
5 5 'Structure model' 'Data collection'           
# 
loop_
_pdbx_audit_revision_category.ordinal 
_pdbx_audit_revision_category.revision_ordinal 
_pdbx_audit_revision_category.data_content_type 
_pdbx_audit_revision_category.category 
1 4 'Structure model' database_2             
2 4 'Structure model' pdbx_struct_conn_angle 
3 4 'Structure model' struct_conn            
4 4 'Structure model' struct_ref_seq_dif     
5 4 'Structure model' struct_site            
6 5 'Structure model' chem_comp_atom         
7 5 'Structure model' chem_comp_bond         
# 
loop_
_pdbx_audit_revision_item.ordinal 
_pdbx_audit_revision_item.revision_ordinal 
_pdbx_audit_revision_item.data_content_type 
_pdbx_audit_revision_item.item 
1  4 'Structure model' '_database_2.pdbx_DOI'                        
2  4 'Structure model' '_database_2.pdbx_database_accession'         
3  4 'Structure model' '_pdbx_struct_conn_angle.ptnr1_auth_comp_id'  
4  4 'Structure model' '_pdbx_struct_conn_angle.ptnr1_auth_seq_id'   
5  4 'Structure model' '_pdbx_struct_conn_angle.ptnr1_label_asym_id' 
6  4 'Structure model' '_pdbx_struct_conn_angle.ptnr1_label_atom_id' 
7  4 'Structure model' '_pdbx_struct_conn_angle.ptnr1_label_comp_id' 
8  4 'Structure model' '_pdbx_struct_conn_angle.ptnr1_label_seq_id'  
9  4 'Structure model' '_pdbx_struct_conn_angle.ptnr3_auth_comp_id'  
10 4 'Structure model' '_pdbx_struct_conn_angle.ptnr3_auth_seq_id'   
11 4 'Structure model' '_pdbx_struct_conn_angle.ptnr3_label_asym_id' 
12 4 'Structure model' '_pdbx_struct_conn_angle.ptnr3_label_atom_id' 
13 4 'Structure model' '_pdbx_struct_conn_angle.ptnr3_label_comp_id' 
14 4 'Structure model' '_pdbx_struct_conn_angle.ptnr3_label_seq_id'  
15 4 'Structure model' '_pdbx_struct_conn_angle.value'               
16 4 'Structure model' '_struct_conn.pdbx_dist_value'                
17 4 'Structure model' '_struct_conn.ptnr1_auth_comp_id'             
18 4 'Structure model' '_struct_conn.ptnr1_auth_seq_id'              
19 4 'Structure model' '_struct_conn.ptnr1_label_asym_id'            
20 4 'Structure model' '_struct_conn.ptnr1_label_atom_id'            
21 4 'Structure model' '_struct_conn.ptnr1_label_comp_id'            
22 4 'Structure model' '_struct_conn.ptnr1_label_seq_id'             
23 4 'Structure model' '_struct_conn.ptnr2_auth_comp_id'             
24 4 'Structure model' '_struct_conn.ptnr2_auth_seq_id'              
25 4 'Structure model' '_struct_conn.ptnr2_label_asym_id'            
26 4 'Structure model' '_struct_conn.ptnr2_label_atom_id'            
27 4 'Structure model' '_struct_conn.ptnr2_label_comp_id'            
28 4 'Structure model' '_struct_conn.ptnr2_label_seq_id'             
29 4 'Structure model' '_struct_ref_seq_dif.details'                 
30 4 'Structure model' '_struct_site.pdbx_auth_asym_id'              
31 4 'Structure model' '_struct_site.pdbx_auth_comp_id'              
32 4 'Structure model' '_struct_site.pdbx_auth_seq_id'               
# 
_pdbx_database_status.status_code                     REL 
_pdbx_database_status.entry_id                        1N6P 
_pdbx_database_status.recvd_initial_deposition_date   2002-11-11 
_pdbx_database_status.deposit_site                    RCSB 
_pdbx_database_status.process_site                    RCSB 
_pdbx_database_status.status_code_sf                  REL 
_pdbx_database_status.SG_entry                        . 
_pdbx_database_status.pdb_format_compatible           Y 
_pdbx_database_status.status_code_mr                  ? 
_pdbx_database_status.status_code_cs                  ? 
_pdbx_database_status.status_code_nmr_data            ? 
_pdbx_database_status.methods_development_category    ? 
# 
loop_
_pdbx_database_related.db_name 
_pdbx_database_related.db_id 
_pdbx_database_related.details 
_pdbx_database_related.content_type 
PDB 1N6H 'rab5a wild type'                                          unspecified 
PDB 1N6I 'Rab5a A30P mutant complex with GDP'                       unspecified 
PDB 1N6K 'Rab5a A30P mutant complex with GDP and aluminum fluoride' unspecified 
PDB 1N6L 'Rab5a A30P mutant complex with GTP'                       unspecified 
PDB 1N6N 'Rab5a A30R mutant complex with GppNHp'                    unspecified 
PDB 1N6O 'Rab5a A30K mutant complex with GppNHp'                    unspecified 
PDB 1N6R 'Rab5a A30L mutant complex with GppNHp'                    unspecified 
# 
loop_
_audit_author.name 
_audit_author.pdbx_ordinal 
'Zhu, G.'     1 
'Liu, J.'     2 
'Terzyan, S.' 3 
'Zhai, P.'    4 
'Li, G.'      5 
'Zhang, X.C.' 6 
# 
_citation.id                        primary 
_citation.title                     
;High Resolution Crystal Structures of Human Rab5a and Five Mutants with Substitutions in the Catalytically Important Phosphate-Binding Loop
;
_citation.journal_abbrev            J.Biol.Chem. 
_citation.journal_volume            278 
_citation.page_first                2452 
_citation.page_last                 2460 
_citation.year                      2003 
_citation.journal_id_ASTM           JBCHA3 
_citation.country                   US 
_citation.journal_id_ISSN           0021-9258 
_citation.journal_id_CSD            0071 
_citation.book_publisher            ? 
_citation.pdbx_database_id_PubMed   12433916 
_citation.pdbx_database_id_DOI      10.1074/jbc.M211042200 
# 
loop_
_citation_author.citation_id 
_citation_author.name 
_citation_author.ordinal 
_citation_author.identifier_ORCID 
primary 'Zhu, G.'     1 ? 
primary 'Liu, J.'     2 ? 
primary 'Terzyan, S.' 3 ? 
primary 'Zhai, P.'    4 ? 
primary 'Li, G.'      5 ? 
primary 'Zhang, X.C.' 6 ? 
# 
loop_
_entity.id 
_entity.type 
_entity.src_method 
_entity.pdbx_description 
_entity.formula_weight 
_entity.pdbx_number_of_molecules 
_entity.pdbx_ec 
_entity.pdbx_mutation 
_entity.pdbx_fragment 
_entity.details 
1 polymer     man 'Ras-related protein Rab-5A'                  19045.607 1   ? A30E 'GTPASE DOMAIN' ? 
2 non-polymer syn 'MAGNESIUM ION'                               24.305    1   ? ?    ?               ? 
3 non-polymer syn 'PHOSPHOAMINOPHOSPHONIC ACID-GUANYLATE ESTER' 522.196   1   ? ?    ?               ? 
4 water       nat water                                         18.015    242 ? ?    ?               ? 
# 
_entity_name_com.entity_id   1 
_entity_name_com.name        Rab5a 
# 
_entity_poly.entity_id                      1 
_entity_poly.type                           'polypeptide(L)' 
_entity_poly.nstd_linkage                   no 
_entity_poly.nstd_monomer                   no 
_entity_poly.pdbx_seq_one_letter_code       
;GNKICQFKLVLLGESEVGKSSLVLRFVKGQFHEFQESTIGAAFLTQTVCLDDTTVKFEIWDTAGQERYHSLAPMYYRGAQ
AAIVVYDITNEESFARAKNWVKELQRQASPNIVIALSGNKADLANKRAVDFQEAQSYADDNSLLFMETSAKTSMNVNEIF
MAIAKKLPKN
;
_entity_poly.pdbx_seq_one_letter_code_can   
;GNKICQFKLVLLGESEVGKSSLVLRFVKGQFHEFQESTIGAAFLTQTVCLDDTTVKFEIWDTAGQERYHSLAPMYYRGAQ
AAIVVYDITNEESFARAKNWVKELQRQASPNIVIALSGNKADLANKRAVDFQEAQSYADDNSLLFMETSAKTSMNVNEIF
MAIAKKLPKN
;
_entity_poly.pdbx_strand_id                 A 
_entity_poly.pdbx_target_identifier         ? 
# 
loop_
_pdbx_entity_nonpoly.entity_id 
_pdbx_entity_nonpoly.name 
_pdbx_entity_nonpoly.comp_id 
2 'MAGNESIUM ION'                               MG  
3 'PHOSPHOAMINOPHOSPHONIC ACID-GUANYLATE ESTER' GNP 
4 water                                         HOH 
# 
loop_
_entity_poly_seq.entity_id 
_entity_poly_seq.num 
_entity_poly_seq.mon_id 
_entity_poly_seq.hetero 
1 1   GLY n 
1 2   ASN n 
1 3   LYS n 
1 4   ILE n 
1 5   CYS n 
1 6   GLN n 
1 7   PHE n 
1 8   LYS n 
1 9   LEU n 
1 10  VAL n 
1 11  LEU n 
1 12  LEU n 
1 13  GLY n 
1 14  GLU n 
1 15  SER n 
1 16  GLU n 
1 17  VAL n 
1 18  GLY n 
1 19  LYS n 
1 20  SER n 
1 21  SER n 
1 22  LEU n 
1 23  VAL n 
1 24  LEU n 
1 25  ARG n 
1 26  PHE n 
1 27  VAL n 
1 28  LYS n 
1 29  GLY n 
1 30  GLN n 
1 31  PHE n 
1 32  HIS n 
1 33  GLU n 
1 34  PHE n 
1 35  GLN n 
1 36  GLU n 
1 37  SER n 
1 38  THR n 
1 39  ILE n 
1 40  GLY n 
1 41  ALA n 
1 42  ALA n 
1 43  PHE n 
1 44  LEU n 
1 45  THR n 
1 46  GLN n 
1 47  THR n 
1 48  VAL n 
1 49  CYS n 
1 50  LEU n 
1 51  ASP n 
1 52  ASP n 
1 53  THR n 
1 54  THR n 
1 55  VAL n 
1 56  LYS n 
1 57  PHE n 
1 58  GLU n 
1 59  ILE n 
1 60  TRP n 
1 61  ASP n 
1 62  THR n 
1 63  ALA n 
1 64  GLY n 
1 65  GLN n 
1 66  GLU n 
1 67  ARG n 
1 68  TYR n 
1 69  HIS n 
1 70  SER n 
1 71  LEU n 
1 72  ALA n 
1 73  PRO n 
1 74  MET n 
1 75  TYR n 
1 76  TYR n 
1 77  ARG n 
1 78  GLY n 
1 79  ALA n 
1 80  GLN n 
1 81  ALA n 
1 82  ALA n 
1 83  ILE n 
1 84  VAL n 
1 85  VAL n 
1 86  TYR n 
1 87  ASP n 
1 88  ILE n 
1 89  THR n 
1 90  ASN n 
1 91  GLU n 
1 92  GLU n 
1 93  SER n 
1 94  PHE n 
1 95  ALA n 
1 96  ARG n 
1 97  ALA n 
1 98  LYS n 
1 99  ASN n 
1 100 TRP n 
1 101 VAL n 
1 102 LYS n 
1 103 GLU n 
1 104 LEU n 
1 105 GLN n 
1 106 ARG n 
1 107 GLN n 
1 108 ALA n 
1 109 SER n 
1 110 PRO n 
1 111 ASN n 
1 112 ILE n 
1 113 VAL n 
1 114 ILE n 
1 115 ALA n 
1 116 LEU n 
1 117 SER n 
1 118 GLY n 
1 119 ASN n 
1 120 LYS n 
1 121 ALA n 
1 122 ASP n 
1 123 LEU n 
1 124 ALA n 
1 125 ASN n 
1 126 LYS n 
1 127 ARG n 
1 128 ALA n 
1 129 VAL n 
1 130 ASP n 
1 131 PHE n 
1 132 GLN n 
1 133 GLU n 
1 134 ALA n 
1 135 GLN n 
1 136 SER n 
1 137 TYR n 
1 138 ALA n 
1 139 ASP n 
1 140 ASP n 
1 141 ASN n 
1 142 SER n 
1 143 LEU n 
1 144 LEU n 
1 145 PHE n 
1 146 MET n 
1 147 GLU n 
1 148 THR n 
1 149 SER n 
1 150 ALA n 
1 151 LYS n 
1 152 THR n 
1 153 SER n 
1 154 MET n 
1 155 ASN n 
1 156 VAL n 
1 157 ASN n 
1 158 GLU n 
1 159 ILE n 
1 160 PHE n 
1 161 MET n 
1 162 ALA n 
1 163 ILE n 
1 164 ALA n 
1 165 LYS n 
1 166 LYS n 
1 167 LEU n 
1 168 PRO n 
1 169 LYS n 
1 170 ASN n 
# 
_entity_src_gen.entity_id                          1 
_entity_src_gen.pdbx_src_id                        1 
_entity_src_gen.pdbx_alt_source_flag               sample 
_entity_src_gen.pdbx_seq_type                      ? 
_entity_src_gen.pdbx_beg_seq_num                   ? 
_entity_src_gen.pdbx_end_seq_num                   ? 
_entity_src_gen.gene_src_common_name               human 
_entity_src_gen.gene_src_genus                     Homo 
_entity_src_gen.pdbx_gene_src_gene                 ? 
_entity_src_gen.gene_src_species                   ? 
_entity_src_gen.gene_src_strain                    ? 
_entity_src_gen.gene_src_tissue                    ? 
_entity_src_gen.gene_src_tissue_fraction           ? 
_entity_src_gen.gene_src_details                   ? 
_entity_src_gen.pdbx_gene_src_fragment             ? 
_entity_src_gen.pdbx_gene_src_scientific_name      'Homo sapiens' 
_entity_src_gen.pdbx_gene_src_ncbi_taxonomy_id     9606 
_entity_src_gen.pdbx_gene_src_variant              ? 
_entity_src_gen.pdbx_gene_src_cell_line            ? 
_entity_src_gen.pdbx_gene_src_atcc                 ? 
_entity_src_gen.pdbx_gene_src_organ                ? 
_entity_src_gen.pdbx_gene_src_organelle            ? 
_entity_src_gen.pdbx_gene_src_cell                 ? 
_entity_src_gen.pdbx_gene_src_cellular_location    ? 
_entity_src_gen.host_org_common_name               ? 
_entity_src_gen.pdbx_host_org_scientific_name      'Escherichia coli BL21(DE3)' 
_entity_src_gen.pdbx_host_org_ncbi_taxonomy_id     469008 
_entity_src_gen.host_org_genus                     Escherichia 
_entity_src_gen.pdbx_host_org_gene                 ? 
_entity_src_gen.pdbx_host_org_organ                ? 
_entity_src_gen.host_org_species                   'Escherichia coli' 
_entity_src_gen.pdbx_host_org_tissue               ? 
_entity_src_gen.pdbx_host_org_tissue_fraction      ? 
_entity_src_gen.pdbx_host_org_strain               'BL21(DE3)' 
_entity_src_gen.pdbx_host_org_variant              ? 
_entity_src_gen.pdbx_host_org_cell_line            ? 
_entity_src_gen.pdbx_host_org_atcc                 ? 
_entity_src_gen.pdbx_host_org_culture_collection   ? 
_entity_src_gen.pdbx_host_org_cell                 ? 
_entity_src_gen.pdbx_host_org_organelle            ? 
_entity_src_gen.pdbx_host_org_cellular_location    ? 
_entity_src_gen.pdbx_host_org_vector_type          PLASMID 
_entity_src_gen.pdbx_host_org_vector               ? 
_entity_src_gen.host_org_details                   ? 
_entity_src_gen.expression_system_id               ? 
_entity_src_gen.plasmid_name                       pET11a 
_entity_src_gen.plasmid_details                    ? 
_entity_src_gen.pdbx_description                   ? 
# 
loop_
_chem_comp.id 
_chem_comp.type 
_chem_comp.mon_nstd_flag 
_chem_comp.name 
_chem_comp.pdbx_synonyms 
_chem_comp.formula 
_chem_comp.formula_weight 
ALA 'L-peptide linking' y ALANINE                                       ? 'C3 H7 N O2'        89.093  
ARG 'L-peptide linking' y ARGININE                                      ? 'C6 H15 N4 O2 1'    175.209 
ASN 'L-peptide linking' y ASPARAGINE                                    ? 'C4 H8 N2 O3'       132.118 
ASP 'L-peptide linking' y 'ASPARTIC ACID'                               ? 'C4 H7 N O4'        133.103 
CYS 'L-peptide linking' y CYSTEINE                                      ? 'C3 H7 N O2 S'      121.158 
GLN 'L-peptide linking' y GLUTAMINE                                     ? 'C5 H10 N2 O3'      146.144 
GLU 'L-peptide linking' y 'GLUTAMIC ACID'                               ? 'C5 H9 N O4'        147.129 
GLY 'peptide linking'   y GLYCINE                                       ? 'C2 H5 N O2'        75.067  
GNP non-polymer         . 'PHOSPHOAMINOPHOSPHONIC ACID-GUANYLATE ESTER' ? 'C10 H17 N6 O13 P3' 522.196 
HIS 'L-peptide linking' y HISTIDINE                                     ? 'C6 H10 N3 O2 1'    156.162 
HOH non-polymer         . WATER                                         ? 'H2 O'              18.015  
ILE 'L-peptide linking' y ISOLEUCINE                                    ? 'C6 H13 N O2'       131.173 
LEU 'L-peptide linking' y LEUCINE                                       ? 'C6 H13 N O2'       131.173 
LYS 'L-peptide linking' y LYSINE                                        ? 'C6 H15 N2 O2 1'    147.195 
MET 'L-peptide linking' y METHIONINE                                    ? 'C5 H11 N O2 S'     149.211 
MG  non-polymer         . 'MAGNESIUM ION'                               ? 'Mg 2'              24.305  
PHE 'L-peptide linking' y PHENYLALANINE                                 ? 'C9 H11 N O2'       165.189 
PRO 'L-peptide linking' y PROLINE                                       ? 'C5 H9 N O2'        115.130 
SER 'L-peptide linking' y SERINE                                        ? 'C3 H7 N O3'        105.093 
THR 'L-peptide linking' y THREONINE                                     ? 'C4 H9 N O3'        119.119 
TRP 'L-peptide linking' y TRYPTOPHAN                                    ? 'C11 H12 N2 O2'     204.225 
TYR 'L-peptide linking' y TYROSINE                                      ? 'C9 H11 N O3'       181.189 
VAL 'L-peptide linking' y VALINE                                        ? 'C5 H11 N O2'       117.146 
# 
loop_
_pdbx_poly_seq_scheme.asym_id 
_pdbx_poly_seq_scheme.entity_id 
_pdbx_poly_seq_scheme.seq_id 
_pdbx_poly_seq_scheme.mon_id 
_pdbx_poly_seq_scheme.ndb_seq_num 
_pdbx_poly_seq_scheme.pdb_seq_num 
_pdbx_poly_seq_scheme.auth_seq_num 
_pdbx_poly_seq_scheme.pdb_mon_id 
_pdbx_poly_seq_scheme.auth_mon_id 
_pdbx_poly_seq_scheme.pdb_strand_id 
_pdbx_poly_seq_scheme.pdb_ins_code 
_pdbx_poly_seq_scheme.hetero 
A 1 1   GLY 1   15  ?   ?   ?   A . n 
A 1 2   ASN 2   16  ?   ?   ?   A . n 
A 1 3   LYS 3   17  ?   ?   ?   A . n 
A 1 4   ILE 4   18  18  ILE ILE A . n 
A 1 5   CYS 5   19  19  CYS CYS A . n 
A 1 6   GLN 6   20  20  GLN GLN A . n 
A 1 7   PHE 7   21  21  PHE PHE A . n 
A 1 8   LYS 8   22  22  LYS LYS A . n 
A 1 9   LEU 9   23  23  LEU LEU A . n 
A 1 10  VAL 10  24  24  VAL VAL A . n 
A 1 11  LEU 11  25  25  LEU LEU A . n 
A 1 12  LEU 12  26  26  LEU LEU A . n 
A 1 13  GLY 13  27  27  GLY GLY A . n 
A 1 14  GLU 14  28  28  GLU GLU A . n 
A 1 15  SER 15  29  29  SER SER A . n 
A 1 16  GLU 16  30  30  GLU GLU A . n 
A 1 17  VAL 17  31  31  VAL VAL A . n 
A 1 18  GLY 18  32  32  GLY GLY A . n 
A 1 19  LYS 19  33  33  LYS LYS A . n 
A 1 20  SER 20  34  34  SER SER A . n 
A 1 21  SER 21  35  35  SER SER A . n 
A 1 22  LEU 22  36  36  LEU LEU A . n 
A 1 23  VAL 23  37  37  VAL VAL A . n 
A 1 24  LEU 24  38  38  LEU LEU A . n 
A 1 25  ARG 25  39  39  ARG ARG A . n 
A 1 26  PHE 26  40  40  PHE PHE A . n 
A 1 27  VAL 27  41  41  VAL VAL A . n 
A 1 28  LYS 28  42  42  LYS LYS A . n 
A 1 29  GLY 29  43  43  GLY GLY A . n 
A 1 30  GLN 30  44  44  GLN GLN A . n 
A 1 31  PHE 31  45  45  PHE PHE A . n 
A 1 32  HIS 32  46  46  HIS HIS A . n 
A 1 33  GLU 33  47  47  GLU GLU A . n 
A 1 34  PHE 34  48  48  PHE PHE A . n 
A 1 35  GLN 35  49  49  GLN GLN A . n 
A 1 36  GLU 36  50  50  GLU GLU A . n 
A 1 37  SER 37  51  51  SER SER A . n 
A 1 38  THR 38  52  52  THR THR A . n 
A 1 39  ILE 39  53  53  ILE ILE A . n 
A 1 40  GLY 40  54  54  GLY GLY A . n 
A 1 41  ALA 41  55  55  ALA ALA A . n 
A 1 42  ALA 42  56  56  ALA ALA A . n 
A 1 43  PHE 43  57  57  PHE PHE A . n 
A 1 44  LEU 44  58  58  LEU LEU A . n 
A 1 45  THR 45  59  59  THR THR A . n 
A 1 46  GLN 46  60  60  GLN GLN A . n 
A 1 47  THR 47  61  61  THR THR A . n 
A 1 48  VAL 48  62  62  VAL VAL A . n 
A 1 49  CYS 49  63  63  CYS CYS A . n 
A 1 50  LEU 50  64  64  LEU LEU A . n 
A 1 51  ASP 51  65  65  ASP ASP A . n 
A 1 52  ASP 52  66  66  ASP ASP A . n 
A 1 53  THR 53  67  67  THR THR A . n 
A 1 54  THR 54  68  68  THR THR A . n 
A 1 55  VAL 55  69  69  VAL VAL A . n 
A 1 56  LYS 56  70  70  LYS LYS A . n 
A 1 57  PHE 57  71  71  PHE PHE A . n 
A 1 58  GLU 58  72  72  GLU GLU A . n 
A 1 59  ILE 59  73  73  ILE ILE A . n 
A 1 60  TRP 60  74  74  TRP TRP A . n 
A 1 61  ASP 61  75  75  ASP ASP A . n 
A 1 62  THR 62  76  76  THR THR A . n 
A 1 63  ALA 63  77  77  ALA ALA A . n 
A 1 64  GLY 64  78  78  GLY GLY A . n 
A 1 65  GLN 65  79  79  GLN GLN A . n 
A 1 66  GLU 66  80  80  GLU GLU A . n 
A 1 67  ARG 67  81  81  ARG ARG A . n 
A 1 68  TYR 68  82  82  TYR TYR A . n 
A 1 69  HIS 69  83  83  HIS HIS A . n 
A 1 70  SER 70  84  84  SER SER A . n 
A 1 71  LEU 71  85  85  LEU LEU A . n 
A 1 72  ALA 72  86  86  ALA ALA A . n 
A 1 73  PRO 73  87  87  PRO PRO A . n 
A 1 74  MET 74  88  88  MET MET A . n 
A 1 75  TYR 75  89  89  TYR TYR A . n 
A 1 76  TYR 76  90  90  TYR TYR A . n 
A 1 77  ARG 77  91  91  ARG ARG A . n 
A 1 78  GLY 78  92  92  GLY GLY A . n 
A 1 79  ALA 79  93  93  ALA ALA A . n 
A 1 80  GLN 80  94  94  GLN GLN A . n 
A 1 81  ALA 81  95  95  ALA ALA A . n 
A 1 82  ALA 82  96  96  ALA ALA A . n 
A 1 83  ILE 83  97  97  ILE ILE A . n 
A 1 84  VAL 84  98  98  VAL VAL A . n 
A 1 85  VAL 85  99  99  VAL VAL A . n 
A 1 86  TYR 86  100 100 TYR TYR A . n 
A 1 87  ASP 87  101 101 ASP ASP A . n 
A 1 88  ILE 88  102 102 ILE ILE A . n 
A 1 89  THR 89  103 103 THR THR A . n 
A 1 90  ASN 90  104 104 ASN ASN A . n 
A 1 91  GLU 91  105 105 GLU GLU A . n 
A 1 92  GLU 92  106 106 GLU GLU A . n 
A 1 93  SER 93  107 107 SER SER A . n 
A 1 94  PHE 94  108 108 PHE PHE A . n 
A 1 95  ALA 95  109 109 ALA ALA A . n 
A 1 96  ARG 96  110 110 ARG ARG A . n 
A 1 97  ALA 97  111 111 ALA ALA A . n 
A 1 98  LYS 98  112 112 LYS LYS A . n 
A 1 99  ASN 99  113 113 ASN ASN A . n 
A 1 100 TRP 100 114 114 TRP TRP A . n 
A 1 101 VAL 101 115 115 VAL VAL A . n 
A 1 102 LYS 102 116 116 LYS LYS A . n 
A 1 103 GLU 103 117 117 GLU GLU A . n 
A 1 104 LEU 104 118 118 LEU LEU A . n 
A 1 105 GLN 105 119 119 GLN GLN A . n 
A 1 106 ARG 106 120 120 ARG ARG A . n 
A 1 107 GLN 107 121 121 GLN GLN A . n 
A 1 108 ALA 108 122 122 ALA ALA A . n 
A 1 109 SER 109 123 123 SER SER A . n 
A 1 110 PRO 110 124 124 PRO PRO A . n 
A 1 111 ASN 111 125 125 ASN ASN A . n 
A 1 112 ILE 112 126 126 ILE ILE A . n 
A 1 113 VAL 113 127 127 VAL VAL A . n 
A 1 114 ILE 114 128 128 ILE ILE A . n 
A 1 115 ALA 115 129 129 ALA ALA A . n 
A 1 116 LEU 116 130 130 LEU LEU A . n 
A 1 117 SER 117 131 131 SER SER A . n 
A 1 118 GLY 118 132 132 GLY GLY A . n 
A 1 119 ASN 119 133 133 ASN ASN A . n 
A 1 120 LYS 120 134 134 LYS LYS A . n 
A 1 121 ALA 121 135 135 ALA ALA A . n 
A 1 122 ASP 122 136 136 ASP ASP A . n 
A 1 123 LEU 123 137 137 LEU LEU A . n 
A 1 124 ALA 124 138 138 ALA ALA A . n 
A 1 125 ASN 125 139 139 ASN ASN A . n 
A 1 126 LYS 126 140 140 LYS LYS A . n 
A 1 127 ARG 127 141 141 ARG ARG A . n 
A 1 128 ALA 128 142 142 ALA ALA A . n 
A 1 129 VAL 129 143 143 VAL VAL A . n 
A 1 130 ASP 130 144 144 ASP ASP A . n 
A 1 131 PHE 131 145 145 PHE PHE A . n 
A 1 132 GLN 132 146 146 GLN GLN A . n 
A 1 133 GLU 133 147 147 GLU GLU A . n 
A 1 134 ALA 134 148 148 ALA ALA A . n 
A 1 135 GLN 135 149 149 GLN GLN A . n 
A 1 136 SER 136 150 150 SER SER A . n 
A 1 137 TYR 137 151 151 TYR TYR A . n 
A 1 138 ALA 138 152 152 ALA ALA A . n 
A 1 139 ASP 139 153 153 ASP ASP A . n 
A 1 140 ASP 140 154 154 ASP ASP A . n 
A 1 141 ASN 141 155 155 ASN ASN A . n 
A 1 142 SER 142 156 156 SER SER A . n 
A 1 143 LEU 143 157 157 LEU LEU A . n 
A 1 144 LEU 144 158 158 LEU LEU A . n 
A 1 145 PHE 145 159 159 PHE PHE A . n 
A 1 146 MET 146 160 160 MET MET A . n 
A 1 147 GLU 147 161 161 GLU GLU A . n 
A 1 148 THR 148 162 162 THR THR A . n 
A 1 149 SER 149 163 163 SER SER A . n 
A 1 150 ALA 150 164 164 ALA ALA A . n 
A 1 151 LYS 151 165 165 LYS LYS A . n 
A 1 152 THR 152 166 166 THR THR A . n 
A 1 153 SER 153 167 167 SER SER A . n 
A 1 154 MET 154 168 168 MET MET A . n 
A 1 155 ASN 155 169 169 ASN ASN A . n 
A 1 156 VAL 156 170 170 VAL VAL A . n 
A 1 157 ASN 157 171 171 ASN ASN A . n 
A 1 158 GLU 158 172 172 GLU GLU A . n 
A 1 159 ILE 159 173 173 ILE ILE A . n 
A 1 160 PHE 160 174 174 PHE PHE A . n 
A 1 161 MET 161 175 175 MET MET A . n 
A 1 162 ALA 162 176 176 ALA ALA A . n 
A 1 163 ILE 163 177 177 ILE ILE A . n 
A 1 164 ALA 164 178 178 ALA ALA A . n 
A 1 165 LYS 165 179 179 LYS LYS A . n 
A 1 166 LYS 166 180 180 LYS LYS A . n 
A 1 167 LEU 167 181 181 LEU LEU A . n 
A 1 168 PRO 168 182 ?   ?   ?   A . n 
A 1 169 LYS 169 183 ?   ?   ?   A . n 
A 1 170 ASN 170 184 ?   ?   ?   A . n 
# 
loop_
_pdbx_nonpoly_scheme.asym_id 
_pdbx_nonpoly_scheme.entity_id 
_pdbx_nonpoly_scheme.mon_id 
_pdbx_nonpoly_scheme.ndb_seq_num 
_pdbx_nonpoly_scheme.pdb_seq_num 
_pdbx_nonpoly_scheme.auth_seq_num 
_pdbx_nonpoly_scheme.pdb_mon_id 
_pdbx_nonpoly_scheme.auth_mon_id 
_pdbx_nonpoly_scheme.pdb_strand_id 
_pdbx_nonpoly_scheme.pdb_ins_code 
B 2 MG  1   201 201 MG  MG2 A . 
C 3 GNP 1   200 200 GNP GNP A . 
D 4 HOH 1   301 301 HOH WAT A . 
D 4 HOH 2   302 302 HOH WAT A . 
D 4 HOH 3   303 303 HOH WAT A . 
D 4 HOH 4   304 304 HOH WAT A . 
D 4 HOH 5   305 305 HOH WAT A . 
D 4 HOH 6   306 306 HOH WAT A . 
D 4 HOH 7   307 307 HOH WAT A . 
D 4 HOH 8   308 308 HOH WAT A . 
D 4 HOH 9   309 309 HOH WAT A . 
D 4 HOH 10  310 310 HOH WAT A . 
D 4 HOH 11  311 311 HOH WAT A . 
D 4 HOH 12  312 312 HOH WAT A . 
D 4 HOH 13  313 313 HOH WAT A . 
D 4 HOH 14  314 314 HOH WAT A . 
D 4 HOH 15  315 315 HOH WAT A . 
D 4 HOH 16  316 316 HOH WAT A . 
D 4 HOH 17  317 317 HOH WAT A . 
D 4 HOH 18  318 318 HOH WAT A . 
D 4 HOH 19  319 319 HOH WAT A . 
D 4 HOH 20  320 320 HOH WAT A . 
D 4 HOH 21  321 321 HOH WAT A . 
D 4 HOH 22  322 322 HOH WAT A . 
D 4 HOH 23  323 323 HOH WAT A . 
D 4 HOH 24  324 324 HOH WAT A . 
D 4 HOH 25  325 325 HOH WAT A . 
D 4 HOH 26  326 326 HOH WAT A . 
D 4 HOH 27  327 327 HOH WAT A . 
D 4 HOH 28  328 328 HOH WAT A . 
D 4 HOH 29  329 329 HOH WAT A . 
D 4 HOH 30  330 330 HOH WAT A . 
D 4 HOH 31  331 331 HOH WAT A . 
D 4 HOH 32  332 332 HOH WAT A . 
D 4 HOH 33  333 333 HOH WAT A . 
D 4 HOH 34  334 334 HOH WAT A . 
D 4 HOH 35  335 335 HOH WAT A . 
D 4 HOH 36  336 336 HOH WAT A . 
D 4 HOH 37  337 337 HOH WAT A . 
D 4 HOH 38  338 338 HOH WAT A . 
D 4 HOH 39  339 339 HOH WAT A . 
D 4 HOH 40  340 340 HOH WAT A . 
D 4 HOH 41  341 341 HOH WAT A . 
D 4 HOH 42  342 342 HOH WAT A . 
D 4 HOH 43  343 343 HOH WAT A . 
D 4 HOH 44  344 344 HOH WAT A . 
D 4 HOH 45  345 345 HOH WAT A . 
D 4 HOH 46  346 346 HOH WAT A . 
D 4 HOH 47  347 347 HOH WAT A . 
D 4 HOH 48  348 348 HOH WAT A . 
D 4 HOH 49  349 349 HOH WAT A . 
D 4 HOH 50  350 350 HOH WAT A . 
D 4 HOH 51  351 351 HOH WAT A . 
D 4 HOH 52  352 352 HOH WAT A . 
D 4 HOH 53  353 353 HOH WAT A . 
D 4 HOH 54  354 354 HOH WAT A . 
D 4 HOH 55  355 355 HOH WAT A . 
D 4 HOH 56  356 356 HOH WAT A . 
D 4 HOH 57  357 357 HOH WAT A . 
D 4 HOH 58  358 358 HOH WAT A . 
D 4 HOH 59  359 359 HOH WAT A . 
D 4 HOH 60  360 360 HOH WAT A . 
D 4 HOH 61  361 361 HOH WAT A . 
D 4 HOH 62  362 362 HOH WAT A . 
D 4 HOH 63  363 363 HOH WAT A . 
D 4 HOH 64  364 364 HOH WAT A . 
D 4 HOH 65  365 365 HOH WAT A . 
D 4 HOH 66  366 366 HOH WAT A . 
D 4 HOH 67  367 367 HOH WAT A . 
D 4 HOH 68  368 368 HOH WAT A . 
D 4 HOH 69  369 369 HOH WAT A . 
D 4 HOH 70  370 370 HOH WAT A . 
D 4 HOH 71  371 371 HOH WAT A . 
D 4 HOH 72  372 372 HOH WAT A . 
D 4 HOH 73  373 373 HOH WAT A . 
D 4 HOH 74  374 374 HOH WAT A . 
D 4 HOH 75  375 375 HOH WAT A . 
D 4 HOH 76  376 376 HOH WAT A . 
D 4 HOH 77  377 377 HOH WAT A . 
D 4 HOH 78  378 378 HOH WAT A . 
D 4 HOH 79  379 379 HOH WAT A . 
D 4 HOH 80  380 380 HOH WAT A . 
D 4 HOH 81  381 381 HOH WAT A . 
D 4 HOH 82  382 382 HOH WAT A . 
D 4 HOH 83  383 383 HOH WAT A . 
D 4 HOH 84  384 384 HOH WAT A . 
D 4 HOH 85  385 385 HOH WAT A . 
D 4 HOH 86  386 386 HOH WAT A . 
D 4 HOH 87  387 387 HOH WAT A . 
D 4 HOH 88  388 388 HOH WAT A . 
D 4 HOH 89  389 389 HOH WAT A . 
D 4 HOH 90  390 390 HOH WAT A . 
D 4 HOH 91  391 391 HOH WAT A . 
D 4 HOH 92  392 392 HOH WAT A . 
D 4 HOH 93  393 393 HOH WAT A . 
D 4 HOH 94  394 394 HOH WAT A . 
D 4 HOH 95  395 395 HOH WAT A . 
D 4 HOH 96  396 396 HOH WAT A . 
D 4 HOH 97  397 397 HOH WAT A . 
D 4 HOH 98  398 398 HOH WAT A . 
D 4 HOH 99  399 399 HOH WAT A . 
D 4 HOH 100 400 400 HOH WAT A . 
D 4 HOH 101 401 401 HOH WAT A . 
D 4 HOH 102 402 402 HOH WAT A . 
D 4 HOH 103 403 403 HOH WAT A . 
D 4 HOH 104 404 404 HOH WAT A . 
D 4 HOH 105 405 405 HOH WAT A . 
D 4 HOH 106 406 406 HOH WAT A . 
D 4 HOH 107 407 407 HOH WAT A . 
D 4 HOH 108 408 408 HOH WAT A . 
D 4 HOH 109 409 409 HOH WAT A . 
D 4 HOH 110 410 410 HOH WAT A . 
D 4 HOH 111 411 411 HOH WAT A . 
D 4 HOH 112 412 412 HOH WAT A . 
D 4 HOH 113 413 413 HOH WAT A . 
D 4 HOH 114 414 414 HOH WAT A . 
D 4 HOH 115 415 415 HOH WAT A . 
D 4 HOH 116 416 416 HOH WAT A . 
D 4 HOH 117 417 417 HOH WAT A . 
D 4 HOH 118 418 418 HOH WAT A . 
D 4 HOH 119 419 419 HOH WAT A . 
D 4 HOH 120 420 420 HOH WAT A . 
D 4 HOH 121 421 421 HOH WAT A . 
D 4 HOH 122 422 422 HOH WAT A . 
D 4 HOH 123 423 423 HOH WAT A . 
D 4 HOH 124 424 424 HOH WAT A . 
D 4 HOH 125 425 425 HOH WAT A . 
D 4 HOH 126 426 426 HOH WAT A . 
D 4 HOH 127 427 427 HOH WAT A . 
D 4 HOH 128 428 428 HOH WAT A . 
D 4 HOH 129 429 429 HOH WAT A . 
D 4 HOH 130 430 430 HOH WAT A . 
D 4 HOH 131 431 431 HOH WAT A . 
D 4 HOH 132 432 432 HOH WAT A . 
D 4 HOH 133 433 433 HOH WAT A . 
D 4 HOH 134 434 434 HOH WAT A . 
D 4 HOH 135 435 435 HOH WAT A . 
D 4 HOH 136 436 436 HOH WAT A . 
D 4 HOH 137 437 437 HOH WAT A . 
D 4 HOH 138 438 438 HOH WAT A . 
D 4 HOH 139 439 439 HOH WAT A . 
D 4 HOH 140 440 440 HOH WAT A . 
D 4 HOH 141 441 441 HOH WAT A . 
D 4 HOH 142 442 442 HOH WAT A . 
D 4 HOH 143 443 443 HOH WAT A . 
D 4 HOH 144 444 444 HOH WAT A . 
D 4 HOH 145 445 445 HOH WAT A . 
D 4 HOH 146 446 446 HOH WAT A . 
D 4 HOH 147 447 447 HOH WAT A . 
D 4 HOH 148 448 448 HOH WAT A . 
D 4 HOH 149 449 449 HOH WAT A . 
D 4 HOH 150 450 450 HOH WAT A . 
D 4 HOH 151 451 451 HOH WAT A . 
D 4 HOH 152 452 452 HOH WAT A . 
D 4 HOH 153 453 453 HOH WAT A . 
D 4 HOH 154 454 454 HOH WAT A . 
D 4 HOH 155 455 455 HOH WAT A . 
D 4 HOH 156 456 456 HOH WAT A . 
D 4 HOH 157 457 457 HOH WAT A . 
D 4 HOH 158 458 458 HOH WAT A . 
D 4 HOH 159 459 459 HOH WAT A . 
D 4 HOH 160 460 460 HOH WAT A . 
D 4 HOH 161 461 461 HOH WAT A . 
D 4 HOH 162 462 462 HOH WAT A . 
D 4 HOH 163 463 463 HOH WAT A . 
D 4 HOH 164 464 464 HOH WAT A . 
D 4 HOH 165 465 465 HOH WAT A . 
D 4 HOH 166 466 466 HOH WAT A . 
D 4 HOH 167 467 467 HOH WAT A . 
D 4 HOH 168 468 468 HOH WAT A . 
D 4 HOH 169 469 469 HOH WAT A . 
D 4 HOH 170 470 470 HOH WAT A . 
D 4 HOH 171 471 471 HOH WAT A . 
D 4 HOH 172 472 472 HOH WAT A . 
D 4 HOH 173 473 473 HOH WAT A . 
D 4 HOH 174 474 474 HOH WAT A . 
D 4 HOH 175 475 475 HOH WAT A . 
D 4 HOH 176 476 476 HOH WAT A . 
D 4 HOH 177 477 477 HOH WAT A . 
D 4 HOH 178 478 478 HOH WAT A . 
D 4 HOH 179 479 479 HOH WAT A . 
D 4 HOH 180 480 480 HOH WAT A . 
D 4 HOH 181 481 481 HOH WAT A . 
D 4 HOH 182 482 482 HOH WAT A . 
D 4 HOH 183 483 483 HOH WAT A . 
D 4 HOH 184 484 484 HOH WAT A . 
D 4 HOH 185 485 485 HOH WAT A . 
D 4 HOH 186 486 486 HOH WAT A . 
D 4 HOH 187 487 487 HOH WAT A . 
D 4 HOH 188 488 488 HOH WAT A . 
D 4 HOH 189 489 489 HOH WAT A . 
D 4 HOH 190 490 490 HOH WAT A . 
D 4 HOH 191 491 491 HOH WAT A . 
D 4 HOH 192 492 492 HOH WAT A . 
D 4 HOH 193 493 493 HOH WAT A . 
D 4 HOH 194 494 494 HOH WAT A . 
D 4 HOH 195 495 495 HOH WAT A . 
D 4 HOH 196 496 496 HOH WAT A . 
D 4 HOH 197 497 497 HOH WAT A . 
D 4 HOH 198 498 498 HOH WAT A . 
D 4 HOH 199 499 499 HOH WAT A . 
D 4 HOH 200 500 500 HOH WAT A . 
D 4 HOH 201 501 501 HOH WAT A . 
D 4 HOH 202 502 502 HOH WAT A . 
D 4 HOH 203 503 503 HOH WAT A . 
D 4 HOH 204 504 504 HOH WAT A . 
D 4 HOH 205 505 505 HOH WAT A . 
D 4 HOH 206 506 506 HOH WAT A . 
D 4 HOH 207 507 507 HOH WAT A . 
D 4 HOH 208 508 508 HOH WAT A . 
D 4 HOH 209 509 509 HOH WAT A . 
D 4 HOH 210 510 510 HOH WAT A . 
D 4 HOH 211 511 511 HOH WAT A . 
D 4 HOH 212 512 512 HOH WAT A . 
D 4 HOH 213 513 513 HOH WAT A . 
D 4 HOH 214 514 514 HOH WAT A . 
D 4 HOH 215 515 515 HOH WAT A . 
D 4 HOH 216 516 516 HOH WAT A . 
D 4 HOH 217 517 517 HOH WAT A . 
D 4 HOH 218 518 518 HOH WAT A . 
D 4 HOH 219 519 519 HOH WAT A . 
D 4 HOH 220 520 520 HOH WAT A . 
D 4 HOH 221 521 521 HOH WAT A . 
D 4 HOH 222 522 522 HOH WAT A . 
D 4 HOH 223 523 523 HOH WAT A . 
D 4 HOH 224 524 524 HOH WAT A . 
D 4 HOH 225 525 525 HOH WAT A . 
D 4 HOH 226 526 526 HOH WAT A . 
D 4 HOH 227 527 527 HOH WAT A . 
D 4 HOH 228 528 528 HOH WAT A . 
D 4 HOH 229 529 529 HOH WAT A . 
D 4 HOH 230 530 530 HOH WAT A . 
D 4 HOH 231 531 531 HOH WAT A . 
D 4 HOH 232 532 532 HOH WAT A . 
D 4 HOH 233 533 533 HOH WAT A . 
D 4 HOH 234 534 534 HOH WAT A . 
D 4 HOH 235 535 535 HOH WAT A . 
D 4 HOH 236 536 536 HOH WAT A . 
D 4 HOH 237 537 537 HOH WAT A . 
D 4 HOH 238 538 538 HOH WAT A . 
D 4 HOH 239 539 539 HOH WAT A . 
D 4 HOH 240 540 540 HOH WAT A . 
D 4 HOH 241 541 541 HOH WAT A . 
D 4 HOH 242 542 542 HOH WAT A . 
# 
loop_
_pdbx_unobs_or_zero_occ_atoms.id 
_pdbx_unobs_or_zero_occ_atoms.PDB_model_num 
_pdbx_unobs_or_zero_occ_atoms.polymer_flag 
_pdbx_unobs_or_zero_occ_atoms.occupancy_flag 
_pdbx_unobs_or_zero_occ_atoms.auth_asym_id 
_pdbx_unobs_or_zero_occ_atoms.auth_comp_id 
_pdbx_unobs_or_zero_occ_atoms.auth_seq_id 
_pdbx_unobs_or_zero_occ_atoms.PDB_ins_code 
_pdbx_unobs_or_zero_occ_atoms.auth_atom_id 
_pdbx_unobs_or_zero_occ_atoms.label_alt_id 
_pdbx_unobs_or_zero_occ_atoms.label_asym_id 
_pdbx_unobs_or_zero_occ_atoms.label_comp_id 
_pdbx_unobs_or_zero_occ_atoms.label_seq_id 
_pdbx_unobs_or_zero_occ_atoms.label_atom_id 
1 1 Y 0 A ASP 65 ? CB  ? A ASP 51 CB  
2 1 Y 0 A ASP 65 ? CG  ? A ASP 51 CG  
3 1 Y 0 A ASP 65 ? OD1 ? A ASP 51 OD1 
4 1 Y 0 A ASP 65 ? OD2 ? A ASP 51 OD2 
5 1 Y 0 A ASP 66 ? CB  ? A ASP 52 CB  
6 1 Y 0 A ASP 66 ? CG  ? A ASP 52 CG  
7 1 Y 0 A ASP 66 ? OD1 ? A ASP 52 OD1 
8 1 Y 0 A ASP 66 ? OD2 ? A ASP 52 OD2 
# 
loop_
_software.name 
_software.classification 
_software.version 
_software.citation_id 
_software.pdbx_ordinal 
DENZO     'data reduction' . ? 1 
SCALEPACK 'data scaling'   . ? 2 
CNS       refinement       . ? 3 
CNS       phasing          . ? 4 
# 
_cell.entry_id           1N6P 
_cell.length_a           35.550 
_cell.length_b           63.670 
_cell.length_c           65.870 
_cell.angle_alpha        90.00 
_cell.angle_beta         90.00 
_cell.angle_gamma        90.00 
_cell.Z_PDB              4 
_cell.pdbx_unique_axis   ? 
# 
_symmetry.entry_id                         1N6P 
_symmetry.space_group_name_H-M             'P 21 21 21' 
_symmetry.pdbx_full_space_group_name_H-M   ? 
_symmetry.cell_setting                     ? 
_symmetry.Int_Tables_number                19 
# 
_exptl.entry_id          1N6P 
_exptl.method            'X-RAY DIFFRACTION' 
_exptl.crystals_number   1 
# 
_exptl_crystal.id                    1 
_exptl_crystal.density_meas          ? 
_exptl_crystal.density_Matthews      2 
_exptl_crystal.density_percent_sol   37.5 
_exptl_crystal.description           ? 
# 
_exptl_crystal_grow.crystal_id      1 
_exptl_crystal_grow.method          'VAPOR DIFFUSION, HANGING DROP' 
_exptl_crystal_grow.temp            277 
_exptl_crystal_grow.temp_details    ? 
_exptl_crystal_grow.pH              6.0 
_exptl_crystal_grow.pdbx_details    'PEG 6000, sodium chloride, MES, pH 6.0, VAPOR DIFFUSION, HANGING DROP, temperature 277K' 
_exptl_crystal_grow.pdbx_pH_range   . 
# 
_diffrn.id                     1 
_diffrn.ambient_temp           100 
_diffrn.ambient_temp_details   ? 
_diffrn.crystal_id             1 
# 
_diffrn_detector.diffrn_id              1 
_diffrn_detector.detector               'IMAGE PLATE' 
_diffrn_detector.type                   MARRESEARCH 
_diffrn_detector.pdbx_collection_date   2002-03-12 
_diffrn_detector.details                ? 
# 
_diffrn_radiation.diffrn_id                        1 
_diffrn_radiation.wavelength_id                    1 
_diffrn_radiation.pdbx_monochromatic_or_laue_m_l   M 
_diffrn_radiation.monochromator                    'OSMIC OPTICS' 
_diffrn_radiation.pdbx_diffrn_protocol             'SINGLE WAVELENGTH' 
_diffrn_radiation.pdbx_scattering_type             x-ray 
# 
_diffrn_radiation_wavelength.id           1 
_diffrn_radiation_wavelength.wavelength   1.5418 
_diffrn_radiation_wavelength.wt           1.0 
# 
_diffrn_source.diffrn_id                   1 
_diffrn_source.source                      'ROTATING ANODE' 
_diffrn_source.type                        RIGAKU 
_diffrn_source.pdbx_synchrotron_site       ? 
_diffrn_source.pdbx_synchrotron_beamline   ? 
_diffrn_source.pdbx_wavelength             ? 
_diffrn_source.pdbx_wavelength_list        1.5418 
# 
_reflns.entry_id                     1N6P 
_reflns.observed_criterion_sigma_F   0.0 
_reflns.observed_criterion_sigma_I   0.0 
_reflns.d_resolution_high            1.54 
_reflns.d_resolution_low             20 
_reflns.number_all                   22532 
_reflns.number_obs                   22270 
_reflns.percent_possible_obs         97.7 
_reflns.pdbx_Rmerge_I_obs            0.046 
_reflns.pdbx_Rsym_value              ? 
_reflns.pdbx_netI_over_sigmaI        37.6 
_reflns.B_iso_Wilson_estimate        21.7 
_reflns.pdbx_redundancy              5.6 
_reflns.R_free_details               ? 
_reflns.limit_h_max                  ? 
_reflns.limit_h_min                  ? 
_reflns.limit_k_max                  ? 
_reflns.limit_k_min                  ? 
_reflns.limit_l_max                  ? 
_reflns.limit_l_min                  ? 
_reflns.observed_criterion_F_max     ? 
_reflns.observed_criterion_F_min     ? 
_reflns.pdbx_diffrn_id               1 
_reflns.pdbx_ordinal                 1 
# 
_reflns_shell.d_res_high             1.54 
_reflns_shell.d_res_low              1.60 
_reflns_shell.percent_possible_all   93.1 
_reflns_shell.Rmerge_I_obs           0.26 
_reflns_shell.pdbx_Rsym_value        ? 
_reflns_shell.meanI_over_sigI_obs    6.6 
_reflns_shell.pdbx_redundancy        ? 
_reflns_shell.percent_possible_obs   ? 
_reflns_shell.number_unique_all      ? 
_reflns_shell.pdbx_diffrn_id         ? 
_reflns_shell.pdbx_ordinal           1 
# 
_refine.entry_id                                 1N6P 
_refine.ls_d_res_high                            1.54 
_refine.ls_d_res_low                             20 
_refine.pdbx_ls_sigma_F                          0.0 
_refine.pdbx_ls_sigma_I                          ? 
_refine.ls_number_reflns_all                     22532 
_refine.ls_number_reflns_obs                     22270 
_refine.ls_number_reflns_R_free                  1082 
_refine.ls_percent_reflns_obs                    ? 
_refine.ls_R_factor_all                          0.19 
_refine.ls_R_factor_obs                          0.19 
_refine.ls_R_factor_R_work                       0.184 
_refine.ls_R_factor_R_free                       0.204 
_refine.ls_redundancy_reflns_obs                 ? 
_refine.pdbx_data_cutoff_high_absF               ? 
_refine.pdbx_data_cutoff_low_absF                ? 
_refine.ls_number_parameters                     ? 
_refine.ls_number_restraints                     ? 
_refine.ls_percent_reflns_R_free                 ? 
_refine.ls_R_factor_R_free_error                 ? 
_refine.ls_R_factor_R_free_error_details         ? 
_refine.pdbx_method_to_determine_struct          'FOURIER SYNTHESIS' 
_refine.pdbx_starting_model                      ? 
_refine.pdbx_ls_cross_valid_method               THROUGHOUT 
_refine.pdbx_R_Free_selection_details            RANDOM 
_refine.pdbx_stereochem_target_val_spec_case     ? 
_refine.pdbx_stereochemistry_target_values       'Engh & Huber' 
_refine.solvent_model_details                    ? 
_refine.solvent_model_param_bsol                 ? 
_refine.solvent_model_param_ksol                 ? 
_refine.occupancy_max                            ? 
_refine.occupancy_min                            ? 
_refine.pdbx_isotropic_thermal_model             ? 
_refine.B_iso_mean                               ? 
_refine.aniso_B[1][1]                            -0.422 
_refine.aniso_B[1][2]                            0 
_refine.aniso_B[1][3]                            0 
_refine.aniso_B[2][2]                            0.367 
_refine.aniso_B[2][3]                            0 
_refine.aniso_B[3][3]                            0.055 
_refine.details                                  ? 
_refine.B_iso_min                                ? 
_refine.B_iso_max                                ? 
_refine.correlation_coeff_Fo_to_Fc               ? 
_refine.correlation_coeff_Fo_to_Fc_free          ? 
_refine.pdbx_solvent_vdw_probe_radii             ? 
_refine.pdbx_solvent_ion_probe_radii             ? 
_refine.pdbx_solvent_shrinkage_radii             ? 
_refine.overall_SU_R_Cruickshank_DPI             ? 
_refine.overall_SU_R_free                        ? 
_refine.overall_SU_B                             ? 
_refine.overall_SU_ML                            ? 
_refine.pdbx_overall_ESU_R                       ? 
_refine.pdbx_overall_ESU_R_Free                  ? 
_refine.pdbx_data_cutoff_high_rms_absF           ? 
_refine.pdbx_refine_id                           'X-RAY DIFFRACTION' 
_refine.pdbx_diffrn_id                           1 
_refine.pdbx_TLS_residual_ADP_flag               ? 
_refine.pdbx_overall_phase_error                 ? 
_refine.pdbx_overall_SU_R_free_Cruickshank_DPI   ? 
_refine.pdbx_overall_SU_R_Blow_DPI               ? 
_refine.pdbx_overall_SU_R_free_Blow_DPI          ? 
# 
_refine_analyze.entry_id                        1N6P 
_refine_analyze.Luzzati_coordinate_error_obs    0.25 
_refine_analyze.Luzzati_sigma_a_obs             0.07 
_refine_analyze.Luzzati_d_res_low_obs           5 
_refine_analyze.Luzzati_coordinate_error_free   0.27 
_refine_analyze.Luzzati_sigma_a_free            0.08 
_refine_analyze.Luzzati_d_res_low_free          ? 
_refine_analyze.number_disordered_residues      ? 
_refine_analyze.occupancy_sum_non_hydrogen      ? 
_refine_analyze.occupancy_sum_hydrogen          ? 
_refine_analyze.pdbx_Luzzati_d_res_high_obs     ? 
_refine_analyze.pdbx_refine_id                  'X-RAY DIFFRACTION' 
# 
_refine_hist.pdbx_refine_id                   'X-RAY DIFFRACTION' 
_refine_hist.cycle_id                         LAST 
_refine_hist.pdbx_number_atoms_protein        1358 
_refine_hist.pdbx_number_atoms_nucleic_acid   0 
_refine_hist.pdbx_number_atoms_ligand         33 
_refine_hist.number_atoms_solvent             242 
_refine_hist.number_atoms_total               1633 
_refine_hist.d_res_high                       1.54 
_refine_hist.d_res_low                        20 
# 
loop_
_refine_ls_restr.type 
_refine_ls_restr.dev_ideal 
_refine_ls_restr.dev_ideal_target 
_refine_ls_restr.weight 
_refine_ls_restr.number 
_refine_ls_restr.pdbx_refine_id 
_refine_ls_restr.pdbx_restraint_function 
c_bond_d     0.010 ?   ? ? 'X-RAY DIFFRACTION' ? 
c_angle_deg  1.46  ?   ? ? 'X-RAY DIFFRACTION' ? 
c_mcangle_it 2.409 2   ? ? 'X-RAY DIFFRACTION' ? 
c_mcbond_it  1.722 1.5 ? ? 'X-RAY DIFFRACTION' ? 
c_scangle_it 4.441 2.5 ? ? 'X-RAY DIFFRACTION' ? 
c_scbond_it  3.103 2   ? ? 'X-RAY DIFFRACTION' ? 
# 
loop_
_pdbx_xplor_file.serial_no 
_pdbx_xplor_file.param_file 
_pdbx_xplor_file.topol_file 
_pdbx_xplor_file.pdbx_refine_id 
1 protein_rep.param protein.top 'X-RAY DIFFRACTION' 
2 gnp.param         gnp.top     'X-RAY DIFFRACTION' 
3 water_rep.param   water.top   'X-RAY DIFFRACTION' 
4 ion.param         ion.top     'X-RAY DIFFRACTION' 
# 
_struct.entry_id                  1N6P 
_struct.title                     'Crystal Structure of Human Rab5a A30E mutant complex with GppNHp' 
_struct.pdbx_model_details        ? 
_struct.pdbx_CASP_flag            ? 
_struct.pdbx_model_type_details   ? 
# 
_struct_keywords.entry_id        1N6P 
_struct_keywords.pdbx_keywords   'PROTEIN TRANSPORT' 
_struct_keywords.text            'Rab, GTPase, Protein transport' 
# 
loop_
_struct_asym.id 
_struct_asym.pdbx_blank_PDB_chainid_flag 
_struct_asym.pdbx_modified 
_struct_asym.entity_id 
_struct_asym.details 
A N N 1 ? 
B N N 2 ? 
C N N 3 ? 
D N N 4 ? 
# 
_struct_ref.id                         1 
_struct_ref.db_name                    UNP 
_struct_ref.db_code                    RAB5A_HUMAN 
_struct_ref.entity_id                  1 
_struct_ref.pdbx_seq_one_letter_code   
;GNKICQFKLVLLGESAVGKSSLVLRFVKGQFHEFQESTIGAAFLTQTVCLDDTTVKFEIWDTAGQERYHSLAPMYYRGAQ
AAIVVYDITNEESFARAKNWVKELQRQASPNIVIALSGNKADLANKRAVDFQEAQSYADDNSLLFMETSAKTSMNVNEIF
MAIAKKLPKN
;
_struct_ref.pdbx_align_begin           15 
_struct_ref.pdbx_db_accession          P20339 
_struct_ref.pdbx_db_isoform            ? 
# 
_struct_ref_seq.align_id                      1 
_struct_ref_seq.ref_id                        1 
_struct_ref_seq.pdbx_PDB_id_code              1N6P 
_struct_ref_seq.pdbx_strand_id                A 
_struct_ref_seq.seq_align_beg                 1 
_struct_ref_seq.pdbx_seq_align_beg_ins_code   ? 
_struct_ref_seq.seq_align_end                 170 
_struct_ref_seq.pdbx_seq_align_end_ins_code   ? 
_struct_ref_seq.pdbx_db_accession             P20339 
_struct_ref_seq.db_align_beg                  15 
_struct_ref_seq.pdbx_db_align_beg_ins_code    ? 
_struct_ref_seq.db_align_end                  184 
_struct_ref_seq.pdbx_db_align_end_ins_code    ? 
_struct_ref_seq.pdbx_auth_seq_align_beg       15 
_struct_ref_seq.pdbx_auth_seq_align_end       184 
# 
_struct_ref_seq_dif.align_id                     1 
_struct_ref_seq_dif.pdbx_pdb_id_code             1N6P 
_struct_ref_seq_dif.mon_id                       GLU 
_struct_ref_seq_dif.pdbx_pdb_strand_id           A 
_struct_ref_seq_dif.seq_num                      16 
_struct_ref_seq_dif.pdbx_pdb_ins_code            ? 
_struct_ref_seq_dif.pdbx_seq_db_name             UNP 
_struct_ref_seq_dif.pdbx_seq_db_accession_code   P20339 
_struct_ref_seq_dif.db_mon_id                    ALA 
_struct_ref_seq_dif.pdbx_seq_db_seq_num          30 
_struct_ref_seq_dif.details                      'engineered mutation' 
_struct_ref_seq_dif.pdbx_auth_seq_num            30 
_struct_ref_seq_dif.pdbx_ordinal                 1 
# 
_pdbx_struct_assembly.id                   1 
_pdbx_struct_assembly.details              author_defined_assembly 
_pdbx_struct_assembly.method_details       ? 
_pdbx_struct_assembly.oligomeric_details   monomeric 
_pdbx_struct_assembly.oligomeric_count     1 
# 
_pdbx_struct_assembly_gen.assembly_id       1 
_pdbx_struct_assembly_gen.oper_expression   1 
_pdbx_struct_assembly_gen.asym_id_list      A,B,C,D 
# 
_pdbx_struct_oper_list.id                   1 
_pdbx_struct_oper_list.type                 'identity operation' 
_pdbx_struct_oper_list.name                 1_555 
_pdbx_struct_oper_list.symmetry_operation   x,y,z 
_pdbx_struct_oper_list.matrix[1][1]         1.0000000000 
_pdbx_struct_oper_list.matrix[1][2]         0.0000000000 
_pdbx_struct_oper_list.matrix[1][3]         0.0000000000 
_pdbx_struct_oper_list.vector[1]            0.0000000000 
_pdbx_struct_oper_list.matrix[2][1]         0.0000000000 
_pdbx_struct_oper_list.matrix[2][2]         1.0000000000 
_pdbx_struct_oper_list.matrix[2][3]         0.0000000000 
_pdbx_struct_oper_list.vector[2]            0.0000000000 
_pdbx_struct_oper_list.matrix[3][1]         0.0000000000 
_pdbx_struct_oper_list.matrix[3][2]         0.0000000000 
_pdbx_struct_oper_list.matrix[3][3]         1.0000000000 
_pdbx_struct_oper_list.vector[3]            0.0000000000 
# 
_struct_biol.id                    1 
_struct_biol.pdbx_parent_biol_id   ? 
_struct_biol.details               ? 
# 
loop_
_struct_conf.conf_type_id 
_struct_conf.id 
_struct_conf.pdbx_PDB_helix_id 
_struct_conf.beg_label_comp_id 
_struct_conf.beg_label_asym_id 
_struct_conf.beg_label_seq_id 
_struct_conf.pdbx_beg_PDB_ins_code 
_struct_conf.end_label_comp_id 
_struct_conf.end_label_asym_id 
_struct_conf.end_label_seq_id 
_struct_conf.pdbx_end_PDB_ins_code 
_struct_conf.beg_auth_comp_id 
_struct_conf.beg_auth_asym_id 
_struct_conf.beg_auth_seq_id 
_struct_conf.end_auth_comp_id 
_struct_conf.end_auth_asym_id 
_struct_conf.end_auth_seq_id 
_struct_conf.pdbx_PDB_helix_class 
_struct_conf.details 
_struct_conf.pdbx_PDB_helix_length 
HELX_P HELX_P1 1 GLY A 18  ? GLY A 29  ? GLY A 32  GLY A 43  1 ? 12 
HELX_P HELX_P2 2 GLN A 65  ? SER A 70  ? GLN A 79  SER A 84  5 ? 6  
HELX_P HELX_P3 3 LEU A 71  ? ARG A 77  ? LEU A 85  ARG A 91  1 ? 7  
HELX_P HELX_P4 4 ASN A 90  ? ALA A 108 ? ASN A 104 ALA A 122 1 ? 19 
HELX_P HELX_P5 5 LYS A 120 ? ARG A 127 ? LYS A 134 ARG A 141 5 ? 8  
HELX_P HELX_P6 6 ASP A 130 ? ASN A 141 ? ASP A 144 ASN A 155 1 ? 12 
HELX_P HELX_P7 7 ASN A 155 ? LEU A 167 ? ASN A 169 LEU A 181 1 ? 13 
# 
_struct_conf_type.id          HELX_P 
_struct_conf_type.criteria    ? 
_struct_conf_type.reference   ? 
# 
loop_
_struct_conn.id 
_struct_conn.conn_type_id 
_struct_conn.pdbx_leaving_atom_flag 
_struct_conn.pdbx_PDB_id 
_struct_conn.ptnr1_label_asym_id 
_struct_conn.ptnr1_label_comp_id 
_struct_conn.ptnr1_label_seq_id 
_struct_conn.ptnr1_label_atom_id 
_struct_conn.pdbx_ptnr1_label_alt_id 
_struct_conn.pdbx_ptnr1_PDB_ins_code 
_struct_conn.pdbx_ptnr1_standard_comp_id 
_struct_conn.ptnr1_symmetry 
_struct_conn.ptnr2_label_asym_id 
_struct_conn.ptnr2_label_comp_id 
_struct_conn.ptnr2_label_seq_id 
_struct_conn.ptnr2_label_atom_id 
_struct_conn.pdbx_ptnr2_label_alt_id 
_struct_conn.pdbx_ptnr2_PDB_ins_code 
_struct_conn.ptnr1_auth_asym_id 
_struct_conn.ptnr1_auth_comp_id 
_struct_conn.ptnr1_auth_seq_id 
_struct_conn.ptnr2_auth_asym_id 
_struct_conn.ptnr2_auth_comp_id 
_struct_conn.ptnr2_auth_seq_id 
_struct_conn.ptnr2_symmetry 
_struct_conn.pdbx_ptnr3_label_atom_id 
_struct_conn.pdbx_ptnr3_label_seq_id 
_struct_conn.pdbx_ptnr3_label_comp_id 
_struct_conn.pdbx_ptnr3_label_asym_id 
_struct_conn.pdbx_ptnr3_label_alt_id 
_struct_conn.pdbx_ptnr3_PDB_ins_code 
_struct_conn.details 
_struct_conn.pdbx_dist_value 
_struct_conn.pdbx_value_order 
_struct_conn.pdbx_role 
metalc1 metalc ? ? A SER 20 OG  ? ? ? 1_555 B MG  . MG ? ? A SER 34  A MG  201 1_555 ? ? ? ? ? ? ? 2.121 ? ? 
metalc2 metalc ? ? A THR 38 OG1 ? ? ? 1_555 B MG  . MG ? ? A THR 52  A MG  201 1_555 ? ? ? ? ? ? ? 2.116 ? ? 
metalc3 metalc ? ? C GNP .  O2G ? ? ? 1_555 B MG  . MG ? ? A GNP 200 A MG  201 1_555 ? ? ? ? ? ? ? 2.049 ? ? 
metalc4 metalc ? ? C GNP .  O2B ? ? ? 1_555 B MG  . MG ? ? A GNP 200 A MG  201 1_555 ? ? ? ? ? ? ? 2.037 ? ? 
metalc5 metalc ? ? B MG  .  MG  ? ? ? 1_555 D HOH . O  ? ? A MG  201 A HOH 301 1_555 ? ? ? ? ? ? ? 2.050 ? ? 
metalc6 metalc ? ? B MG  .  MG  ? ? ? 1_555 D HOH . O  ? ? A MG  201 A HOH 302 1_555 ? ? ? ? ? ? ? 2.090 ? ? 
# 
_struct_conn_type.id          metalc 
_struct_conn_type.criteria    ? 
_struct_conn_type.reference   ? 
# 
loop_
_pdbx_struct_conn_angle.id 
_pdbx_struct_conn_angle.ptnr1_label_atom_id 
_pdbx_struct_conn_angle.ptnr1_label_alt_id 
_pdbx_struct_conn_angle.ptnr1_label_asym_id 
_pdbx_struct_conn_angle.ptnr1_label_comp_id 
_pdbx_struct_conn_angle.ptnr1_label_seq_id 
_pdbx_struct_conn_angle.ptnr1_auth_atom_id 
_pdbx_struct_conn_angle.ptnr1_auth_asym_id 
_pdbx_struct_conn_angle.ptnr1_auth_comp_id 
_pdbx_struct_conn_angle.ptnr1_auth_seq_id 
_pdbx_struct_conn_angle.ptnr1_PDB_ins_code 
_pdbx_struct_conn_angle.ptnr1_symmetry 
_pdbx_struct_conn_angle.ptnr2_label_atom_id 
_pdbx_struct_conn_angle.ptnr2_label_alt_id 
_pdbx_struct_conn_angle.ptnr2_label_asym_id 
_pdbx_struct_conn_angle.ptnr2_label_comp_id 
_pdbx_struct_conn_angle.ptnr2_label_seq_id 
_pdbx_struct_conn_angle.ptnr2_auth_atom_id 
_pdbx_struct_conn_angle.ptnr2_auth_asym_id 
_pdbx_struct_conn_angle.ptnr2_auth_comp_id 
_pdbx_struct_conn_angle.ptnr2_auth_seq_id 
_pdbx_struct_conn_angle.ptnr2_PDB_ins_code 
_pdbx_struct_conn_angle.ptnr2_symmetry 
_pdbx_struct_conn_angle.ptnr3_label_atom_id 
_pdbx_struct_conn_angle.ptnr3_label_alt_id 
_pdbx_struct_conn_angle.ptnr3_label_asym_id 
_pdbx_struct_conn_angle.ptnr3_label_comp_id 
_pdbx_struct_conn_angle.ptnr3_label_seq_id 
_pdbx_struct_conn_angle.ptnr3_auth_atom_id 
_pdbx_struct_conn_angle.ptnr3_auth_asym_id 
_pdbx_struct_conn_angle.ptnr3_auth_comp_id 
_pdbx_struct_conn_angle.ptnr3_auth_seq_id 
_pdbx_struct_conn_angle.ptnr3_PDB_ins_code 
_pdbx_struct_conn_angle.ptnr3_symmetry 
_pdbx_struct_conn_angle.value 
_pdbx_struct_conn_angle.value_esd 
1  OG  ? A SER 20 ? A SER 34  ? 1_555 MG ? B MG . ? A MG 201 ? 1_555 OG1 ? A THR 38 ? A THR 52  ? 1_555 85.3  ? 
2  OG  ? A SER 20 ? A SER 34  ? 1_555 MG ? B MG . ? A MG 201 ? 1_555 O2G ? C GNP .  ? A GNP 200 ? 1_555 173.1 ? 
3  OG1 ? A THR 38 ? A THR 52  ? 1_555 MG ? B MG . ? A MG 201 ? 1_555 O2G ? C GNP .  ? A GNP 200 ? 1_555 87.8  ? 
4  OG  ? A SER 20 ? A SER 34  ? 1_555 MG ? B MG . ? A MG 201 ? 1_555 O2B ? C GNP .  ? A GNP 200 ? 1_555 93.7  ? 
5  OG1 ? A THR 38 ? A THR 52  ? 1_555 MG ? B MG . ? A MG 201 ? 1_555 O2B ? C GNP .  ? A GNP 200 ? 1_555 177.1 ? 
6  O2G ? C GNP .  ? A GNP 200 ? 1_555 MG ? B MG . ? A MG 201 ? 1_555 O2B ? C GNP .  ? A GNP 200 ? 1_555 93.2  ? 
7  OG  ? A SER 20 ? A SER 34  ? 1_555 MG ? B MG . ? A MG 201 ? 1_555 O   ? D HOH .  ? A HOH 301 ? 1_555 86.5  ? 
8  OG1 ? A THR 38 ? A THR 52  ? 1_555 MG ? B MG . ? A MG 201 ? 1_555 O   ? D HOH .  ? A HOH 301 ? 1_555 92.6  ? 
9  O2G ? C GNP .  ? A GNP 200 ? 1_555 MG ? B MG . ? A MG 201 ? 1_555 O   ? D HOH .  ? A HOH 301 ? 1_555 94.2  ? 
10 O2B ? C GNP .  ? A GNP 200 ? 1_555 MG ? B MG . ? A MG 201 ? 1_555 O   ? D HOH .  ? A HOH 301 ? 1_555 90.1  ? 
11 OG  ? A SER 20 ? A SER 34  ? 1_555 MG ? B MG . ? A MG 201 ? 1_555 O   ? D HOH .  ? A HOH 302 ? 1_555 86.2  ? 
12 OG1 ? A THR 38 ? A THR 52  ? 1_555 MG ? B MG . ? A MG 201 ? 1_555 O   ? D HOH .  ? A HOH 302 ? 1_555 89.5  ? 
13 O2G ? C GNP .  ? A GNP 200 ? 1_555 MG ? B MG . ? A MG 201 ? 1_555 O   ? D HOH .  ? A HOH 302 ? 1_555 93.4  ? 
14 O2B ? C GNP .  ? A GNP 200 ? 1_555 MG ? B MG . ? A MG 201 ? 1_555 O   ? D HOH .  ? A HOH 302 ? 1_555 87.8  ? 
15 O   ? D HOH .  ? A HOH 301 ? 1_555 MG ? B MG . ? A MG 201 ? 1_555 O   ? D HOH .  ? A HOH 302 ? 1_555 172.3 ? 
# 
_struct_sheet.id               A 
_struct_sheet.type             ? 
_struct_sheet.number_strands   6 
_struct_sheet.details          ? 
# 
loop_
_struct_sheet_order.sheet_id 
_struct_sheet_order.range_id_1 
_struct_sheet_order.range_id_2 
_struct_sheet_order.offset 
_struct_sheet_order.sense 
A 1 2 ? anti-parallel 
A 2 3 ? parallel      
A 3 4 ? parallel      
A 4 5 ? parallel      
A 5 6 ? parallel      
# 
loop_
_struct_sheet_range.sheet_id 
_struct_sheet_range.id 
_struct_sheet_range.beg_label_comp_id 
_struct_sheet_range.beg_label_asym_id 
_struct_sheet_range.beg_label_seq_id 
_struct_sheet_range.pdbx_beg_PDB_ins_code 
_struct_sheet_range.end_label_comp_id 
_struct_sheet_range.end_label_asym_id 
_struct_sheet_range.end_label_seq_id 
_struct_sheet_range.pdbx_end_PDB_ins_code 
_struct_sheet_range.beg_auth_comp_id 
_struct_sheet_range.beg_auth_asym_id 
_struct_sheet_range.beg_auth_seq_id 
_struct_sheet_range.end_auth_comp_id 
_struct_sheet_range.end_auth_asym_id 
_struct_sheet_range.end_auth_seq_id 
A 1 ALA A 42  ? CYS A 49  ? ALA A 56  CYS A 63  
A 2 THR A 54  ? ASP A 61  ? THR A 68  ASP A 75  
A 3 CYS A 5   ? LEU A 12  ? CYS A 19  LEU A 26  
A 4 ALA A 81  ? ASP A 87  ? ALA A 95  ASP A 101 
A 5 VAL A 113 ? ASN A 119 ? VAL A 127 ASN A 133 
A 6 LEU A 144 ? GLU A 147 ? LEU A 158 GLU A 161 
# 
loop_
_pdbx_struct_sheet_hbond.sheet_id 
_pdbx_struct_sheet_hbond.range_id_1 
_pdbx_struct_sheet_hbond.range_id_2 
_pdbx_struct_sheet_hbond.range_1_label_atom_id 
_pdbx_struct_sheet_hbond.range_1_label_comp_id 
_pdbx_struct_sheet_hbond.range_1_label_asym_id 
_pdbx_struct_sheet_hbond.range_1_label_seq_id 
_pdbx_struct_sheet_hbond.range_1_PDB_ins_code 
_pdbx_struct_sheet_hbond.range_1_auth_atom_id 
_pdbx_struct_sheet_hbond.range_1_auth_comp_id 
_pdbx_struct_sheet_hbond.range_1_auth_asym_id 
_pdbx_struct_sheet_hbond.range_1_auth_seq_id 
_pdbx_struct_sheet_hbond.range_2_label_atom_id 
_pdbx_struct_sheet_hbond.range_2_label_comp_id 
_pdbx_struct_sheet_hbond.range_2_label_asym_id 
_pdbx_struct_sheet_hbond.range_2_label_seq_id 
_pdbx_struct_sheet_hbond.range_2_PDB_ins_code 
_pdbx_struct_sheet_hbond.range_2_auth_atom_id 
_pdbx_struct_sheet_hbond.range_2_auth_comp_id 
_pdbx_struct_sheet_hbond.range_2_auth_asym_id 
_pdbx_struct_sheet_hbond.range_2_auth_seq_id 
A 1 2 N GLN A 46  ? N GLN A 60  O PHE A 57  ? O PHE A 71  
A 2 3 O LYS A 56  ? O LYS A 70  N CYS A 5   ? N CYS A 19  
A 3 4 N LEU A 12  ? N LEU A 26  O VAL A 85  ? O VAL A 99  
A 4 5 N ALA A 82  ? N ALA A 96  O ALA A 115 ? O ALA A 129 
A 5 6 N LEU A 116 ? N LEU A 130 O LEU A 144 ? O LEU A 158 
# 
loop_
_struct_site.id 
_struct_site.pdbx_evidence_code 
_struct_site.pdbx_auth_asym_id 
_struct_site.pdbx_auth_comp_id 
_struct_site.pdbx_auth_seq_id 
_struct_site.pdbx_auth_ins_code 
_struct_site.pdbx_num_residues 
_struct_site.details 
AC1 Software A MG  201 ? 5  'BINDING SITE FOR RESIDUE MG A 201'  
AC2 Software A GNP 200 ? 30 'BINDING SITE FOR RESIDUE GNP A 200' 
# 
loop_
_struct_site_gen.id 
_struct_site_gen.site_id 
_struct_site_gen.pdbx_num_res 
_struct_site_gen.label_comp_id 
_struct_site_gen.label_asym_id 
_struct_site_gen.label_seq_id 
_struct_site_gen.pdbx_auth_ins_code 
_struct_site_gen.auth_comp_id 
_struct_site_gen.auth_asym_id 
_struct_site_gen.auth_seq_id 
_struct_site_gen.label_atom_id 
_struct_site_gen.label_alt_id 
_struct_site_gen.symmetry 
_struct_site_gen.details 
1  AC1 5  SER A 20  ? SER A 34  . ? 1_555 ? 
2  AC1 5  THR A 38  ? THR A 52  . ? 1_555 ? 
3  AC1 5  GNP C .   ? GNP A 200 . ? 1_555 ? 
4  AC1 5  HOH D .   ? HOH A 301 . ? 1_555 ? 
5  AC1 5  HOH D .   ? HOH A 302 . ? 1_555 ? 
6  AC2 30 SER A 15  ? SER A 29  . ? 1_555 ? 
7  AC2 30 GLU A 16  ? GLU A 30  . ? 1_555 ? 
8  AC2 30 VAL A 17  ? VAL A 31  . ? 1_555 ? 
9  AC2 30 GLY A 18  ? GLY A 32  . ? 1_555 ? 
10 AC2 30 LYS A 19  ? LYS A 33  . ? 1_555 ? 
11 AC2 30 SER A 20  ? SER A 34  . ? 1_555 ? 
12 AC2 30 SER A 21  ? SER A 35  . ? 1_555 ? 
13 AC2 30 PHE A 31  ? PHE A 45  . ? 1_555 ? 
14 AC2 30 HIS A 32  ? HIS A 46  . ? 1_555 ? 
15 AC2 30 GLU A 33  ? GLU A 47  . ? 1_555 ? 
16 AC2 30 GLN A 35  ? GLN A 49  . ? 1_555 ? 
17 AC2 30 SER A 37  ? SER A 51  . ? 1_555 ? 
18 AC2 30 THR A 38  ? THR A 52  . ? 1_555 ? 
19 AC2 30 GLY A 64  ? GLY A 78  . ? 1_555 ? 
20 AC2 30 ASN A 119 ? ASN A 133 . ? 1_555 ? 
21 AC2 30 LYS A 120 ? LYS A 134 . ? 1_555 ? 
22 AC2 30 ASP A 122 ? ASP A 136 . ? 1_555 ? 
23 AC2 30 LEU A 123 ? LEU A 137 . ? 1_555 ? 
24 AC2 30 SER A 149 ? SER A 163 . ? 1_555 ? 
25 AC2 30 ALA A 150 ? ALA A 164 . ? 1_555 ? 
26 AC2 30 LYS A 151 ? LYS A 165 . ? 1_555 ? 
27 AC2 30 LYS A 166 ? LYS A 180 . ? 2_555 ? 
28 AC2 30 MG  B .   ? MG  A 201 . ? 1_555 ? 
29 AC2 30 HOH D .   ? HOH A 301 . ? 1_555 ? 
30 AC2 30 HOH D .   ? HOH A 302 . ? 1_555 ? 
31 AC2 30 HOH D .   ? HOH A 303 . ? 1_555 ? 
32 AC2 30 HOH D .   ? HOH A 304 . ? 1_555 ? 
33 AC2 30 HOH D .   ? HOH A 333 . ? 1_555 ? 
34 AC2 30 HOH D .   ? HOH A 341 . ? 1_555 ? 
35 AC2 30 HOH D .   ? HOH A 400 . ? 1_555 ? 
# 
_pdbx_validate_close_contact.id               1 
_pdbx_validate_close_contact.PDB_model_num    1 
_pdbx_validate_close_contact.auth_atom_id_1   O 
_pdbx_validate_close_contact.auth_asym_id_1   A 
_pdbx_validate_close_contact.auth_comp_id_1   HOH 
_pdbx_validate_close_contact.auth_seq_id_1    305 
_pdbx_validate_close_contact.PDB_ins_code_1   ? 
_pdbx_validate_close_contact.label_alt_id_1   ? 
_pdbx_validate_close_contact.auth_atom_id_2   O 
_pdbx_validate_close_contact.auth_asym_id_2   A 
_pdbx_validate_close_contact.auth_comp_id_2   HOH 
_pdbx_validate_close_contact.auth_seq_id_2    450 
_pdbx_validate_close_contact.PDB_ins_code_2   ? 
_pdbx_validate_close_contact.label_alt_id_2   ? 
_pdbx_validate_close_contact.dist             0.00 
# 
loop_
_pdbx_validate_torsion.id 
_pdbx_validate_torsion.PDB_model_num 
_pdbx_validate_torsion.auth_comp_id 
_pdbx_validate_torsion.auth_asym_id 
_pdbx_validate_torsion.auth_seq_id 
_pdbx_validate_torsion.PDB_ins_code 
_pdbx_validate_torsion.label_alt_id 
_pdbx_validate_torsion.phi 
_pdbx_validate_torsion.psi 
1 1 ILE A 53  ? ? -99.31  -68.78  
2 1 LEU A 64  ? ? -100.40 -167.72 
3 1 ARG A 91  ? B -31.97  -76.36  
4 1 SER A 167 ? ? 92.86   -3.83   
5 1 ASN A 169 ? ? 55.86   14.25   
# 
loop_
_pdbx_unobs_or_zero_occ_residues.id 
_pdbx_unobs_or_zero_occ_residues.PDB_model_num 
_pdbx_unobs_or_zero_occ_residues.polymer_flag 
_pdbx_unobs_or_zero_occ_residues.occupancy_flag 
_pdbx_unobs_or_zero_occ_residues.auth_asym_id 
_pdbx_unobs_or_zero_occ_residues.auth_comp_id 
_pdbx_unobs_or_zero_occ_residues.auth_seq_id 
_pdbx_unobs_or_zero_occ_residues.PDB_ins_code 
_pdbx_unobs_or_zero_occ_residues.label_asym_id 
_pdbx_unobs_or_zero_occ_residues.label_comp_id 
_pdbx_unobs_or_zero_occ_residues.label_seq_id 
1 1 Y 1 A GLY 15  ? A GLY 1   
2 1 Y 1 A ASN 16  ? A ASN 2   
3 1 Y 1 A LYS 17  ? A LYS 3   
4 1 Y 1 A PRO 182 ? A PRO 168 
5 1 Y 1 A LYS 183 ? A LYS 169 
6 1 Y 1 A ASN 184 ? A ASN 170 
# 
loop_
_chem_comp_atom.comp_id 
_chem_comp_atom.atom_id 
_chem_comp_atom.type_symbol 
_chem_comp_atom.pdbx_aromatic_flag 
_chem_comp_atom.pdbx_stereo_config 
_chem_comp_atom.pdbx_ordinal 
ALA N      N  N N 1   
ALA CA     C  N S 2   
ALA C      C  N N 3   
ALA O      O  N N 4   
ALA CB     C  N N 5   
ALA OXT    O  N N 6   
ALA H      H  N N 7   
ALA H2     H  N N 8   
ALA HA     H  N N 9   
ALA HB1    H  N N 10  
ALA HB2    H  N N 11  
ALA HB3    H  N N 12  
ALA HXT    H  N N 13  
ARG N      N  N N 14  
ARG CA     C  N S 15  
ARG C      C  N N 16  
ARG O      O  N N 17  
ARG CB     C  N N 18  
ARG CG     C  N N 19  
ARG CD     C  N N 20  
ARG NE     N  N N 21  
ARG CZ     C  N N 22  
ARG NH1    N  N N 23  
ARG NH2    N  N N 24  
ARG OXT    O  N N 25  
ARG H      H  N N 26  
ARG H2     H  N N 27  
ARG HA     H  N N 28  
ARG HB2    H  N N 29  
ARG HB3    H  N N 30  
ARG HG2    H  N N 31  
ARG HG3    H  N N 32  
ARG HD2    H  N N 33  
ARG HD3    H  N N 34  
ARG HE     H  N N 35  
ARG HH11   H  N N 36  
ARG HH12   H  N N 37  
ARG HH21   H  N N 38  
ARG HH22   H  N N 39  
ARG HXT    H  N N 40  
ASN N      N  N N 41  
ASN CA     C  N S 42  
ASN C      C  N N 43  
ASN O      O  N N 44  
ASN CB     C  N N 45  
ASN CG     C  N N 46  
ASN OD1    O  N N 47  
ASN ND2    N  N N 48  
ASN OXT    O  N N 49  
ASN H      H  N N 50  
ASN H2     H  N N 51  
ASN HA     H  N N 52  
ASN HB2    H  N N 53  
ASN HB3    H  N N 54  
ASN HD21   H  N N 55  
ASN HD22   H  N N 56  
ASN HXT    H  N N 57  
ASP N      N  N N 58  
ASP CA     C  N S 59  
ASP C      C  N N 60  
ASP O      O  N N 61  
ASP CB     C  N N 62  
ASP CG     C  N N 63  
ASP OD1    O  N N 64  
ASP OD2    O  N N 65  
ASP OXT    O  N N 66  
ASP H      H  N N 67  
ASP H2     H  N N 68  
ASP HA     H  N N 69  
ASP HB2    H  N N 70  
ASP HB3    H  N N 71  
ASP HD2    H  N N 72  
ASP HXT    H  N N 73  
CYS N      N  N N 74  
CYS CA     C  N R 75  
CYS C      C  N N 76  
CYS O      O  N N 77  
CYS CB     C  N N 78  
CYS SG     S  N N 79  
CYS OXT    O  N N 80  
CYS H      H  N N 81  
CYS H2     H  N N 82  
CYS HA     H  N N 83  
CYS HB2    H  N N 84  
CYS HB3    H  N N 85  
CYS HG     H  N N 86  
CYS HXT    H  N N 87  
GLN N      N  N N 88  
GLN CA     C  N S 89  
GLN C      C  N N 90  
GLN O      O  N N 91  
GLN CB     C  N N 92  
GLN CG     C  N N 93  
GLN CD     C  N N 94  
GLN OE1    O  N N 95  
GLN NE2    N  N N 96  
GLN OXT    O  N N 97  
GLN H      H  N N 98  
GLN H2     H  N N 99  
GLN HA     H  N N 100 
GLN HB2    H  N N 101 
GLN HB3    H  N N 102 
GLN HG2    H  N N 103 
GLN HG3    H  N N 104 
GLN HE21   H  N N 105 
GLN HE22   H  N N 106 
GLN HXT    H  N N 107 
GLU N      N  N N 108 
GLU CA     C  N S 109 
GLU C      C  N N 110 
GLU O      O  N N 111 
GLU CB     C  N N 112 
GLU CG     C  N N 113 
GLU CD     C  N N 114 
GLU OE1    O  N N 115 
GLU OE2    O  N N 116 
GLU OXT    O  N N 117 
GLU H      H  N N 118 
GLU H2     H  N N 119 
GLU HA     H  N N 120 
GLU HB2    H  N N 121 
GLU HB3    H  N N 122 
GLU HG2    H  N N 123 
GLU HG3    H  N N 124 
GLU HE2    H  N N 125 
GLU HXT    H  N N 126 
GLY N      N  N N 127 
GLY CA     C  N N 128 
GLY C      C  N N 129 
GLY O      O  N N 130 
GLY OXT    O  N N 131 
GLY H      H  N N 132 
GLY H2     H  N N 133 
GLY HA2    H  N N 134 
GLY HA3    H  N N 135 
GLY HXT    H  N N 136 
GNP PG     P  N N 137 
GNP O1G    O  N N 138 
GNP O2G    O  N N 139 
GNP O3G    O  N N 140 
GNP N3B    N  N N 141 
GNP PB     P  N R 142 
GNP O1B    O  N N 143 
GNP O2B    O  N N 144 
GNP O3A    O  N N 145 
GNP PA     P  N S 146 
GNP O1A    O  N N 147 
GNP O2A    O  N N 148 
GNP "O5'"  O  N N 149 
GNP "C5'"  C  N N 150 
GNP "C4'"  C  N R 151 
GNP "O4'"  O  N N 152 
GNP "C3'"  C  N S 153 
GNP "O3'"  O  N N 154 
GNP "C2'"  C  N R 155 
GNP "O2'"  O  N N 156 
GNP "C1'"  C  N R 157 
GNP N9     N  Y N 158 
GNP C8     C  Y N 159 
GNP N7     N  Y N 160 
GNP C5     C  Y N 161 
GNP C6     C  Y N 162 
GNP O6     O  N N 163 
GNP N1     N  Y N 164 
GNP C2     C  Y N 165 
GNP N2     N  N N 166 
GNP N3     N  Y N 167 
GNP C4     C  Y N 168 
GNP HOG2   H  N N 169 
GNP HOG3   H  N N 170 
GNP HNB3   H  N N 171 
GNP HOB2   H  N N 172 
GNP HOA2   H  N N 173 
GNP "H5'2" H  N N 174 
GNP "H5'1" H  N N 175 
GNP "H4'"  H  N N 176 
GNP "H3'"  H  N N 177 
GNP "HO3'" H  N N 178 
GNP "H2'"  H  N N 179 
GNP "HO2'" H  N N 180 
GNP "H1'"  H  N N 181 
GNP H8     H  N N 182 
GNP HN1    H  N N 183 
GNP HN21   H  N N 184 
GNP HN22   H  N N 185 
HIS N      N  N N 186 
HIS CA     C  N S 187 
HIS C      C  N N 188 
HIS O      O  N N 189 
HIS CB     C  N N 190 
HIS CG     C  Y N 191 
HIS ND1    N  Y N 192 
HIS CD2    C  Y N 193 
HIS CE1    C  Y N 194 
HIS NE2    N  Y N 195 
HIS OXT    O  N N 196 
HIS H      H  N N 197 
HIS H2     H  N N 198 
HIS HA     H  N N 199 
HIS HB2    H  N N 200 
HIS HB3    H  N N 201 
HIS HD1    H  N N 202 
HIS HD2    H  N N 203 
HIS HE1    H  N N 204 
HIS HE2    H  N N 205 
HIS HXT    H  N N 206 
HOH O      O  N N 207 
HOH H1     H  N N 208 
HOH H2     H  N N 209 
ILE N      N  N N 210 
ILE CA     C  N S 211 
ILE C      C  N N 212 
ILE O      O  N N 213 
ILE CB     C  N S 214 
ILE CG1    C  N N 215 
ILE CG2    C  N N 216 
ILE CD1    C  N N 217 
ILE OXT    O  N N 218 
ILE H      H  N N 219 
ILE H2     H  N N 220 
ILE HA     H  N N 221 
ILE HB     H  N N 222 
ILE HG12   H  N N 223 
ILE HG13   H  N N 224 
ILE HG21   H  N N 225 
ILE HG22   H  N N 226 
ILE HG23   H  N N 227 
ILE HD11   H  N N 228 
ILE HD12   H  N N 229 
ILE HD13   H  N N 230 
ILE HXT    H  N N 231 
LEU N      N  N N 232 
LEU CA     C  N S 233 
LEU C      C  N N 234 
LEU O      O  N N 235 
LEU CB     C  N N 236 
LEU CG     C  N N 237 
LEU CD1    C  N N 238 
LEU CD2    C  N N 239 
LEU OXT    O  N N 240 
LEU H      H  N N 241 
LEU H2     H  N N 242 
LEU HA     H  N N 243 
LEU HB2    H  N N 244 
LEU HB3    H  N N 245 
LEU HG     H  N N 246 
LEU HD11   H  N N 247 
LEU HD12   H  N N 248 
LEU HD13   H  N N 249 
LEU HD21   H  N N 250 
LEU HD22   H  N N 251 
LEU HD23   H  N N 252 
LEU HXT    H  N N 253 
LYS N      N  N N 254 
LYS CA     C  N S 255 
LYS C      C  N N 256 
LYS O      O  N N 257 
LYS CB     C  N N 258 
LYS CG     C  N N 259 
LYS CD     C  N N 260 
LYS CE     C  N N 261 
LYS NZ     N  N N 262 
LYS OXT    O  N N 263 
LYS H      H  N N 264 
LYS H2     H  N N 265 
LYS HA     H  N N 266 
LYS HB2    H  N N 267 
LYS HB3    H  N N 268 
LYS HG2    H  N N 269 
LYS HG3    H  N N 270 
LYS HD2    H  N N 271 
LYS HD3    H  N N 272 
LYS HE2    H  N N 273 
LYS HE3    H  N N 274 
LYS HZ1    H  N N 275 
LYS HZ2    H  N N 276 
LYS HZ3    H  N N 277 
LYS HXT    H  N N 278 
MET N      N  N N 279 
MET CA     C  N S 280 
MET C      C  N N 281 
MET O      O  N N 282 
MET CB     C  N N 283 
MET CG     C  N N 284 
MET SD     S  N N 285 
MET CE     C  N N 286 
MET OXT    O  N N 287 
MET H      H  N N 288 
MET H2     H  N N 289 
MET HA     H  N N 290 
MET HB2    H  N N 291 
MET HB3    H  N N 292 
MET HG2    H  N N 293 
MET HG3    H  N N 294 
MET HE1    H  N N 295 
MET HE2    H  N N 296 
MET HE3    H  N N 297 
MET HXT    H  N N 298 
MG  MG     MG N N 299 
PHE N      N  N N 300 
PHE CA     C  N S 301 
PHE C      C  N N 302 
PHE O      O  N N 303 
PHE CB     C  N N 304 
PHE CG     C  Y N 305 
PHE CD1    C  Y N 306 
PHE CD2    C  Y N 307 
PHE CE1    C  Y N 308 
PHE CE2    C  Y N 309 
PHE CZ     C  Y N 310 
PHE OXT    O  N N 311 
PHE H      H  N N 312 
PHE H2     H  N N 313 
PHE HA     H  N N 314 
PHE HB2    H  N N 315 
PHE HB3    H  N N 316 
PHE HD1    H  N N 317 
PHE HD2    H  N N 318 
PHE HE1    H  N N 319 
PHE HE2    H  N N 320 
PHE HZ     H  N N 321 
PHE HXT    H  N N 322 
PRO N      N  N N 323 
PRO CA     C  N S 324 
PRO C      C  N N 325 
PRO O      O  N N 326 
PRO CB     C  N N 327 
PRO CG     C  N N 328 
PRO CD     C  N N 329 
PRO OXT    O  N N 330 
PRO H      H  N N 331 
PRO HA     H  N N 332 
PRO HB2    H  N N 333 
PRO HB3    H  N N 334 
PRO HG2    H  N N 335 
PRO HG3    H  N N 336 
PRO HD2    H  N N 337 
PRO HD3    H  N N 338 
PRO HXT    H  N N 339 
SER N      N  N N 340 
SER CA     C  N S 341 
SER C      C  N N 342 
SER O      O  N N 343 
SER CB     C  N N 344 
SER OG     O  N N 345 
SER OXT    O  N N 346 
SER H      H  N N 347 
SER H2     H  N N 348 
SER HA     H  N N 349 
SER HB2    H  N N 350 
SER HB3    H  N N 351 
SER HG     H  N N 352 
SER HXT    H  N N 353 
THR N      N  N N 354 
THR CA     C  N S 355 
THR C      C  N N 356 
THR O      O  N N 357 
THR CB     C  N R 358 
THR OG1    O  N N 359 
THR CG2    C  N N 360 
THR OXT    O  N N 361 
THR H      H  N N 362 
THR H2     H  N N 363 
THR HA     H  N N 364 
THR HB     H  N N 365 
THR HG1    H  N N 366 
THR HG21   H  N N 367 
THR HG22   H  N N 368 
THR HG23   H  N N 369 
THR HXT    H  N N 370 
TRP N      N  N N 371 
TRP CA     C  N S 372 
TRP C      C  N N 373 
TRP O      O  N N 374 
TRP CB     C  N N 375 
TRP CG     C  Y N 376 
TRP CD1    C  Y N 377 
TRP CD2    C  Y N 378 
TRP NE1    N  Y N 379 
TRP CE2    C  Y N 380 
TRP CE3    C  Y N 381 
TRP CZ2    C  Y N 382 
TRP CZ3    C  Y N 383 
TRP CH2    C  Y N 384 
TRP OXT    O  N N 385 
TRP H      H  N N 386 
TRP H2     H  N N 387 
TRP HA     H  N N 388 
TRP HB2    H  N N 389 
TRP HB3    H  N N 390 
TRP HD1    H  N N 391 
TRP HE1    H  N N 392 
TRP HE3    H  N N 393 
TRP HZ2    H  N N 394 
TRP HZ3    H  N N 395 
TRP HH2    H  N N 396 
TRP HXT    H  N N 397 
TYR N      N  N N 398 
TYR CA     C  N S 399 
TYR C      C  N N 400 
TYR O      O  N N 401 
TYR CB     C  N N 402 
TYR CG     C  Y N 403 
TYR CD1    C  Y N 404 
TYR CD2    C  Y N 405 
TYR CE1    C  Y N 406 
TYR CE2    C  Y N 407 
TYR CZ     C  Y N 408 
TYR OH     O  N N 409 
TYR OXT    O  N N 410 
TYR H      H  N N 411 
TYR H2     H  N N 412 
TYR HA     H  N N 413 
TYR HB2    H  N N 414 
TYR HB3    H  N N 415 
TYR HD1    H  N N 416 
TYR HD2    H  N N 417 
TYR HE1    H  N N 418 
TYR HE2    H  N N 419 
TYR HH     H  N N 420 
TYR HXT    H  N N 421 
VAL N      N  N N 422 
VAL CA     C  N S 423 
VAL C      C  N N 424 
VAL O      O  N N 425 
VAL CB     C  N N 426 
VAL CG1    C  N N 427 
VAL CG2    C  N N 428 
VAL OXT    O  N N 429 
VAL H      H  N N 430 
VAL H2     H  N N 431 
VAL HA     H  N N 432 
VAL HB     H  N N 433 
VAL HG11   H  N N 434 
VAL HG12   H  N N 435 
VAL HG13   H  N N 436 
VAL HG21   H  N N 437 
VAL HG22   H  N N 438 
VAL HG23   H  N N 439 
VAL HXT    H  N N 440 
# 
loop_
_chem_comp_bond.comp_id 
_chem_comp_bond.atom_id_1 
_chem_comp_bond.atom_id_2 
_chem_comp_bond.value_order 
_chem_comp_bond.pdbx_aromatic_flag 
_chem_comp_bond.pdbx_stereo_config 
_chem_comp_bond.pdbx_ordinal 
ALA N     CA     sing N N 1   
ALA N     H      sing N N 2   
ALA N     H2     sing N N 3   
ALA CA    C      sing N N 4   
ALA CA    CB     sing N N 5   
ALA CA    HA     sing N N 6   
ALA C     O      doub N N 7   
ALA C     OXT    sing N N 8   
ALA CB    HB1    sing N N 9   
ALA CB    HB2    sing N N 10  
ALA CB    HB3    sing N N 11  
ALA OXT   HXT    sing N N 12  
ARG N     CA     sing N N 13  
ARG N     H      sing N N 14  
ARG N     H2     sing N N 15  
ARG CA    C      sing N N 16  
ARG CA    CB     sing N N 17  
ARG CA    HA     sing N N 18  
ARG C     O      doub N N 19  
ARG C     OXT    sing N N 20  
ARG CB    CG     sing N N 21  
ARG CB    HB2    sing N N 22  
ARG CB    HB3    sing N N 23  
ARG CG    CD     sing N N 24  
ARG CG    HG2    sing N N 25  
ARG CG    HG3    sing N N 26  
ARG CD    NE     sing N N 27  
ARG CD    HD2    sing N N 28  
ARG CD    HD3    sing N N 29  
ARG NE    CZ     sing N N 30  
ARG NE    HE     sing N N 31  
ARG CZ    NH1    sing N N 32  
ARG CZ    NH2    doub N N 33  
ARG NH1   HH11   sing N N 34  
ARG NH1   HH12   sing N N 35  
ARG NH2   HH21   sing N N 36  
ARG NH2   HH22   sing N N 37  
ARG OXT   HXT    sing N N 38  
ASN N     CA     sing N N 39  
ASN N     H      sing N N 40  
ASN N     H2     sing N N 41  
ASN CA    C      sing N N 42  
ASN CA    CB     sing N N 43  
ASN CA    HA     sing N N 44  
ASN C     O      doub N N 45  
ASN C     OXT    sing N N 46  
ASN CB    CG     sing N N 47  
ASN CB    HB2    sing N N 48  
ASN CB    HB3    sing N N 49  
ASN CG    OD1    doub N N 50  
ASN CG    ND2    sing N N 51  
ASN ND2   HD21   sing N N 52  
ASN ND2   HD22   sing N N 53  
ASN OXT   HXT    sing N N 54  
ASP N     CA     sing N N 55  
ASP N     H      sing N N 56  
ASP N     H2     sing N N 57  
ASP CA    C      sing N N 58  
ASP CA    CB     sing N N 59  
ASP CA    HA     sing N N 60  
ASP C     O      doub N N 61  
ASP C     OXT    sing N N 62  
ASP CB    CG     sing N N 63  
ASP CB    HB2    sing N N 64  
ASP CB    HB3    sing N N 65  
ASP CG    OD1    doub N N 66  
ASP CG    OD2    sing N N 67  
ASP OD2   HD2    sing N N 68  
ASP OXT   HXT    sing N N 69  
CYS N     CA     sing N N 70  
CYS N     H      sing N N 71  
CYS N     H2     sing N N 72  
CYS CA    C      sing N N 73  
CYS CA    CB     sing N N 74  
CYS CA    HA     sing N N 75  
CYS C     O      doub N N 76  
CYS C     OXT    sing N N 77  
CYS CB    SG     sing N N 78  
CYS CB    HB2    sing N N 79  
CYS CB    HB3    sing N N 80  
CYS SG    HG     sing N N 81  
CYS OXT   HXT    sing N N 82  
GLN N     CA     sing N N 83  
GLN N     H      sing N N 84  
GLN N     H2     sing N N 85  
GLN CA    C      sing N N 86  
GLN CA    CB     sing N N 87  
GLN CA    HA     sing N N 88  
GLN C     O      doub N N 89  
GLN C     OXT    sing N N 90  
GLN CB    CG     sing N N 91  
GLN CB    HB2    sing N N 92  
GLN CB    HB3    sing N N 93  
GLN CG    CD     sing N N 94  
GLN CG    HG2    sing N N 95  
GLN CG    HG3    sing N N 96  
GLN CD    OE1    doub N N 97  
GLN CD    NE2    sing N N 98  
GLN NE2   HE21   sing N N 99  
GLN NE2   HE22   sing N N 100 
GLN OXT   HXT    sing N N 101 
GLU N     CA     sing N N 102 
GLU N     H      sing N N 103 
GLU N     H2     sing N N 104 
GLU CA    C      sing N N 105 
GLU CA    CB     sing N N 106 
GLU CA    HA     sing N N 107 
GLU C     O      doub N N 108 
GLU C     OXT    sing N N 109 
GLU CB    CG     sing N N 110 
GLU CB    HB2    sing N N 111 
GLU CB    HB3    sing N N 112 
GLU CG    CD     sing N N 113 
GLU CG    HG2    sing N N 114 
GLU CG    HG3    sing N N 115 
GLU CD    OE1    doub N N 116 
GLU CD    OE2    sing N N 117 
GLU OE2   HE2    sing N N 118 
GLU OXT   HXT    sing N N 119 
GLY N     CA     sing N N 120 
GLY N     H      sing N N 121 
GLY N     H2     sing N N 122 
GLY CA    C      sing N N 123 
GLY CA    HA2    sing N N 124 
GLY CA    HA3    sing N N 125 
GLY C     O      doub N N 126 
GLY C     OXT    sing N N 127 
GLY OXT   HXT    sing N N 128 
GNP PG    O1G    doub N N 129 
GNP PG    O2G    sing N N 130 
GNP PG    O3G    sing N N 131 
GNP PG    N3B    sing N N 132 
GNP O2G   HOG2   sing N N 133 
GNP O3G   HOG3   sing N N 134 
GNP N3B   PB     sing N N 135 
GNP N3B   HNB3   sing N N 136 
GNP PB    O1B    doub N N 137 
GNP PB    O2B    sing N N 138 
GNP PB    O3A    sing N N 139 
GNP O2B   HOB2   sing N N 140 
GNP O3A   PA     sing N N 141 
GNP PA    O1A    doub N N 142 
GNP PA    O2A    sing N N 143 
GNP PA    "O5'"  sing N N 144 
GNP O2A   HOA2   sing N N 145 
GNP "O5'" "C5'"  sing N N 146 
GNP "C5'" "C4'"  sing N N 147 
GNP "C5'" "H5'2" sing N N 148 
GNP "C5'" "H5'1" sing N N 149 
GNP "C4'" "O4'"  sing N N 150 
GNP "C4'" "C3'"  sing N N 151 
GNP "C4'" "H4'"  sing N N 152 
GNP "O4'" "C1'"  sing N N 153 
GNP "C3'" "O3'"  sing N N 154 
GNP "C3'" "C2'"  sing N N 155 
GNP "C3'" "H3'"  sing N N 156 
GNP "O3'" "HO3'" sing N N 157 
GNP "C2'" "O2'"  sing N N 158 
GNP "C2'" "C1'"  sing N N 159 
GNP "C2'" "H2'"  sing N N 160 
GNP "O2'" "HO2'" sing N N 161 
GNP "C1'" N9     sing N N 162 
GNP "C1'" "H1'"  sing N N 163 
GNP N9    C8     sing Y N 164 
GNP N9    C4     sing Y N 165 
GNP C8    N7     doub Y N 166 
GNP C8    H8     sing N N 167 
GNP N7    C5     sing Y N 168 
GNP C5    C6     sing Y N 169 
GNP C5    C4     doub Y N 170 
GNP C6    O6     doub N N 171 
GNP C6    N1     sing Y N 172 
GNP N1    C2     sing Y N 173 
GNP N1    HN1    sing N N 174 
GNP C2    N2     sing N N 175 
GNP C2    N3     doub Y N 176 
GNP N2    HN21   sing N N 177 
GNP N2    HN22   sing N N 178 
GNP N3    C4     sing Y N 179 
HIS N     CA     sing N N 180 
HIS N     H      sing N N 181 
HIS N     H2     sing N N 182 
HIS CA    C      sing N N 183 
HIS CA    CB     sing N N 184 
HIS CA    HA     sing N N 185 
HIS C     O      doub N N 186 
HIS C     OXT    sing N N 187 
HIS CB    CG     sing N N 188 
HIS CB    HB2    sing N N 189 
HIS CB    HB3    sing N N 190 
HIS CG    ND1    sing Y N 191 
HIS CG    CD2    doub Y N 192 
HIS ND1   CE1    doub Y N 193 
HIS ND1   HD1    sing N N 194 
HIS CD2   NE2    sing Y N 195 
HIS CD2   HD2    sing N N 196 
HIS CE1   NE2    sing Y N 197 
HIS CE1   HE1    sing N N 198 
HIS NE2   HE2    sing N N 199 
HIS OXT   HXT    sing N N 200 
HOH O     H1     sing N N 201 
HOH O     H2     sing N N 202 
ILE N     CA     sing N N 203 
ILE N     H      sing N N 204 
ILE N     H2     sing N N 205 
ILE CA    C      sing N N 206 
ILE CA    CB     sing N N 207 
ILE CA    HA     sing N N 208 
ILE C     O      doub N N 209 
ILE C     OXT    sing N N 210 
ILE CB    CG1    sing N N 211 
ILE CB    CG2    sing N N 212 
ILE CB    HB     sing N N 213 
ILE CG1   CD1    sing N N 214 
ILE CG1   HG12   sing N N 215 
ILE CG1   HG13   sing N N 216 
ILE CG2   HG21   sing N N 217 
ILE CG2   HG22   sing N N 218 
ILE CG2   HG23   sing N N 219 
ILE CD1   HD11   sing N N 220 
ILE CD1   HD12   sing N N 221 
ILE CD1   HD13   sing N N 222 
ILE OXT   HXT    sing N N 223 
LEU N     CA     sing N N 224 
LEU N     H      sing N N 225 
LEU N     H2     sing N N 226 
LEU CA    C      sing N N 227 
LEU CA    CB     sing N N 228 
LEU CA    HA     sing N N 229 
LEU C     O      doub N N 230 
LEU C     OXT    sing N N 231 
LEU CB    CG     sing N N 232 
LEU CB    HB2    sing N N 233 
LEU CB    HB3    sing N N 234 
LEU CG    CD1    sing N N 235 
LEU CG    CD2    sing N N 236 
LEU CG    HG     sing N N 237 
LEU CD1   HD11   sing N N 238 
LEU CD1   HD12   sing N N 239 
LEU CD1   HD13   sing N N 240 
LEU CD2   HD21   sing N N 241 
LEU CD2   HD22   sing N N 242 
LEU CD2   HD23   sing N N 243 
LEU OXT   HXT    sing N N 244 
LYS N     CA     sing N N 245 
LYS N     H      sing N N 246 
LYS N     H2     sing N N 247 
LYS CA    C      sing N N 248 
LYS CA    CB     sing N N 249 
LYS CA    HA     sing N N 250 
LYS C     O      doub N N 251 
LYS C     OXT    sing N N 252 
LYS CB    CG     sing N N 253 
LYS CB    HB2    sing N N 254 
LYS CB    HB3    sing N N 255 
LYS CG    CD     sing N N 256 
LYS CG    HG2    sing N N 257 
LYS CG    HG3    sing N N 258 
LYS CD    CE     sing N N 259 
LYS CD    HD2    sing N N 260 
LYS CD    HD3    sing N N 261 
LYS CE    NZ     sing N N 262 
LYS CE    HE2    sing N N 263 
LYS CE    HE3    sing N N 264 
LYS NZ    HZ1    sing N N 265 
LYS NZ    HZ2    sing N N 266 
LYS NZ    HZ3    sing N N 267 
LYS OXT   HXT    sing N N 268 
MET N     CA     sing N N 269 
MET N     H      sing N N 270 
MET N     H2     sing N N 271 
MET CA    C      sing N N 272 
MET CA    CB     sing N N 273 
MET CA    HA     sing N N 274 
MET C     O      doub N N 275 
MET C     OXT    sing N N 276 
MET CB    CG     sing N N 277 
MET CB    HB2    sing N N 278 
MET CB    HB3    sing N N 279 
MET CG    SD     sing N N 280 
MET CG    HG2    sing N N 281 
MET CG    HG3    sing N N 282 
MET SD    CE     sing N N 283 
MET CE    HE1    sing N N 284 
MET CE    HE2    sing N N 285 
MET CE    HE3    sing N N 286 
MET OXT   HXT    sing N N 287 
PHE N     CA     sing N N 288 
PHE N     H      sing N N 289 
PHE N     H2     sing N N 290 
PHE CA    C      sing N N 291 
PHE CA    CB     sing N N 292 
PHE CA    HA     sing N N 293 
PHE C     O      doub N N 294 
PHE C     OXT    sing N N 295 
PHE CB    CG     sing N N 296 
PHE CB    HB2    sing N N 297 
PHE CB    HB3    sing N N 298 
PHE CG    CD1    doub Y N 299 
PHE CG    CD2    sing Y N 300 
PHE CD1   CE1    sing Y N 301 
PHE CD1   HD1    sing N N 302 
PHE CD2   CE2    doub Y N 303 
PHE CD2   HD2    sing N N 304 
PHE CE1   CZ     doub Y N 305 
PHE CE1   HE1    sing N N 306 
PHE CE2   CZ     sing Y N 307 
PHE CE2   HE2    sing N N 308 
PHE CZ    HZ     sing N N 309 
PHE OXT   HXT    sing N N 310 
PRO N     CA     sing N N 311 
PRO N     CD     sing N N 312 
PRO N     H      sing N N 313 
PRO CA    C      sing N N 314 
PRO CA    CB     sing N N 315 
PRO CA    HA     sing N N 316 
PRO C     O      doub N N 317 
PRO C     OXT    sing N N 318 
PRO CB    CG     sing N N 319 
PRO CB    HB2    sing N N 320 
PRO CB    HB3    sing N N 321 
PRO CG    CD     sing N N 322 
PRO CG    HG2    sing N N 323 
PRO CG    HG3    sing N N 324 
PRO CD    HD2    sing N N 325 
PRO CD    HD3    sing N N 326 
PRO OXT   HXT    sing N N 327 
SER N     CA     sing N N 328 
SER N     H      sing N N 329 
SER N     H2     sing N N 330 
SER CA    C      sing N N 331 
SER CA    CB     sing N N 332 
SER CA    HA     sing N N 333 
SER C     O      doub N N 334 
SER C     OXT    sing N N 335 
SER CB    OG     sing N N 336 
SER CB    HB2    sing N N 337 
SER CB    HB3    sing N N 338 
SER OG    HG     sing N N 339 
SER OXT   HXT    sing N N 340 
THR N     CA     sing N N 341 
THR N     H      sing N N 342 
THR N     H2     sing N N 343 
THR CA    C      sing N N 344 
THR CA    CB     sing N N 345 
THR CA    HA     sing N N 346 
THR C     O      doub N N 347 
THR C     OXT    sing N N 348 
THR CB    OG1    sing N N 349 
THR CB    CG2    sing N N 350 
THR CB    HB     sing N N 351 
THR OG1   HG1    sing N N 352 
THR CG2   HG21   sing N N 353 
THR CG2   HG22   sing N N 354 
THR CG2   HG23   sing N N 355 
THR OXT   HXT    sing N N 356 
TRP N     CA     sing N N 357 
TRP N     H      sing N N 358 
TRP N     H2     sing N N 359 
TRP CA    C      sing N N 360 
TRP CA    CB     sing N N 361 
TRP CA    HA     sing N N 362 
TRP C     O      doub N N 363 
TRP C     OXT    sing N N 364 
TRP CB    CG     sing N N 365 
TRP CB    HB2    sing N N 366 
TRP CB    HB3    sing N N 367 
TRP CG    CD1    doub Y N 368 
TRP CG    CD2    sing Y N 369 
TRP CD1   NE1    sing Y N 370 
TRP CD1   HD1    sing N N 371 
TRP CD2   CE2    doub Y N 372 
TRP CD2   CE3    sing Y N 373 
TRP NE1   CE2    sing Y N 374 
TRP NE1   HE1    sing N N 375 
TRP CE2   CZ2    sing Y N 376 
TRP CE3   CZ3    doub Y N 377 
TRP CE3   HE3    sing N N 378 
TRP CZ2   CH2    doub Y N 379 
TRP CZ2   HZ2    sing N N 380 
TRP CZ3   CH2    sing Y N 381 
TRP CZ3   HZ3    sing N N 382 
TRP CH2   HH2    sing N N 383 
TRP OXT   HXT    sing N N 384 
TYR N     CA     sing N N 385 
TYR N     H      sing N N 386 
TYR N     H2     sing N N 387 
TYR CA    C      sing N N 388 
TYR CA    CB     sing N N 389 
TYR CA    HA     sing N N 390 
TYR C     O      doub N N 391 
TYR C     OXT    sing N N 392 
TYR CB    CG     sing N N 393 
TYR CB    HB2    sing N N 394 
TYR CB    HB3    sing N N 395 
TYR CG    CD1    doub Y N 396 
TYR CG    CD2    sing Y N 397 
TYR CD1   CE1    sing Y N 398 
TYR CD1   HD1    sing N N 399 
TYR CD2   CE2    doub Y N 400 
TYR CD2   HD2    sing N N 401 
TYR CE1   CZ     doub Y N 402 
TYR CE1   HE1    sing N N 403 
TYR CE2   CZ     sing Y N 404 
TYR CE2   HE2    sing N N 405 
TYR CZ    OH     sing N N 406 
TYR OH    HH     sing N N 407 
TYR OXT   HXT    sing N N 408 
VAL N     CA     sing N N 409 
VAL N     H      sing N N 410 
VAL N     H2     sing N N 411 
VAL CA    C      sing N N 412 
VAL CA    CB     sing N N 413 
VAL CA    HA     sing N N 414 
VAL C     O      doub N N 415 
VAL C     OXT    sing N N 416 
VAL CB    CG1    sing N N 417 
VAL CB    CG2    sing N N 418 
VAL CB    HB     sing N N 419 
VAL CG1   HG11   sing N N 420 
VAL CG1   HG12   sing N N 421 
VAL CG1   HG13   sing N N 422 
VAL CG2   HG21   sing N N 423 
VAL CG2   HG22   sing N N 424 
VAL CG2   HG23   sing N N 425 
VAL OXT   HXT    sing N N 426 
# 
_atom_sites.entry_id                    1N6P 
_atom_sites.fract_transf_matrix[1][1]   -0.02132104 
_atom_sites.fract_transf_matrix[1][2]   0.00890056 
_atom_sites.fract_transf_matrix[1][3]   -0.01604475 
_atom_sites.fract_transf_matrix[2][1]   0.00598982 
_atom_sites.fract_transf_matrix[2][2]   -0.00776584 
_atom_sites.fract_transf_matrix[2][3]   -0.01226753 
_atom_sites.fract_transf_matrix[3][1]   -0.00803349 
_atom_sites.fract_transf_matrix[3][2]   -0.01229003 
_atom_sites.fract_transf_matrix[3][3]   0.00385760 
_atom_sites.fract_transf_vector[1]      0.100618 
_atom_sites.fract_transf_vector[2]      0.019274 
_atom_sites.fract_transf_vector[3]      0.478540 
# 
loop_
_atom_type.symbol 
C  
MG 
N  
O  
P  
S  
# 
loop_
_atom_site.group_PDB 
_atom_site.id 
_atom_site.type_symbol 
_atom_site.label_atom_id 
_atom_site.label_alt_id 
_atom_site.label_comp_id 
_atom_site.label_asym_id 
_atom_site.label_entity_id 
_atom_site.label_seq_id 
_atom_site.pdbx_PDB_ins_code 
_atom_site.Cartn_x 
_atom_site.Cartn_y 
_atom_site.Cartn_z 
_atom_site.occupancy 
_atom_site.B_iso_or_equiv 
_atom_site.pdbx_formal_charge 
_atom_site.auth_seq_id 
_atom_site.auth_comp_id 
_atom_site.auth_asym_id 
_atom_site.auth_atom_id 
_atom_site.pdbx_PDB_model_num 
ATOM   1    N  N     . ILE A 1 4   ? 12.841  -2.017  -20.294 1.00 35.67 ? 18  ILE A N     1 
ATOM   2    C  CA    . ILE A 1 4   ? 11.956  -2.589  -19.238 1.00 36.21 ? 18  ILE A CA    1 
ATOM   3    C  C     . ILE A 1 4   ? 12.600  -2.467  -17.851 1.00 35.76 ? 18  ILE A C     1 
ATOM   4    O  O     . ILE A 1 4   ? 13.777  -2.779  -17.671 1.00 35.39 ? 18  ILE A O     1 
ATOM   5    C  CB    . ILE A 1 4   ? 11.646  -4.093  -19.494 1.00 36.94 ? 18  ILE A CB    1 
ATOM   6    C  CG1   . ILE A 1 4   ? 10.988  -4.288  -20.866 1.00 39.62 ? 18  ILE A CG1   1 
ATOM   7    C  CG2   . ILE A 1 4   ? 10.701  -4.612  -18.429 1.00 38.25 ? 18  ILE A CG2   1 
ATOM   8    C  CD1   . ILE A 1 4   ? 11.953  -4.230  -22.032 1.00 41.35 ? 18  ILE A CD1   1 
ATOM   9    N  N     . CYS A 1 5   ? 11.818  -2.018  -16.868 1.00 30.87 ? 19  CYS A N     1 
ATOM   10   C  CA    . CYS A 1 5   ? 12.317  -1.862  -15.504 1.00 31.32 ? 19  CYS A CA    1 
ATOM   11   C  C     . CYS A 1 5   ? 11.501  -2.717  -14.538 1.00 28.73 ? 19  CYS A C     1 
ATOM   12   O  O     . CYS A 1 5   ? 10.290  -2.850  -14.688 1.00 30.62 ? 19  CYS A O     1 
ATOM   13   C  CB    . CYS A 1 5   ? 12.244  -0.393  -15.075 1.00 28.95 ? 19  CYS A CB    1 
ATOM   14   S  SG    . CYS A 1 5   ? 13.277  0.696   -16.077 1.00 42.37 ? 19  CYS A SG    1 
ATOM   15   N  N     . GLN A 1 6   ? 12.166  -3.307  -13.552 1.00 23.23 ? 20  GLN A N     1 
ATOM   16   C  CA    . GLN A 1 6   ? 11.458  -4.138  -12.587 1.00 21.34 ? 20  GLN A CA    1 
ATOM   17   C  C     . GLN A 1 6   ? 11.735  -3.655  -11.175 1.00 19.89 ? 20  GLN A C     1 
ATOM   18   O  O     . GLN A 1 6   ? 12.872  -3.330  -10.840 1.00 20.19 ? 20  GLN A O     1 
ATOM   19   C  CB    . GLN A 1 6   ? 11.888  -5.596  -12.718 1.00 23.22 ? 20  GLN A CB    1 
ATOM   20   C  CG    . GLN A 1 6   ? 11.199  -6.502  -11.723 1.00 22.09 ? 20  GLN A CG    1 
ATOM   21   C  CD    . GLN A 1 6   ? 11.403  -7.978  -12.026 1.00 22.54 ? 20  GLN A CD    1 
ATOM   22   O  OE1   . GLN A 1 6   ? 11.025  -8.465  -13.105 1.00 27.05 ? 20  GLN A OE1   1 
ATOM   23   N  NE2   . GLN A 1 6   ? 12.006  -8.695  -11.091 1.00 20.31 ? 20  GLN A NE2   1 
ATOM   24   N  N     . PHE A 1 7   ? 10.689  -3.600  -10.353 1.00 17.86 ? 21  PHE A N     1 
ATOM   25   C  CA    . PHE A 1 7   ? 10.859  -3.136  -8.979  1.00 19.16 ? 21  PHE A CA    1 
ATOM   26   C  C     . PHE A 1 7   ? 10.094  -3.993  -8.009  1.00 18.29 ? 21  PHE A C     1 
ATOM   27   O  O     . PHE A 1 7   ? 9.036   -4.529  -8.338  1.00 18.83 ? 21  PHE A O     1 
ATOM   28   C  CB    . PHE A 1 7   ? 10.393  -1.683  -8.838  1.00 20.17 ? 21  PHE A CB    1 
ATOM   29   C  CG    . PHE A 1 7   ? 11.153  -0.713  -9.713  1.00 24.32 ? 21  PHE A CG    1 
ATOM   30   C  CD1   . PHE A 1 7   ? 10.595  -0.231  -10.894 1.00 22.00 ? 21  PHE A CD1   1 
ATOM   31   C  CD2   . PHE A 1 7   ? 12.426  -0.285  -9.351  1.00 25.74 ? 21  PHE A CD2   1 
ATOM   32   C  CE1   . PHE A 1 7   ? 11.305  0.674   -11.704 1.00 25.65 ? 21  PHE A CE1   1 
ATOM   33   C  CE2   . PHE A 1 7   ? 13.131  0.606   -10.147 1.00 25.73 ? 21  PHE A CE2   1 
ATOM   34   C  CZ    . PHE A 1 7   ? 12.572  1.086   -11.324 1.00 25.17 ? 21  PHE A CZ    1 
ATOM   35   N  N     . LYS A 1 8   ? 10.648  -4.124  -6.809  1.00 13.89 ? 22  LYS A N     1 
ATOM   36   C  CA    . LYS A 1 8   ? 10.007  -4.903  -5.760  1.00 14.97 ? 22  LYS A CA    1 
ATOM   37   C  C     . LYS A 1 8   ? 9.181   -3.946  -4.886  1.00 12.97 ? 22  LYS A C     1 
ATOM   38   O  O     . LYS A 1 8   ? 9.702   -2.946  -4.392  1.00 14.90 ? 22  LYS A O     1 
ATOM   39   C  CB    . LYS A 1 8   ? 11.073  -5.593  -4.916  1.00 18.11 ? 22  LYS A CB    1 
ATOM   40   C  CG    . LYS A 1 8   ? 10.504  -6.392  -3.757  1.00 22.11 ? 22  LYS A CG    1 
ATOM   41   C  CD    . LYS A 1 8   ? 11.607  -7.084  -2.955  1.00 26.23 ? 22  LYS A CD    1 
ATOM   42   C  CE    . LYS A 1 8   ? 11.011  -7.869  -1.798  1.00 28.06 ? 22  LYS A CE    1 
ATOM   43   N  NZ    . LYS A 1 8   ? 12.061  -8.754  -1.212  1.00 28.20 ? 22  LYS A NZ    1 
ATOM   44   N  N     . LEU A 1 9   ? 7.904   -4.266  -4.704  1.00 11.97 ? 23  LEU A N     1 
ATOM   45   C  CA    . LEU A 1 9   ? 6.992   -3.435  -3.912  1.00 11.50 ? 23  LEU A CA    1 
ATOM   46   C  C     . LEU A 1 9   ? 6.342   -4.256  -2.801  1.00 11.99 ? 23  LEU A C     1 
ATOM   47   O  O     . LEU A 1 9   ? 5.969   -5.400  -3.016  1.00 14.48 ? 23  LEU A O     1 
ATOM   48   C  CB    . LEU A 1 9   ? 5.915   -2.846  -4.842  1.00 11.43 ? 23  LEU A CB    1 
ATOM   49   C  CG    . LEU A 1 9   ? 4.902   -1.839  -4.265  1.00 16.14 ? 23  LEU A CG    1 
ATOM   50   C  CD1   . LEU A 1 9   ? 4.369   -0.924  -5.357  1.00 15.69 ? 23  LEU A CD1   1 
ATOM   51   C  CD2   . LEU A 1 9   ? 3.766   -2.590  -3.590  1.00 17.63 ? 23  LEU A CD2   1 
ATOM   52   N  N     . VAL A 1 10  ? 6.218   -3.690  -1.603  1.00 9.97  ? 24  VAL A N     1 
ATOM   53   C  CA    . VAL A 1 10  ? 5.583   -4.420  -0.504  1.00 10.67 ? 24  VAL A CA    1 
ATOM   54   C  C     . VAL A 1 10  ? 4.387   -3.604  0.023   1.00 9.62  ? 24  VAL A C     1 
ATOM   55   O  O     . VAL A 1 10  ? 4.431   -2.371  0.039   1.00 11.60 ? 24  VAL A O     1 
ATOM   56   C  CB    . VAL A 1 10  ? 6.617   -4.651  0.671   1.00 10.54 ? 24  VAL A CB    1 
ATOM   57   C  CG1   . VAL A 1 10  ? 7.058   -3.313  1.250   1.00 11.47 ? 24  VAL A CG1   1 
ATOM   58   C  CG2   . VAL A 1 10  ? 6.013   -5.528  1.765   1.00 13.73 ? 24  VAL A CG2   1 
ATOM   59   N  N     . LEU A 1 11  ? 3.314   -4.278  0.411   1.00 9.50  ? 25  LEU A N     1 
ATOM   60   C  CA    . LEU A 1 11  ? 2.176   -3.580  1.024   1.00 11.24 ? 25  LEU A CA    1 
ATOM   61   C  C     . LEU A 1 11  ? 2.163   -3.959  2.507   1.00 11.14 ? 25  LEU A C     1 
ATOM   62   O  O     . LEU A 1 11  ? 2.264   -5.139  2.857   1.00 12.46 ? 25  LEU A O     1 
ATOM   63   C  CB    . LEU A 1 11  ? 0.837   -3.977  0.411   1.00 14.30 ? 25  LEU A CB    1 
ATOM   64   C  CG    . LEU A 1 11  ? 0.621   -3.425  -1.005  1.00 17.88 ? 25  LEU A CG    1 
ATOM   65   C  CD1   . LEU A 1 11  ? 0.925   -4.526  -1.991  1.00 21.76 ? 25  LEU A CD1   1 
ATOM   66   C  CD2   . LEU A 1 11  ? -0.857  -2.958  -1.175  1.00 19.00 ? 25  LEU A CD2   1 
ATOM   67   N  N     . LEU A 1 12  ? 1.996   -2.948  3.354   1.00 9.74  ? 26  LEU A N     1 
ATOM   68   C  CA    . LEU A 1 12  ? 1.987   -3.097  4.807   1.00 8.98  ? 26  LEU A CA    1 
ATOM   69   C  C     . LEU A 1 12  ? 0.809   -2.342  5.378   1.00 10.33 ? 26  LEU A C     1 
ATOM   70   O  O     . LEU A 1 12  ? 0.370   -1.344  4.804   1.00 11.53 ? 26  LEU A O     1 
ATOM   71   C  CB    . LEU A 1 12  ? 3.273   -2.495  5.387   1.00 12.09 ? 26  LEU A CB    1 
ATOM   72   C  CG    . LEU A 1 12  ? 4.578   -3.149  4.907   1.00 11.94 ? 26  LEU A CG    1 
ATOM   73   C  CD1   . LEU A 1 12  ? 5.743   -2.217  5.159   1.00 12.20 ? 26  LEU A CD1   1 
ATOM   74   C  CD2   . LEU A 1 12  ? 4.782   -4.513  5.613   1.00 11.85 ? 26  LEU A CD2   1 
ATOM   75   N  N     . GLY A 1 13  ? 0.311   -2.792  6.526   1.00 9.40  ? 27  GLY A N     1 
ATOM   76   C  CA    . GLY A 1 13  ? -0.813  -2.095  7.119   1.00 11.54 ? 27  GLY A CA    1 
ATOM   77   C  C     . GLY A 1 13  ? -1.630  -2.988  8.007   1.00 9.86  ? 27  GLY A C     1 
ATOM   78   O  O     . GLY A 1 13  ? -1.573  -4.210  7.897   1.00 11.16 ? 27  GLY A O     1 
ATOM   79   N  N     . GLU A 1 14  ? -2.407  -2.365  8.886   1.00 10.13 ? 28  GLU A N     1 
ATOM   80   C  CA    . GLU A 1 14  ? -3.265  -3.103  9.805   1.00 10.04 ? 28  GLU A CA    1 
ATOM   81   C  C     . GLU A 1 14  ? -4.192  -4.061  9.056   1.00 11.17 ? 28  GLU A C     1 
ATOM   82   O  O     . GLU A 1 14  ? -4.583  -3.811  7.904   1.00 11.68 ? 28  GLU A O     1 
ATOM   83   C  CB    . GLU A 1 14  ? -4.089  -2.098  10.610  1.00 11.80 ? 28  GLU A CB    1 
ATOM   84   C  CG    . GLU A 1 14  ? -5.080  -2.714  11.593  1.00 13.17 ? 28  GLU A CG    1 
ATOM   85   C  CD    . GLU A 1 14  ? -5.735  -1.644  12.430  1.00 19.36 ? 28  GLU A CD    1 
ATOM   86   O  OE1   . GLU A 1 14  ? -5.058  -1.124  13.337  1.00 21.15 ? 28  GLU A OE1   1 
ATOM   87   O  OE2   . GLU A 1 14  ? -6.909  -1.309  12.188  1.00 22.37 ? 28  GLU A OE2   1 
ATOM   88   N  N     . SER A 1 15  ? -4.516  -5.174  9.701   1.00 10.58 ? 29  SER A N     1 
ATOM   89   C  CA    . SER A 1 15  ? -5.430  -6.147  9.110   1.00 11.35 ? 29  SER A CA    1 
ATOM   90   C  C     . SER A 1 15  ? -6.782  -5.487  8.805   1.00 12.77 ? 29  SER A C     1 
ATOM   91   O  O     . SER A 1 15  ? -7.277  -4.634  9.569   1.00 12.67 ? 29  SER A O     1 
ATOM   92   C  CB    . SER A 1 15  ? -5.622  -7.320  10.067  1.00 9.83  ? 29  SER A CB    1 
ATOM   93   O  OG    . SER A 1 15  ? -6.542  -8.263  9.541   1.00 12.71 ? 29  SER A OG    1 
ATOM   94   N  N     . GLU A 1 16  ? -7.349  -5.863  7.663   1.00 11.34 ? 30  GLU A N     1 
ATOM   95   C  CA    . GLU A 1 16  ? -8.660  -5.419  7.175   1.00 11.87 ? 30  GLU A CA    1 
ATOM   96   C  C     . GLU A 1 16  ? -8.724  -4.048  6.516   1.00 11.23 ? 30  GLU A C     1 
ATOM   97   O  O     . GLU A 1 16  ? -9.806  -3.596  6.154   1.00 11.09 ? 30  GLU A O     1 
ATOM   98   C  CB    . GLU A 1 16  ? -9.718  -5.513  8.288   1.00 12.55 ? 30  GLU A CB    1 
ATOM   99   C  CG    . GLU A 1 16  ? -9.867  -6.928  8.814   1.00 17.10 ? 30  GLU A CG    1 
ATOM   100  C  CD    . GLU A 1 16  ? -10.935 -7.076  9.866   1.00 25.84 ? 30  GLU A CD    1 
ATOM   101  O  OE1   . GLU A 1 16  ? -10.884 -8.081  10.602  1.00 33.91 ? 30  GLU A OE1   1 
ATOM   102  O  OE2   . GLU A 1 16  ? -11.835 -6.219  9.960   1.00 28.01 ? 30  GLU A OE2   1 
ATOM   103  N  N     . VAL A 1 17  ? -7.584  -3.397  6.324   1.00 9.51  ? 31  VAL A N     1 
ATOM   104  C  CA    . VAL A 1 17  ? -7.611  -2.094  5.669   1.00 10.57 ? 31  VAL A CA    1 
ATOM   105  C  C     . VAL A 1 17  ? -7.806  -2.215  4.168   1.00 8.88  ? 31  VAL A C     1 
ATOM   106  O  O     . VAL A 1 17  ? -8.222  -1.239  3.530   1.00 11.18 ? 31  VAL A O     1 
ATOM   107  C  CB    . VAL A 1 17  ? -6.359  -1.242  5.948   1.00 9.43  ? 31  VAL A CB    1 
ATOM   108  C  CG1   . VAL A 1 17  ? -6.235  -1.017  7.476   1.00 11.91 ? 31  VAL A CG1   1 
ATOM   109  C  CG2   . VAL A 1 17  ? -5.095  -1.903  5.358   1.00 9.32  ? 31  VAL A CG2   1 
ATOM   110  N  N     . GLY A 1 18  ? -7.533  -3.399  3.607   1.00 9.52  ? 32  GLY A N     1 
ATOM   111  C  CA    . GLY A 1 18  ? -7.736  -3.615  2.177   1.00 9.49  ? 32  GLY A CA    1 
ATOM   112  C  C     . GLY A 1 18  ? -6.502  -3.807  1.318   1.00 8.10  ? 32  GLY A C     1 
ATOM   113  O  O     . GLY A 1 18  ? -6.540  -3.537  0.110   1.00 10.38 ? 32  GLY A O     1 
ATOM   114  N  N     . LYS A 1 19  ? -5.400  -4.235  1.927   1.00 9.32  ? 33  LYS A N     1 
ATOM   115  C  CA    . LYS A 1 19  ? -4.171  -4.477  1.188   1.00 8.44  ? 33  LYS A CA    1 
ATOM   116  C  C     . LYS A 1 19  ? -4.377  -5.519  0.078   1.00 11.44 ? 33  LYS A C     1 
ATOM   117  O  O     . LYS A 1 19  ? -4.010  -5.285  -1.078  1.00 10.67 ? 33  LYS A O     1 
ATOM   118  C  CB    . LYS A 1 19  ? -3.081  -4.979  2.143   1.00 9.06  ? 33  LYS A CB    1 
ATOM   119  C  CG    . LYS A 1 19  ? -2.635  -3.939  3.168   1.00 9.93  ? 33  LYS A CG    1 
ATOM   120  C  CD    . LYS A 1 19  ? -1.501  -4.453  4.072   1.00 11.46 ? 33  LYS A CD    1 
ATOM   121  C  CE    . LYS A 1 19  ? -1.935  -5.717  4.882   1.00 12.57 ? 33  LYS A CE    1 
ATOM   122  N  NZ    . LYS A 1 19  ? -3.132  -5.454  5.766   1.00 11.55 ? 33  LYS A NZ    1 
ATOM   123  N  N     . SER A 1 20  ? -4.957  -6.666  0.416   1.00 10.45 ? 34  SER A N     1 
ATOM   124  C  CA    . SER A 1 20  ? -5.155  -7.691  -0.614  1.00 7.74  ? 34  SER A CA    1 
ATOM   125  C  C     . SER A 1 20  ? -6.131  -7.228  -1.673  1.00 10.40 ? 34  SER A C     1 
ATOM   126  O  O     . SER A 1 20  ? -5.966  -7.532  -2.861  1.00 11.60 ? 34  SER A O     1 
ATOM   127  C  CB    . SER A 1 20  ? -5.648  -8.979  0.032   1.00 7.39  ? 34  SER A CB    1 
ATOM   128  O  OG    . SER A 1 20  ? -4.663  -9.475  0.930   1.00 11.63 ? 34  SER A OG    1 
ATOM   129  N  N     . SER A 1 21  ? -7.155  -6.495  -1.250  1.00 10.27 ? 35  SER A N     1 
ATOM   130  C  CA    . SER A 1 21  ? -8.124  -5.987  -2.216  1.00 9.64  ? 35  SER A CA    1 
ATOM   131  C  C     . SER A 1 21  ? -7.478  -4.998  -3.181  1.00 11.10 ? 35  SER A C     1 
ATOM   132  O  O     . SER A 1 21  ? -7.791  -4.999  -4.378  1.00 10.74 ? 35  SER A O     1 
ATOM   133  C  CB    . SER A 1 21  ? -9.296  -5.331  -1.483  1.00 9.53  ? 35  SER A CB    1 
ATOM   134  O  OG    . SER A 1 21  ? -9.996  -6.307  -0.716  1.00 10.54 ? 35  SER A OG    1 
ATOM   135  N  N     . LEU A 1 22  ? -6.582  -4.148  -2.666  1.00 11.48 ? 36  LEU A N     1 
ATOM   136  C  CA    . LEU A 1 22  ? -5.891  -3.180  -3.513  1.00 10.71 ? 36  LEU A CA    1 
ATOM   137  C  C     . LEU A 1 22  ? -5.035  -3.898  -4.558  1.00 12.20 ? 36  LEU A C     1 
ATOM   138  O  O     . LEU A 1 22  ? -5.082  -3.566  -5.746  1.00 11.97 ? 36  LEU A O     1 
ATOM   139  C  CB    . LEU A 1 22  ? -5.006  -2.264  -2.658  1.00 11.63 ? 36  LEU A CB    1 
ATOM   140  C  CG    . LEU A 1 22  ? -5.737  -1.077  -2.019  1.00 14.41 ? 36  LEU A CG    1 
ATOM   141  C  CD1   . LEU A 1 22  ? -4.829  -0.395  -0.979  1.00 17.47 ? 36  LEU A CD1   1 
ATOM   142  C  CD2   . LEU A 1 22  ? -6.127  -0.065  -3.128  1.00 16.49 ? 36  LEU A CD2   1 
ATOM   143  N  N     . VAL A 1 23  ? -4.262  -4.892  -4.121  1.00 12.56 ? 37  VAL A N     1 
ATOM   144  C  CA    . VAL A 1 23  ? -3.419  -5.605  -5.077  1.00 14.26 ? 37  VAL A CA    1 
ATOM   145  C  C     . VAL A 1 23  ? -4.278  -6.390  -6.065  1.00 14.24 ? 37  VAL A C     1 
ATOM   146  O  O     . VAL A 1 23  ? -3.955  -6.430  -7.264  1.00 13.61 ? 37  VAL A O     1 
ATOM   147  C  CB    A VAL A 1 23  ? -2.462  -6.588  -4.370  0.50 14.10 ? 37  VAL A CB    1 
ATOM   148  C  CB    B VAL A 1 23  ? -2.405  -6.543  -4.372  0.50 14.45 ? 37  VAL A CB    1 
ATOM   149  C  CG1   A VAL A 1 23  ? -1.464  -7.156  -5.383  0.50 20.29 ? 37  VAL A CG1   1 
ATOM   150  C  CG1   B VAL A 1 23  ? -3.114  -7.608  -3.596  0.50 14.82 ? 37  VAL A CG1   1 
ATOM   151  C  CG2   A VAL A 1 23  ? -1.712  -5.884  -3.265  0.50 15.71 ? 37  VAL A CG2   1 
ATOM   152  C  CG2   B VAL A 1 23  ? -1.477  -7.170  -5.412  0.50 20.38 ? 37  VAL A CG2   1 
ATOM   153  N  N     . LEU A 1 24  ? -5.358  -7.016  -5.594  1.00 12.96 ? 38  LEU A N     1 
ATOM   154  C  CA    . LEU A 1 24  ? -6.215  -7.758  -6.540  1.00 12.93 ? 38  LEU A CA    1 
ATOM   155  C  C     . LEU A 1 24  ? -6.840  -6.820  -7.560  1.00 13.70 ? 38  LEU A C     1 
ATOM   156  O  O     . LEU A 1 24  ? -6.968  -7.166  -8.738  1.00 13.29 ? 38  LEU A O     1 
ATOM   157  C  CB    . LEU A 1 24  ? -7.308  -8.541  -5.817  1.00 13.66 ? 38  LEU A CB    1 
ATOM   158  C  CG    . LEU A 1 24  ? -6.810  -9.790  -5.072  1.00 17.18 ? 38  LEU A CG    1 
ATOM   159  C  CD1   . LEU A 1 24  ? -7.925  -10.287 -4.179  1.00 17.38 ? 38  LEU A CD1   1 
ATOM   160  C  CD2   . LEU A 1 24  ? -6.359  -10.895 -6.056  1.00 19.04 ? 38  LEU A CD2   1 
ATOM   161  N  N     . ARG A 1 25  ? -7.220  -5.617  -7.137  1.00 12.35 ? 39  ARG A N     1 
ATOM   162  C  CA    . ARG A 1 25  ? -7.802  -4.688  -8.092  1.00 11.81 ? 39  ARG A CA    1 
ATOM   163  C  C     . ARG A 1 25  ? -6.769  -4.280  -9.147  1.00 12.58 ? 39  ARG A C     1 
ATOM   164  O  O     . ARG A 1 25  ? -7.062  -4.272  -10.340 1.00 12.56 ? 39  ARG A O     1 
ATOM   165  C  CB    A ARG A 1 25  ? -8.321  -3.436  -7.371  0.50 13.40 ? 39  ARG A CB    1 
ATOM   166  C  CB    B ARG A 1 25  ? -8.321  -3.442  -7.381  0.50 13.97 ? 39  ARG A CB    1 
ATOM   167  C  CG    A ARG A 1 25  ? -8.651  -2.262  -8.311  0.50 12.54 ? 39  ARG A CG    1 
ATOM   168  C  CG    B ARG A 1 25  ? -9.221  -2.613  -8.274  0.50 17.94 ? 39  ARG A CG    1 
ATOM   169  C  CD    A ARG A 1 25  ? -9.841  -2.571  -9.228  0.50 16.26 ? 39  ARG A CD    1 
ATOM   170  C  CD    B ARG A 1 25  ? -10.547 -3.345  -8.477  0.50 20.06 ? 39  ARG A CD    1 
ATOM   171  N  NE    A ARG A 1 25  ? -11.102 -2.574  -8.488  0.50 18.78 ? 39  ARG A NE    1 
ATOM   172  N  NE    B ARG A 1 25  ? -11.365 -2.768  -9.536  0.50 22.39 ? 39  ARG A NE    1 
ATOM   173  C  CZ    A ARG A 1 25  ? -12.299 -2.748  -9.039  0.50 21.17 ? 39  ARG A CZ    1 
ATOM   174  C  CZ    B ARG A 1 25  ? -12.682 -2.596  -9.453  0.50 21.25 ? 39  ARG A CZ    1 
ATOM   175  N  NH1   A ARG A 1 25  ? -12.412 -2.939  -10.349 0.50 17.74 ? 39  ARG A NH1   1 
ATOM   176  N  NH1   B ARG A 1 25  ? -13.331 -2.949  -8.352  0.50 18.11 ? 39  ARG A NH1   1 
ATOM   177  N  NH2   A ARG A 1 25  ? -13.384 -2.735  -8.281  0.50 16.99 ? 39  ARG A NH2   1 
ATOM   178  N  NH2   B ARG A 1 25  ? -13.354 -2.096  -10.485 0.50 20.76 ? 39  ARG A NH2   1 
ATOM   179  N  N     . PHE A 1 26  ? -5.563  -3.940  -8.700  1.00 11.88 ? 40  PHE A N     1 
ATOM   180  C  CA    . PHE A 1 26  ? -4.491  -3.534  -9.610  1.00 11.14 ? 40  PHE A CA    1 
ATOM   181  C  C     . PHE A 1 26  ? -4.012  -4.654  -10.521 1.00 12.81 ? 40  PHE A C     1 
ATOM   182  O  O     . PHE A 1 26  ? -3.833  -4.442  -11.718 1.00 15.56 ? 40  PHE A O     1 
ATOM   183  C  CB    . PHE A 1 26  ? -3.292  -3.018  -8.794  1.00 11.72 ? 40  PHE A CB    1 
ATOM   184  C  CG    . PHE A 1 26  ? -2.110  -2.607  -9.631  1.00 13.10 ? 40  PHE A CG    1 
ATOM   185  C  CD1   . PHE A 1 26  ? -2.235  -1.616  -10.610 1.00 14.47 ? 40  PHE A CD1   1 
ATOM   186  C  CD2   . PHE A 1 26  ? -0.865  -3.185  -9.410  1.00 11.70 ? 40  PHE A CD2   1 
ATOM   187  C  CE1   . PHE A 1 26  ? -1.118  -1.199  -11.364 1.00 13.23 ? 40  PHE A CE1   1 
ATOM   188  C  CE2   . PHE A 1 26  ? 0.252   -2.780  -10.152 1.00 12.63 ? 40  PHE A CE2   1 
ATOM   189  C  CZ    . PHE A 1 26  ? 0.108   -1.782  -11.132 1.00 12.65 ? 40  PHE A CZ    1 
ATOM   190  N  N     . VAL A 1 27  ? -3.818  -5.840  -9.960  1.00 13.70 ? 41  VAL A N     1 
ATOM   191  C  CA    . VAL A 1 27  ? -3.289  -6.962  -10.736 1.00 15.47 ? 41  VAL A CA    1 
ATOM   192  C  C     . VAL A 1 27  ? -4.305  -7.721  -11.570 1.00 16.57 ? 41  VAL A C     1 
ATOM   193  O  O     . VAL A 1 27  ? -4.062  -7.996  -12.747 1.00 18.38 ? 41  VAL A O     1 
ATOM   194  C  CB    . VAL A 1 27  ? -2.572  -7.977  -9.804  1.00 15.25 ? 41  VAL A CB    1 
ATOM   195  C  CG1   . VAL A 1 27  ? -2.046  -9.161  -10.608 1.00 19.77 ? 41  VAL A CG1   1 
ATOM   196  C  CG2   . VAL A 1 27  ? -1.426  -7.287  -9.053  1.00 17.79 ? 41  VAL A CG2   1 
ATOM   197  N  N     . LYS A 1 28  ? -5.447  -8.037  -10.975 1.00 18.08 ? 42  LYS A N     1 
ATOM   198  C  CA    . LYS A 1 28  ? -6.467  -8.850  -11.641 1.00 18.53 ? 42  LYS A CA    1 
ATOM   199  C  C     . LYS A 1 28  ? -7.768  -8.130  -12.003 1.00 16.84 ? 42  LYS A C     1 
ATOM   200  O  O     . LYS A 1 28  ? -8.657  -8.741  -12.595 1.00 17.13 ? 42  LYS A O     1 
ATOM   201  C  CB    . LYS A 1 28  ? -6.790  -10.057 -10.746 1.00 15.21 ? 42  LYS A CB    1 
ATOM   202  C  CG    . LYS A 1 28  ? -5.578  -10.924 -10.341 1.00 18.01 ? 42  LYS A CG    1 
ATOM   203  C  CD    . LYS A 1 28  ? -6.016  -12.169 -9.566  1.00 22.80 ? 42  LYS A CD    1 
ATOM   204  C  CE    . LYS A 1 28  ? -4.827  -13.016 -9.142  1.00 27.81 ? 42  LYS A CE    1 
ATOM   205  N  NZ    . LYS A 1 28  ? -5.269  -14.304 -8.499  1.00 34.13 ? 42  LYS A NZ    1 
ATOM   206  N  N     . GLY A 1 29  ? -7.888  -6.851  -11.648 1.00 15.18 ? 43  GLY A N     1 
ATOM   207  C  CA    . GLY A 1 29  ? -9.117  -6.127  -11.922 1.00 15.02 ? 43  GLY A CA    1 
ATOM   208  C  C     . GLY A 1 29  ? -10.256 -6.723  -11.095 1.00 16.11 ? 43  GLY A C     1 
ATOM   209  O  O     . GLY A 1 29  ? -11.430 -6.616  -11.466 1.00 17.24 ? 43  GLY A O     1 
ATOM   210  N  N     . GLN A 1 30  ? -9.912  -7.352  -9.974  1.00 16.31 ? 44  GLN A N     1 
ATOM   211  C  CA    . GLN A 1 30  ? -10.924 -7.971  -9.114  1.00 15.60 ? 44  GLN A CA    1 
ATOM   212  C  C     . GLN A 1 30  ? -11.115 -7.248  -7.785  1.00 15.68 ? 44  GLN A C     1 
ATOM   213  O  O     . GLN A 1 30  ? -10.242 -6.531  -7.325  1.00 15.31 ? 44  GLN A O     1 
ATOM   214  C  CB    . GLN A 1 30  ? -10.538 -9.422  -8.778  1.00 20.08 ? 44  GLN A CB    1 
ATOM   215  C  CG    . GLN A 1 30  ? -10.197 -10.283 -9.977  1.00 19.53 ? 44  GLN A CG    1 
ATOM   216  C  CD    . GLN A 1 30  ? -9.800  -11.711 -9.616  1.00 23.50 ? 44  GLN A CD    1 
ATOM   217  O  OE1   . GLN A 1 30  ? -9.469  -12.014 -8.469  1.00 23.03 ? 44  GLN A OE1   1 
ATOM   218  N  NE2   . GLN A 1 30  ? -9.819  -12.593 -10.609 1.00 25.24 ? 44  GLN A NE2   1 
ATOM   219  N  N     . PHE A 1 31  ? -12.298 -7.433  -7.200  1.00 16.38 ? 45  PHE A N     1 
ATOM   220  C  CA    . PHE A 1 31  ? -12.593 -6.923  -5.864  1.00 12.57 ? 45  PHE A CA    1 
ATOM   221  C  C     . PHE A 1 31  ? -13.564 -7.916  -5.243  1.00 13.11 ? 45  PHE A C     1 
ATOM   222  O  O     . PHE A 1 31  ? -14.608 -8.232  -5.826  1.00 13.50 ? 45  PHE A O     1 
ATOM   223  C  CB    . PHE A 1 31  ? -13.240 -5.531  -5.845  1.00 14.78 ? 45  PHE A CB    1 
ATOM   224  C  CG    . PHE A 1 31  ? -13.681 -5.120  -4.459  1.00 12.05 ? 45  PHE A CG    1 
ATOM   225  C  CD1   . PHE A 1 31  ? -12.750 -4.736  -3.495  1.00 14.18 ? 45  PHE A CD1   1 
ATOM   226  C  CD2   . PHE A 1 31  ? -15.021 -5.218  -4.084  1.00 13.48 ? 45  PHE A CD2   1 
ATOM   227  C  CE1   . PHE A 1 31  ? -13.150 -4.464  -2.164  1.00 13.17 ? 45  PHE A CE1   1 
ATOM   228  C  CE2   . PHE A 1 31  ? -15.428 -4.950  -2.768  1.00 12.53 ? 45  PHE A CE2   1 
ATOM   229  C  CZ    . PHE A 1 31  ? -14.478 -4.572  -1.806  1.00 12.72 ? 45  PHE A CZ    1 
ATOM   230  N  N     . HIS A 1 32  ? -13.221 -8.400  -4.060  1.00 11.92 ? 46  HIS A N     1 
ATOM   231  C  CA    . HIS A 1 32  ? -14.082 -9.370  -3.366  1.00 13.19 ? 46  HIS A CA    1 
ATOM   232  C  C     . HIS A 1 32  ? -14.566 -8.799  -2.063  1.00 12.78 ? 46  HIS A C     1 
ATOM   233  O  O     . HIS A 1 32  ? -13.769 -8.453  -1.192  1.00 13.27 ? 46  HIS A O     1 
ATOM   234  C  CB    . HIS A 1 32  ? -13.308 -10.651 -3.097  1.00 12.91 ? 46  HIS A CB    1 
ATOM   235  C  CG    . HIS A 1 32  ? -12.710 -11.254 -4.329  1.00 14.04 ? 46  HIS A CG    1 
ATOM   236  N  ND1   . HIS A 1 32  ? -11.441 -11.790 -4.346  1.00 16.44 ? 46  HIS A ND1   1 
ATOM   237  C  CD2   . HIS A 1 32  ? -13.185 -11.366 -5.593  1.00 13.87 ? 46  HIS A CD2   1 
ATOM   238  C  CE1   . HIS A 1 32  ? -11.156 -12.195 -5.570  1.00 14.35 ? 46  HIS A CE1   1 
ATOM   239  N  NE2   . HIS A 1 32  ? -12.193 -11.949 -6.344  1.00 16.61 ? 46  HIS A NE2   1 
ATOM   240  N  N     . GLU A 1 33  ? -15.882 -8.674  -1.951  1.00 13.56 ? 47  GLU A N     1 
ATOM   241  C  CA    . GLU A 1 33  ? -16.515 -8.173  -0.746  1.00 15.25 ? 47  GLU A CA    1 
ATOM   242  C  C     . GLU A 1 33  ? -16.159 -9.071  0.447   1.00 14.09 ? 47  GLU A C     1 
ATOM   243  O  O     . GLU A 1 33  ? -16.122 -8.613  1.584   1.00 14.03 ? 47  GLU A O     1 
ATOM   244  C  CB    A GLU A 1 33  ? -18.038 -8.131  -0.928  0.50 19.04 ? 47  GLU A CB    1 
ATOM   245  C  CB    B GLU A 1 33  ? -18.040 -8.145  -0.934  0.50 18.95 ? 47  GLU A CB    1 
ATOM   246  C  CG    A GLU A 1 33  ? -18.793 -7.416  0.197   0.50 27.72 ? 47  GLU A CG    1 
ATOM   247  C  CG    B GLU A 1 33  ? -18.824 -7.693  0.294   0.50 27.72 ? 47  GLU A CG    1 
ATOM   248  C  CD    A GLU A 1 33  ? -18.434 -5.940  0.323   0.50 31.11 ? 47  GLU A CD    1 
ATOM   249  C  CD    B GLU A 1 33  ? -20.327 -7.622  0.048   0.50 31.04 ? 47  GLU A CD    1 
ATOM   250  O  OE1   A GLU A 1 33  ? -18.661 -5.178  -0.646  0.50 32.99 ? 47  GLU A OE1   1 
ATOM   251  O  OE1   B GLU A 1 33  ? -20.812 -8.289  -0.889  0.50 34.26 ? 47  GLU A OE1   1 
ATOM   252  O  OE2   A GLU A 1 33  ? -17.925 -5.547  1.397   0.50 31.99 ? 47  GLU A OE2   1 
ATOM   253  O  OE2   B GLU A 1 33  ? -21.028 -6.912  0.806   0.50 35.44 ? 47  GLU A OE2   1 
ATOM   254  N  N     . PHE A 1 34  ? -15.864 -10.344 0.184   1.00 13.73 ? 48  PHE A N     1 
ATOM   255  C  CA    A PHE A 1 34  ? -15.516 -11.266 1.231   0.60 15.94 ? 48  PHE A CA    1 
ATOM   256  C  CA    B PHE A 1 34  ? -15.549 -11.262 1.289   0.40 15.42 ? 48  PHE A CA    1 
ATOM   257  C  C     A PHE A 1 34  ? -14.111 -11.720 0.849   0.60 16.06 ? 48  PHE A C     1 
ATOM   258  C  C     B PHE A 1 34  ? -14.136 -11.832 1.434   0.40 15.64 ? 48  PHE A C     1 
ATOM   259  O  O     A PHE A 1 34  ? -13.924 -12.566 -0.023  0.60 18.89 ? 48  PHE A O     1 
ATOM   260  O  O     B PHE A 1 34  ? -13.963 -12.967 1.866   0.40 15.89 ? 48  PHE A O     1 
ATOM   261  C  CB    . PHE A 1 34  ? -16.525 -12.436 1.265   1.00 16.36 ? 48  PHE A CB    1 
ATOM   262  C  CG    . PHE A 1 34  ? -17.973 -12.010 1.115   1.00 17.77 ? 48  PHE A CG    1 
ATOM   263  C  CD1   . PHE A 1 34  ? -18.603 -12.057 -0.127  1.00 22.73 ? 48  PHE A CD1   1 
ATOM   264  C  CD2   . PHE A 1 34  ? -18.675 -11.499 2.196   1.00 26.64 ? 48  PHE A CD2   1 
ATOM   265  C  CE1   . PHE A 1 34  ? -19.911 -11.596 -0.293  1.00 23.73 ? 48  PHE A CE1   1 
ATOM   266  C  CE2   . PHE A 1 34  ? -19.983 -11.034 2.046   1.00 26.01 ? 48  PHE A CE2   1 
ATOM   267  C  CZ    . PHE A 1 34  ? -20.602 -11.081 0.803   1.00 27.41 ? 48  PHE A CZ    1 
ATOM   268  N  N     A GLN A 1 35  ? -13.113 -11.089 1.454   0.60 18.58 ? 49  GLN A N     1 
ATOM   269  N  N     B GLN A 1 35  ? -13.131 -11.041 1.113   0.40 16.54 ? 49  GLN A N     1 
ATOM   270  C  CA    . GLN A 1 35  ? -11.725 -11.446 1.190   1.00 15.74 ? 49  GLN A CA    1 
ATOM   271  C  C     . GLN A 1 35  ? -11.200 -11.997 2.525   1.00 17.93 ? 49  GLN A C     1 
ATOM   272  O  O     . GLN A 1 35  ? -11.260 -11.315 3.550   1.00 21.54 ? 49  GLN A O     1 
ATOM   273  C  CB    . GLN A 1 35  ? -10.891 -10.227 0.793   1.00 13.06 ? 49  GLN A CB    1 
ATOM   274  C  CG    . GLN A 1 35  ? -9.486  -10.565 0.291   1.00 11.88 ? 49  GLN A CG    1 
ATOM   275  C  CD    . GLN A 1 35  ? -9.512  -11.309 -1.037  1.00 14.49 ? 49  GLN A CD    1 
ATOM   276  O  OE1   . GLN A 1 35  ? -10.191 -10.895 -1.981  1.00 14.73 ? 49  GLN A OE1   1 
ATOM   277  N  NE2   . GLN A 1 35  ? -8.750  -12.399 -1.122  1.00 15.40 ? 49  GLN A NE2   1 
ATOM   278  N  N     . GLU A 1 36  ? -10.658 -13.206 2.508   1.00 16.44 ? 50  GLU A N     1 
ATOM   279  C  CA    . GLU A 1 36  ? -10.120 -13.835 3.710   1.00 21.27 ? 50  GLU A CA    1 
ATOM   280  C  C     . GLU A 1 36  ? -8.831  -13.124 4.174   1.00 17.77 ? 50  GLU A C     1 
ATOM   281  O  O     . GLU A 1 36  ? -8.015  -12.703 3.355   1.00 16.69 ? 50  GLU A O     1 
ATOM   282  C  CB    A GLU A 1 36  ? -9.825  -15.318 3.431   0.50 24.96 ? 50  GLU A CB    1 
ATOM   283  C  CB    B GLU A 1 36  ? -9.829  -15.305 3.402   0.50 25.01 ? 50  GLU A CB    1 
ATOM   284  C  CG    A GLU A 1 36  ? -9.726  -16.217 4.670   0.50 34.08 ? 50  GLU A CG    1 
ATOM   285  C  CG    B GLU A 1 36  ? -9.084  -16.066 4.472   0.50 33.26 ? 50  GLU A CG    1 
ATOM   286  C  CD    A GLU A 1 36  ? -11.081 -16.695 5.187   0.50 36.33 ? 50  GLU A CD    1 
ATOM   287  C  CD    B GLU A 1 36  ? -8.752  -17.478 4.030   0.50 36.18 ? 50  GLU A CD    1 
ATOM   288  O  OE1   A GLU A 1 36  ? -11.808 -17.383 4.435   0.50 38.95 ? 50  GLU A OE1   1 
ATOM   289  O  OE1   B GLU A 1 36  ? -8.186  -17.637 2.926   0.50 37.71 ? 50  GLU A OE1   1 
ATOM   290  O  OE2   A GLU A 1 36  ? -11.416 -16.393 6.352   0.50 39.03 ? 50  GLU A OE2   1 
ATOM   291  O  OE2   B GLU A 1 36  ? -9.049  -18.427 4.782   0.50 38.91 ? 50  GLU A OE2   1 
ATOM   292  N  N     . SER A 1 37  ? -8.652  -12.993 5.485   1.00 15.22 ? 51  SER A N     1 
ATOM   293  C  CA    . SER A 1 37  ? -7.440  -12.388 6.028   1.00 17.18 ? 51  SER A CA    1 
ATOM   294  C  C     . SER A 1 37  ? -6.233  -13.193 5.536   1.00 19.02 ? 51  SER A C     1 
ATOM   295  O  O     . SER A 1 37  ? -6.259  -14.434 5.472   1.00 19.46 ? 51  SER A O     1 
ATOM   296  C  CB    A SER A 1 37  ? -7.529  -12.406 7.564   0.50 19.11 ? 51  SER A CB    1 
ATOM   297  C  CB    B SER A 1 37  ? -7.454  -12.387 7.559   0.50 19.41 ? 51  SER A CB    1 
ATOM   298  O  OG    A SER A 1 37  ? -6.458  -11.730 8.188   0.50 18.71 ? 51  SER A OG    1 
ATOM   299  O  OG    B SER A 1 37  ? -8.225  -11.317 8.060   0.50 22.16 ? 51  SER A OG    1 
ATOM   300  N  N     . THR A 1 38  ? -5.167  -12.483 5.203   1.00 15.06 ? 52  THR A N     1 
ATOM   301  C  CA    . THR A 1 38  ? -3.959  -13.095 4.674   1.00 16.53 ? 52  THR A CA    1 
ATOM   302  C  C     . THR A 1 38  ? -3.150  -13.742 5.795   1.00 15.21 ? 52  THR A C     1 
ATOM   303  O  O     . THR A 1 38  ? -2.942  -13.145 6.842   1.00 18.19 ? 52  THR A O     1 
ATOM   304  C  CB    . THR A 1 38  ? -3.129  -12.010 3.933   1.00 15.77 ? 52  THR A CB    1 
ATOM   305  O  OG1   . THR A 1 38  ? -3.940  -11.438 2.897   1.00 12.36 ? 52  THR A OG1   1 
ATOM   306  C  CG2   . THR A 1 38  ? -1.857  -12.598 3.312   1.00 19.20 ? 52  THR A CG2   1 
ATOM   307  N  N     . ILE A 1 39  ? -2.721  -14.977 5.579   1.00 21.81 ? 53  ILE A N     1 
ATOM   308  C  CA    . ILE A 1 39  ? -1.932  -15.672 6.589   1.00 27.35 ? 53  ILE A CA    1 
ATOM   309  C  C     . ILE A 1 39  ? -0.479  -15.541 6.157   1.00 26.97 ? 53  ILE A C     1 
ATOM   310  O  O     . ILE A 1 39  ? 0.318   -14.828 6.765   1.00 33.96 ? 53  ILE A O     1 
ATOM   311  C  CB    . ILE A 1 39  ? -2.318  -17.165 6.670   1.00 32.51 ? 53  ILE A CB    1 
ATOM   312  C  CG1   . ILE A 1 39  ? -3.795  -17.312 7.042   1.00 34.88 ? 53  ILE A CG1   1 
ATOM   313  C  CG2   . ILE A 1 39  ? -1.467  -17.865 7.730   1.00 31.35 ? 53  ILE A CG2   1 
ATOM   314  C  CD1   . ILE A 1 39  ? -4.327  -18.722 6.864   1.00 36.98 ? 53  ILE A CD1   1 
ATOM   315  N  N     . GLY A 1 40  ? -0.154  -16.211 5.070   1.00 27.35 ? 54  GLY A N     1 
ATOM   316  C  CA    . GLY A 1 40  ? 1.195   -16.145 4.564   1.00 28.63 ? 54  GLY A CA    1 
ATOM   317  C  C     . GLY A 1 40  ? 1.189   -15.095 3.481   1.00 27.21 ? 54  GLY A C     1 
ATOM   318  O  O     . GLY A 1 40  ? 0.289   -15.081 2.638   1.00 30.87 ? 54  GLY A O     1 
ATOM   319  N  N     . ALA A 1 41  ? 2.168   -14.200 3.518   1.00 24.66 ? 55  ALA A N     1 
ATOM   320  C  CA    . ALA A 1 41  ? 2.266   -13.157 2.509   1.00 22.21 ? 55  ALA A CA    1 
ATOM   321  C  C     . ALA A 1 41  ? 2.032   -13.747 1.125   1.00 22.20 ? 55  ALA A C     1 
ATOM   322  O  O     . ALA A 1 41  ? 2.511   -14.840 0.817   1.00 25.81 ? 55  ALA A O     1 
ATOM   323  C  CB    . ALA A 1 41  ? 3.634   -12.510 2.564   1.00 23.62 ? 55  ALA A CB    1 
ATOM   324  N  N     . ALA A 1 42  ? 1.294   -13.022 0.291   1.00 17.53 ? 56  ALA A N     1 
ATOM   325  C  CA    . ALA A 1 42  ? 1.007   -13.464 -1.064  1.00 19.20 ? 56  ALA A CA    1 
ATOM   326  C  C     . ALA A 1 42  ? 1.861   -12.689 -2.056  1.00 19.91 ? 56  ALA A C     1 
ATOM   327  O  O     . ALA A 1 42  ? 2.245   -11.535 -1.816  1.00 17.85 ? 56  ALA A O     1 
ATOM   328  C  CB    . ALA A 1 42  ? -0.468  -13.274 -1.382  1.00 22.87 ? 56  ALA A CB    1 
ATOM   329  N  N     . PHE A 1 43  ? 2.158   -13.321 -3.186  1.00 19.06 ? 57  PHE A N     1 
ATOM   330  C  CA    . PHE A 1 43  ? 2.973   -12.705 -4.214  1.00 18.52 ? 57  PHE A CA    1 
ATOM   331  C  C     . PHE A 1 43  ? 2.206   -12.568 -5.517  1.00 19.01 ? 57  PHE A C     1 
ATOM   332  O  O     . PHE A 1 43  ? 1.585   -13.531 -5.975  1.00 19.33 ? 57  PHE A O     1 
ATOM   333  C  CB    . PHE A 1 43  ? 4.214   -13.555 -4.475  1.00 19.53 ? 57  PHE A CB    1 
ATOM   334  C  CG    . PHE A 1 43  ? 5.132   -12.978 -5.506  1.00 22.41 ? 57  PHE A CG    1 
ATOM   335  C  CD1   . PHE A 1 43  ? 5.955   -11.901 -5.188  1.00 25.57 ? 57  PHE A CD1   1 
ATOM   336  C  CD2   . PHE A 1 43  ? 5.181   -13.508 -6.792  1.00 25.84 ? 57  PHE A CD2   1 
ATOM   337  C  CE1   . PHE A 1 43  ? 6.822   -11.357 -6.141  1.00 26.14 ? 57  PHE A CE1   1 
ATOM   338  C  CE2   . PHE A 1 43  ? 6.045   -12.975 -7.758  1.00 29.49 ? 57  PHE A CE2   1 
ATOM   339  C  CZ    . PHE A 1 43  ? 6.868   -11.897 -7.430  1.00 27.06 ? 57  PHE A CZ    1 
ATOM   340  N  N     . LEU A 1 44  ? 2.257   -11.377 -6.117  1.00 16.54 ? 58  LEU A N     1 
ATOM   341  C  CA    . LEU A 1 44  ? 1.591   -11.133 -7.389  1.00 16.84 ? 58  LEU A CA    1 
ATOM   342  C  C     . LEU A 1 44  ? 2.470   -10.213 -8.229  1.00 16.78 ? 58  LEU A C     1 
ATOM   343  O  O     . LEU A 1 44  ? 3.355   -9.528  -7.701  1.00 16.82 ? 58  LEU A O     1 
ATOM   344  C  CB    . LEU A 1 44  ? 0.211   -10.477 -7.173  1.00 20.14 ? 58  LEU A CB    1 
ATOM   345  C  CG    . LEU A 1 44  ? -0.806  -11.203 -6.277  1.00 22.23 ? 58  LEU A CG    1 
ATOM   346  C  CD1   . LEU A 1 44  ? -0.478  -10.946 -4.796  1.00 27.75 ? 58  LEU A CD1   1 
ATOM   347  C  CD2   . LEU A 1 44  ? -2.196  -10.679 -6.568  1.00 25.98 ? 58  LEU A CD2   1 
ATOM   348  N  N     . THR A 1 45  ? 2.248   -10.204 -9.536  1.00 17.70 ? 59  THR A N     1 
ATOM   349  C  CA    . THR A 1 45  ? 3.027   -9.335  -10.400 1.00 18.77 ? 59  THR A CA    1 
ATOM   350  C  C     . THR A 1 45  ? 2.127   -8.648  -11.411 1.00 18.22 ? 59  THR A C     1 
ATOM   351  O  O     . THR A 1 45  ? 1.083   -9.179  -11.780 1.00 21.94 ? 59  THR A O     1 
ATOM   352  C  CB    A THR A 1 45  ? 4.106   -10.130 -11.171 0.50 21.90 ? 59  THR A CB    1 
ATOM   353  C  CB    B THR A 1 45  ? 4.124   -10.120 -11.135 0.50 22.15 ? 59  THR A CB    1 
ATOM   354  O  OG1   A THR A 1 45  ? 3.471   -11.056 -12.062 0.50 22.75 ? 59  THR A OG1   1 
ATOM   355  O  OG1   B THR A 1 45  ? 4.906   -9.215  -11.924 0.50 22.78 ? 59  THR A OG1   1 
ATOM   356  C  CG2   A THR A 1 45  ? 4.989   -10.909 -10.214 0.50 18.65 ? 59  THR A CG2   1 
ATOM   357  C  CG2   B THR A 1 45  ? 3.509   -11.181 -12.034 0.50 22.88 ? 59  THR A CG2   1 
ATOM   358  N  N     . GLN A 1 46  ? 2.526   -7.455  -11.844 1.00 19.97 ? 60  GLN A N     1 
ATOM   359  C  CA    . GLN A 1 46  ? 1.760   -6.692  -12.820 1.00 20.84 ? 60  GLN A CA    1 
ATOM   360  C  C     . GLN A 1 46  ? 2.693   -5.741  -13.548 1.00 22.74 ? 60  GLN A C     1 
ATOM   361  O  O     . GLN A 1 46  ? 3.670   -5.254  -12.977 1.00 21.65 ? 60  GLN A O     1 
ATOM   362  C  CB    . GLN A 1 46  ? 0.636   -5.903  -12.125 1.00 19.02 ? 60  GLN A CB    1 
ATOM   363  C  CG    . GLN A 1 46  ? -0.156  -4.955  -13.039 1.00 21.67 ? 60  GLN A CG    1 
ATOM   364  C  CD    . GLN A 1 46  ? -0.928  -5.681  -14.137 1.00 22.26 ? 60  GLN A CD    1 
ATOM   365  O  OE1   . GLN A 1 46  ? -0.341  -6.393  -14.951 1.00 25.54 ? 60  GLN A OE1   1 
ATOM   366  N  NE2   . GLN A 1 46  ? -2.248  -5.493  -14.166 1.00 24.49 ? 60  GLN A NE2   1 
ATOM   367  N  N     . THR A 1 47  ? 2.392   -5.476  -14.815 1.00 24.20 ? 61  THR A N     1 
ATOM   368  C  CA    . THR A 1 47  ? 3.208   -4.572  -15.611 1.00 29.77 ? 61  THR A CA    1 
ATOM   369  C  C     . THR A 1 47  ? 2.399   -3.356  -16.051 1.00 29.85 ? 61  THR A C     1 
ATOM   370  O  O     . THR A 1 47  ? 1.220   -3.471  -16.396 1.00 33.27 ? 61  THR A O     1 
ATOM   371  C  CB    . THR A 1 47  ? 3.755   -5.284  -16.848 1.00 29.66 ? 61  THR A CB    1 
ATOM   372  O  OG1   . THR A 1 47  ? 4.468   -6.458  -16.440 1.00 34.13 ? 61  THR A OG1   1 
ATOM   373  C  CG2   . THR A 1 47  ? 4.694   -4.372  -17.617 1.00 33.31 ? 61  THR A CG2   1 
ATOM   374  N  N     . VAL A 1 48  ? 3.025   -2.189  -16.023 1.00 29.91 ? 62  VAL A N     1 
ATOM   375  C  CA    . VAL A 1 48  ? 2.347   -0.973  -16.436 1.00 29.72 ? 62  VAL A CA    1 
ATOM   376  C  C     . VAL A 1 48  ? 3.168   -0.320  -17.529 1.00 33.52 ? 62  VAL A C     1 
ATOM   377  O  O     . VAL A 1 48  ? 4.369   -0.571  -17.653 1.00 33.86 ? 62  VAL A O     1 
ATOM   378  C  CB    . VAL A 1 48  ? 2.178   0.023   -15.266 1.00 32.08 ? 62  VAL A CB    1 
ATOM   379  C  CG1   . VAL A 1 48  ? 1.218   -0.557  -14.236 1.00 30.98 ? 62  VAL A CG1   1 
ATOM   380  C  CG2   . VAL A 1 48  ? 3.522   0.333   -14.647 1.00 31.50 ? 62  VAL A CG2   1 
ATOM   381  N  N     . CYS A 1 49  ? 2.515   0.512   -18.326 1.00 33.30 ? 63  CYS A N     1 
ATOM   382  C  CA    . CYS A 1 49  ? 3.193   1.182   -19.416 1.00 33.12 ? 63  CYS A CA    1 
ATOM   383  C  C     . CYS A 1 49  ? 3.303   2.681   -19.152 1.00 32.53 ? 63  CYS A C     1 
ATOM   384  O  O     . CYS A 1 49  ? 2.290   3.364   -19.010 1.00 31.83 ? 63  CYS A O     1 
ATOM   385  C  CB    . CYS A 1 49  ? 2.423   0.922   -20.718 1.00 32.18 ? 63  CYS A CB    1 
ATOM   386  S  SG    . CYS A 1 49  ? 3.200   1.584   -22.207 1.00 35.78 ? 63  CYS A SG    1 
ATOM   387  N  N     . LEU A 1 50  ? 4.536   3.182   -19.087 1.00 33.72 ? 64  LEU A N     1 
ATOM   388  C  CA    . LEU A 1 50  ? 4.784   4.608   -18.871 1.00 36.51 ? 64  LEU A CA    1 
ATOM   389  C  C     . LEU A 1 50  ? 5.114   5.294   -20.190 1.00 39.29 ? 64  LEU A C     1 
ATOM   390  O  O     . LEU A 1 50  ? 4.927   4.713   -21.261 1.00 42.90 ? 64  LEU A O     1 
ATOM   391  C  CB    . LEU A 1 50  ? 5.944   4.815   -17.896 1.00 37.91 ? 64  LEU A CB    1 
ATOM   392  C  CG    . LEU A 1 50  ? 5.669   4.464   -16.431 1.00 36.81 ? 64  LEU A CG    1 
ATOM   393  C  CD1   . LEU A 1 50  ? 6.937   4.637   -15.616 1.00 36.12 ? 64  LEU A CD1   1 
ATOM   394  C  CD2   . LEU A 1 50  ? 4.561   5.366   -15.897 1.00 37.08 ? 64  LEU A CD2   1 
ATOM   395  N  N     . ASP A 1 51  ? 5.605   6.526   -20.110 1.00 41.70 ? 65  ASP A N     1 
ATOM   396  C  CA    . ASP A 1 51  ? 5.963   7.302   -21.296 1.00 43.21 ? 65  ASP A CA    1 
ATOM   397  C  C     . ASP A 1 51  ? 6.882   6.532   -22.241 1.00 43.70 ? 65  ASP A C     1 
ATOM   398  O  O     . ASP A 1 51  ? 6.512   6.237   -23.380 1.00 47.14 ? 65  ASP A O     1 
ATOM   399  C  CB    . ASP A 1 51  ? 6.647   8.610   -20.891 0.00 42.68 ? 65  ASP A CB    1 
ATOM   400  C  CG    . ASP A 1 51  ? 7.088   9.432   -22.087 0.00 43.13 ? 65  ASP A CG    1 
ATOM   401  O  OD1   . ASP A 1 51  ? 6.216   9.834   -22.886 0.00 43.43 ? 65  ASP A OD1   1 
ATOM   402  O  OD2   . ASP A 1 51  ? 8.304   9.676   -22.231 0.00 43.39 ? 65  ASP A OD2   1 
ATOM   403  N  N     . ASP A 1 52  ? 8.077   6.200   -21.768 1.00 43.63 ? 66  ASP A N     1 
ATOM   404  C  CA    . ASP A 1 52  ? 9.034   5.484   -22.602 1.00 43.46 ? 66  ASP A CA    1 
ATOM   405  C  C     . ASP A 1 52  ? 9.615   4.263   -21.897 1.00 43.46 ? 66  ASP A C     1 
ATOM   406  O  O     . ASP A 1 52  ? 10.770  3.904   -22.127 1.00 44.86 ? 66  ASP A O     1 
ATOM   407  C  CB    . ASP A 1 52  ? 10.165  6.434   -23.017 0.00 43.13 ? 66  ASP A CB    1 
ATOM   408  C  CG    . ASP A 1 52  ? 11.048  5.857   -24.105 0.00 43.56 ? 66  ASP A CG    1 
ATOM   409  O  OD1   . ASP A 1 52  ? 10.531  5.593   -25.211 0.00 43.92 ? 66  ASP A OD1   1 
ATOM   410  O  OD2   . ASP A 1 52  ? 12.257  5.672   -23.857 0.00 43.91 ? 66  ASP A OD2   1 
ATOM   411  N  N     . THR A 1 53  ? 8.816   3.613   -21.055 1.00 40.50 ? 67  THR A N     1 
ATOM   412  C  CA    . THR A 1 53  ? 9.294   2.440   -20.327 1.00 38.81 ? 67  THR A CA    1 
ATOM   413  C  C     . THR A 1 53  ? 8.188   1.487   -19.865 1.00 37.58 ? 67  THR A C     1 
ATOM   414  O  O     . THR A 1 53  ? 7.063   1.901   -19.568 1.00 37.79 ? 67  THR A O     1 
ATOM   415  C  CB    . THR A 1 53  ? 10.098  2.862   -19.063 1.00 39.04 ? 67  THR A CB    1 
ATOM   416  O  OG1   . THR A 1 53  ? 11.145  3.766   -19.433 1.00 44.90 ? 67  THR A OG1   1 
ATOM   417  C  CG2   . THR A 1 53  ? 10.717  1.645   -18.386 1.00 40.33 ? 67  THR A CG2   1 
ATOM   418  N  N     . THR A 1 54  ? 8.528   0.203   -19.810 1.00 32.74 ? 68  THR A N     1 
ATOM   419  C  CA    . THR A 1 54  ? 7.618   -0.830  -19.335 1.00 33.79 ? 68  THR A CA    1 
ATOM   420  C  C     . THR A 1 54  ? 8.097   -1.171  -17.912 1.00 32.10 ? 68  THR A C     1 
ATOM   421  O  O     . THR A 1 54  ? 9.225   -1.630  -17.728 1.00 30.98 ? 68  THR A O     1 
ATOM   422  C  CB    . THR A 1 54  ? 7.691   -2.102  -20.225 1.00 36.31 ? 68  THR A CB    1 
ATOM   423  O  OG1   . THR A 1 54  ? 7.017   -1.863  -21.473 1.00 38.00 ? 68  THR A OG1   1 
ATOM   424  C  CG2   . THR A 1 54  ? 7.045   -3.289  -19.532 1.00 36.84 ? 68  THR A CG2   1 
ATOM   425  N  N     . VAL A 1 55  ? 7.249   -0.933  -16.912 1.00 27.48 ? 69  VAL A N     1 
ATOM   426  C  CA    . VAL A 1 55  ? 7.613   -1.215  -15.520 1.00 24.72 ? 69  VAL A CA    1 
ATOM   427  C  C     . VAL A 1 55  ? 6.900   -2.464  -14.992 1.00 24.81 ? 69  VAL A C     1 
ATOM   428  O  O     . VAL A 1 55  ? 5.675   -2.576  -15.066 1.00 25.21 ? 69  VAL A O     1 
ATOM   429  C  CB    . VAL A 1 55  ? 7.270   -0.007  -14.609 1.00 27.47 ? 69  VAL A CB    1 
ATOM   430  C  CG1   . VAL A 1 55  ? 7.548   -0.358  -13.148 1.00 24.71 ? 69  VAL A CG1   1 
ATOM   431  C  CG2   . VAL A 1 55  ? 8.082   1.226   -15.043 1.00 26.50 ? 69  VAL A CG2   1 
ATOM   432  N  N     . LYS A 1 56  ? 7.672   -3.409  -14.464 1.00 20.14 ? 70  LYS A N     1 
ATOM   433  C  CA    . LYS A 1 56  ? 7.092   -4.626  -13.917 1.00 21.04 ? 70  LYS A CA    1 
ATOM   434  C  C     . LYS A 1 56  ? 7.189   -4.565  -12.398 1.00 18.28 ? 70  LYS A C     1 
ATOM   435  O  O     . LYS A 1 56  ? 8.260   -4.294  -11.852 1.00 17.38 ? 70  LYS A O     1 
ATOM   436  C  CB    . LYS A 1 56  ? 7.848   -5.857  -14.421 1.00 23.26 ? 70  LYS A CB    1 
ATOM   437  C  CG    . LYS A 1 56  ? 7.295   -7.166  -13.878 1.00 25.45 ? 70  LYS A CG    1 
ATOM   438  C  CD    . LYS A 1 56  ? 8.145   -8.356  -14.300 1.00 27.97 ? 70  LYS A CD    1 
ATOM   439  C  CE    . LYS A 1 56  ? 7.603   -9.639  -13.700 1.00 29.28 ? 70  LYS A CE    1 
ATOM   440  N  NZ    . LYS A 1 56  ? 8.681   -10.637 -13.426 1.00 37.18 ? 70  LYS A NZ    1 
ATOM   441  N  N     . PHE A 1 57  ? 6.074   -4.812  -11.719 1.00 16.88 ? 71  PHE A N     1 
ATOM   442  C  CA    . PHE A 1 57  ? 6.054   -4.807  -10.261 1.00 16.34 ? 71  PHE A CA    1 
ATOM   443  C  C     . PHE A 1 57  ? 6.015   -6.202  -9.692  1.00 15.75 ? 71  PHE A C     1 
ATOM   444  O  O     . PHE A 1 57  ? 5.181   -7.008  -10.105 1.00 18.03 ? 71  PHE A O     1 
ATOM   445  C  CB    . PHE A 1 57  ? 4.818   -4.067  -9.737  1.00 14.80 ? 71  PHE A CB    1 
ATOM   446  C  CG    . PHE A 1 57  ? 4.961   -2.572  -9.724  1.00 20.86 ? 71  PHE A CG    1 
ATOM   447  C  CD1   . PHE A 1 57  ? 5.932   -1.963  -8.919  1.00 21.25 ? 71  PHE A CD1   1 
ATOM   448  C  CD2   . PHE A 1 57  ? 4.130   -1.773  -10.499 1.00 22.30 ? 71  PHE A CD2   1 
ATOM   449  C  CE1   . PHE A 1 57  ? 6.075   -0.575  -8.887  1.00 23.18 ? 71  PHE A CE1   1 
ATOM   450  C  CE2   . PHE A 1 57  ? 4.266   -0.369  -10.472 1.00 22.36 ? 71  PHE A CE2   1 
ATOM   451  C  CZ    . PHE A 1 57  ? 5.237   0.218   -9.666  1.00 22.06 ? 71  PHE A CZ    1 
ATOM   452  N  N     . GLU A 1 58  ? 6.938   -6.493  -8.778  1.00 15.96 ? 72  GLU A N     1 
ATOM   453  C  CA    . GLU A 1 58  ? 6.968   -7.764  -8.054  1.00 16.05 ? 72  GLU A CA    1 
ATOM   454  C  C     . GLU A 1 58  ? 6.344   -7.337  -6.727  1.00 15.97 ? 72  GLU A C     1 
ATOM   455  O  O     . GLU A 1 58  ? 6.974   -6.605  -5.964  1.00 17.58 ? 72  GLU A O     1 
ATOM   456  C  CB    . GLU A 1 58  ? 8.397   -8.216  -7.785  1.00 19.94 ? 72  GLU A CB    1 
ATOM   457  C  CG    . GLU A 1 58  ? 9.223   -8.480  -9.023  1.00 29.35 ? 72  GLU A CG    1 
ATOM   458  C  CD    . GLU A 1 58  ? 9.077   -9.895  -9.504  1.00 32.33 ? 72  GLU A CD    1 
ATOM   459  O  OE1   . GLU A 1 58  ? 8.053   -10.194 -10.152 1.00 39.36 ? 72  GLU A OE1   1 
ATOM   460  O  OE2   . GLU A 1 58  ? 9.981   -10.720 -9.215  1.00 34.22 ? 72  GLU A OE2   1 
ATOM   461  N  N     . ILE A 1 59  ? 5.138   -7.809  -6.440  1.00 14.59 ? 73  ILE A N     1 
ATOM   462  C  CA    . ILE A 1 59  ? 4.408   -7.373  -5.251  1.00 13.90 ? 73  ILE A CA    1 
ATOM   463  C  C     . ILE A 1 59  ? 4.198   -8.373  -4.125  1.00 11.64 ? 73  ILE A C     1 
ATOM   464  O  O     . ILE A 1 59  ? 3.671   -9.464  -4.342  1.00 15.36 ? 73  ILE A O     1 
ATOM   465  C  CB    . ILE A 1 59  ? 3.025   -6.872  -5.689  1.00 16.30 ? 73  ILE A CB    1 
ATOM   466  C  CG1   . ILE A 1 59  ? 3.179   -5.840  -6.810  1.00 15.71 ? 73  ILE A CG1   1 
ATOM   467  C  CG2   . ILE A 1 59  ? 2.278   -6.299  -4.488  1.00 15.55 ? 73  ILE A CG2   1 
ATOM   468  C  CD1   . ILE A 1 59  ? 1.846   -5.477  -7.506  1.00 16.74 ? 73  ILE A CD1   1 
ATOM   469  N  N     . TRP A 1 60  ? 4.615   -7.992  -2.921  1.00 11.80 ? 74  TRP A N     1 
ATOM   470  C  CA    . TRP A 1 60  ? 4.416   -8.803  -1.733  1.00 11.36 ? 74  TRP A CA    1 
ATOM   471  C  C     . TRP A 1 60  ? 3.301   -8.179  -0.912  1.00 11.67 ? 74  TRP A C     1 
ATOM   472  O  O     . TRP A 1 60  ? 3.422   -7.049  -0.427  1.00 13.51 ? 74  TRP A O     1 
ATOM   473  C  CB    . TRP A 1 60  ? 5.684   -8.878  -0.889  1.00 16.80 ? 74  TRP A CB    1 
ATOM   474  C  CG    . TRP A 1 60  ? 6.694   -9.824  -1.463  1.00 18.88 ? 74  TRP A CG    1 
ATOM   475  C  CD1   . TRP A 1 60  ? 7.793   -9.510  -2.210  1.00 26.01 ? 74  TRP A CD1   1 
ATOM   476  C  CD2   . TRP A 1 60  ? 6.674   -11.244 -1.344  1.00 24.31 ? 74  TRP A CD2   1 
ATOM   477  N  NE1   . TRP A 1 60  ? 8.466   -10.662 -2.570  1.00 29.95 ? 74  TRP A NE1   1 
ATOM   478  C  CE2   . TRP A 1 60  ? 7.800   -11.740 -2.050  1.00 26.87 ? 74  TRP A CE2   1 
ATOM   479  C  CE3   . TRP A 1 60  ? 5.813   -12.153 -0.711  1.00 25.81 ? 74  TRP A CE3   1 
ATOM   480  C  CZ2   . TRP A 1 60  ? 8.087   -13.107 -2.135  1.00 28.01 ? 74  TRP A CZ2   1 
ATOM   481  C  CZ3   . TRP A 1 60  ? 6.101   -13.518 -0.799  1.00 31.88 ? 74  TRP A CZ3   1 
ATOM   482  C  CH2   . TRP A 1 60  ? 7.230   -13.974 -1.508  1.00 28.97 ? 74  TRP A CH2   1 
ATOM   483  N  N     . ASP A 1 61  ? 2.221   -8.930  -0.769  1.00 11.59 ? 75  ASP A N     1 
ATOM   484  C  CA    . ASP A 1 61  ? 1.033   -8.520  -0.026  1.00 12.55 ? 75  ASP A CA    1 
ATOM   485  C  C     . ASP A 1 61  ? 1.151   -9.204  1.325   1.00 12.63 ? 75  ASP A C     1 
ATOM   486  O  O     . ASP A 1 61  ? 0.897   -10.395 1.434   1.00 14.42 ? 75  ASP A O     1 
ATOM   487  C  CB    . ASP A 1 61  ? -0.208  -9.011  -0.790  1.00 11.69 ? 75  ASP A CB    1 
ATOM   488  C  CG    . ASP A 1 61  ? -1.486  -8.808  -0.025  1.00 12.55 ? 75  ASP A CG    1 
ATOM   489  O  OD1   . ASP A 1 61  ? -1.507  -7.911  0.848   1.00 12.90 ? 75  ASP A OD1   1 
ATOM   490  O  OD2   . ASP A 1 61  ? -2.474  -9.540  -0.301  1.00 12.05 ? 75  ASP A OD2   1 
ATOM   491  N  N     . THR A 1 62  ? 1.539   -8.454  2.352   1.00 12.40 ? 76  THR A N     1 
ATOM   492  C  CA    . THR A 1 62  ? 1.748   -9.036  3.666   1.00 11.16 ? 76  THR A CA    1 
ATOM   493  C  C     . THR A 1 62  ? 0.498   -9.178  4.517   1.00 12.34 ? 76  THR A C     1 
ATOM   494  O  O     . THR A 1 62  ? -0.509  -8.489  4.321   1.00 12.84 ? 76  THR A O     1 
ATOM   495  C  CB    . THR A 1 62  ? 2.779   -8.224  4.512   1.00 13.47 ? 76  THR A CB    1 
ATOM   496  O  OG1   . THR A 1 62  ? 2.215   -6.945  4.850   1.00 13.16 ? 76  THR A OG1   1 
ATOM   497  C  CG2   . THR A 1 62  ? 4.087   -8.029  3.748   1.00 14.10 ? 76  THR A CG2   1 
ATOM   498  N  N     . ALA A 1 63  ? 0.578   -10.103 5.471   1.00 15.36 ? 77  ALA A N     1 
ATOM   499  C  CA    . ALA A 1 63  ? -0.498  -10.323 6.424   1.00 15.84 ? 77  ALA A CA    1 
ATOM   500  C  C     . ALA A 1 63  ? -0.344  -9.174  7.425   1.00 14.58 ? 77  ALA A C     1 
ATOM   501  O  O     . ALA A 1 63  ? 0.745   -8.961  7.995   1.00 14.54 ? 77  ALA A O     1 
ATOM   502  C  CB    . ALA A 1 63  ? -0.304  -11.678 7.118   1.00 19.14 ? 77  ALA A CB    1 
ATOM   503  N  N     . GLY A 1 64  ? -1.444  -8.450  7.654   1.00 11.71 ? 78  GLY A N     1 
ATOM   504  C  CA    . GLY A 1 64  ? -1.420  -7.303  8.546   1.00 11.59 ? 78  GLY A CA    1 
ATOM   505  C  C     . GLY A 1 64  ? -1.682  -7.562  10.011  1.00 11.70 ? 78  GLY A C     1 
ATOM   506  O  O     . GLY A 1 64  ? -1.469  -6.667  10.822  1.00 12.95 ? 78  GLY A O     1 
ATOM   507  N  N     . GLN A 1 65  ? -2.173  -8.746  10.357  1.00 12.15 ? 79  GLN A N     1 
ATOM   508  C  CA    . GLN A 1 65  ? -2.428  -9.032  11.778  1.00 13.94 ? 79  GLN A CA    1 
ATOM   509  C  C     . GLN A 1 65  ? -1.122  -8.919  12.553  1.00 14.28 ? 79  GLN A C     1 
ATOM   510  O  O     . GLN A 1 65  ? -0.066  -9.286  12.054  1.00 14.72 ? 79  GLN A O     1 
ATOM   511  C  CB    . GLN A 1 65  ? -3.050  -10.426 11.942  1.00 15.14 ? 79  GLN A CB    1 
ATOM   512  C  CG    . GLN A 1 65  ? -4.466  -10.460 11.397  1.00 22.31 ? 79  GLN A CG    1 
ATOM   513  C  CD    . GLN A 1 65  ? -5.286  -11.654 11.867  1.00 28.66 ? 79  GLN A CD    1 
ATOM   514  O  OE1   . GLN A 1 65  ? -5.461  -11.873 13.064  1.00 35.97 ? 79  GLN A OE1   1 
ATOM   515  N  NE2   . GLN A 1 65  ? -5.806  -12.417 10.922  1.00 29.87 ? 79  GLN A NE2   1 
ATOM   516  N  N     . GLU A 1 66  ? -1.199  -8.390  13.773  1.00 16.73 ? 80  GLU A N     1 
ATOM   517  C  CA    . GLU A 1 66  ? -0.005  -8.196  14.598  1.00 19.41 ? 80  GLU A CA    1 
ATOM   518  C  C     . GLU A 1 66  ? 0.838   -9.436  14.818  1.00 18.44 ? 80  GLU A C     1 
ATOM   519  O  O     . GLU A 1 66  ? 2.061   -9.339  14.926  1.00 19.07 ? 80  GLU A O     1 
ATOM   520  C  CB    . GLU A 1 66  ? -0.384  -7.618  15.957  1.00 24.96 ? 80  GLU A CB    1 
ATOM   521  C  CG    . GLU A 1 66  ? -1.143  -6.339  15.883  1.00 31.04 ? 80  GLU A CG    1 
ATOM   522  C  CD    . GLU A 1 66  ? -0.333  -5.240  15.239  1.00 37.62 ? 80  GLU A CD    1 
ATOM   523  O  OE1   . GLU A 1 66  ? 0.803   -4.990  15.705  1.00 42.57 ? 80  GLU A OE1   1 
ATOM   524  O  OE2   . GLU A 1 66  ? -0.821  -4.626  14.259  1.00 39.59 ? 80  GLU A OE2   1 
ATOM   525  N  N     . ARG A 1 67  ? 0.213   -10.603 14.896  1.00 19.58 ? 81  ARG A N     1 
ATOM   526  C  CA    . ARG A 1 67  ? 0.993   -11.812 15.110  1.00 20.91 ? 81  ARG A CA    1 
ATOM   527  C  C     . ARG A 1 67  ? 1.953   -12.102 13.959  1.00 23.45 ? 81  ARG A C     1 
ATOM   528  O  O     . ARG A 1 67  ? 2.827   -12.944 14.084  1.00 24.40 ? 81  ARG A O     1 
ATOM   529  C  CB    . ARG A 1 67  ? 0.079   -13.025 15.340  1.00 24.05 ? 81  ARG A CB    1 
ATOM   530  C  CG    . ARG A 1 67  ? -0.744  -13.468 14.151  1.00 25.55 ? 81  ARG A CG    1 
ATOM   531  C  CD    . ARG A 1 67  ? -1.347  -14.832 14.452  1.00 29.74 ? 81  ARG A CD    1 
ATOM   532  N  NE    . ARG A 1 67  ? -2.168  -15.338 13.355  1.00 37.22 ? 81  ARG A NE    1 
ATOM   533  C  CZ    . ARG A 1 67  ? -3.370  -14.867 13.032  1.00 35.80 ? 81  ARG A CZ    1 
ATOM   534  N  NH1   . ARG A 1 67  ? -3.901  -13.865 13.725  1.00 36.42 ? 81  ARG A NH1   1 
ATOM   535  N  NH2   . ARG A 1 67  ? -4.053  -15.417 12.028  1.00 36.30 ? 81  ARG A NH2   1 
ATOM   536  N  N     . TYR A 1 68  ? 1.798   -11.403 12.833  1.00 19.04 ? 82  TYR A N     1 
ATOM   537  C  CA    . TYR A 1 68  ? 2.681   -11.624 11.695  1.00 16.79 ? 82  TYR A CA    1 
ATOM   538  C  C     . TYR A 1 68  ? 3.672   -10.490 11.513  1.00 12.32 ? 82  TYR A C     1 
ATOM   539  O  O     . TYR A 1 68  ? 4.458   -10.489 10.571  1.00 15.54 ? 82  TYR A O     1 
ATOM   540  C  CB    . TYR A 1 68  ? 1.875   -11.774 10.401  1.00 17.46 ? 82  TYR A CB    1 
ATOM   541  C  CG    . TYR A 1 68  ? 0.914   -12.928 10.425  1.00 24.56 ? 82  TYR A CG    1 
ATOM   542  C  CD1   . TYR A 1 68  ? -0.461  -12.709 10.340  1.00 23.07 ? 82  TYR A CD1   1 
ATOM   543  C  CD2   . TYR A 1 68  ? 1.371   -14.238 10.573  1.00 27.14 ? 82  TYR A CD2   1 
ATOM   544  C  CE1   . TYR A 1 68  ? -1.361  -13.766 10.405  1.00 26.35 ? 82  TYR A CE1   1 
ATOM   545  C  CE2   . TYR A 1 68  ? 0.478   -15.301 10.641  1.00 33.17 ? 82  TYR A CE2   1 
ATOM   546  C  CZ    . TYR A 1 68  ? -0.888  -15.053 10.560  1.00 32.61 ? 82  TYR A CZ    1 
ATOM   547  O  OH    . TYR A 1 68  ? -1.785  -16.092 10.672  1.00 37.66 ? 82  TYR A OH    1 
ATOM   548  N  N     . HIS A 1 69  ? 3.659   -9.543  12.437  1.00 14.10 ? 83  HIS A N     1 
ATOM   549  C  CA    . HIS A 1 69  ? 4.543   -8.381  12.351  1.00 12.56 ? 83  HIS A CA    1 
ATOM   550  C  C     . HIS A 1 69  ? 6.013   -8.774  12.204  1.00 15.42 ? 83  HIS A C     1 
ATOM   551  O  O     . HIS A 1 69  ? 6.737   -8.200  11.395  1.00 14.29 ? 83  HIS A O     1 
ATOM   552  C  CB    . HIS A 1 69  ? 4.330   -7.513  13.604  1.00 15.29 ? 83  HIS A CB    1 
ATOM   553  C  CG    . HIS A 1 69  ? 5.062   -6.202  13.591  1.00 20.05 ? 83  HIS A CG    1 
ATOM   554  N  ND1   . HIS A 1 69  ? 5.033   -5.332  14.662  1.00 23.85 ? 83  HIS A ND1   1 
ATOM   555  C  CD2   . HIS A 1 69  ? 5.822   -5.606  12.644  1.00 17.46 ? 83  HIS A CD2   1 
ATOM   556  C  CE1   . HIS A 1 69  ? 5.737   -4.251  14.369  1.00 22.45 ? 83  HIS A CE1   1 
ATOM   557  N  NE2   . HIS A 1 69  ? 6.224   -4.393  13.149  1.00 19.94 ? 83  HIS A NE2   1 
ATOM   558  N  N     . SER A 1 70  ? 6.454   -9.756  12.984  1.00 14.97 ? 84  SER A N     1 
ATOM   559  C  CA    . SER A 1 70  ? 7.857   -10.163 12.933  1.00 15.64 ? 84  SER A CA    1 
ATOM   560  C  C     . SER A 1 70  ? 8.297   -10.738 11.591  1.00 14.92 ? 84  SER A C     1 
ATOM   561  O  O     . SER A 1 70  ? 9.490   -10.875 11.329  1.00 16.20 ? 84  SER A O     1 
ATOM   562  C  CB    . SER A 1 70  ? 8.158   -11.153 14.067  1.00 16.05 ? 84  SER A CB    1 
ATOM   563  O  OG    . SER A 1 70  ? 7.426   -12.362 13.890  1.00 19.71 ? 84  SER A OG    1 
ATOM   564  N  N     . LEU A 1 71  ? 7.340   -11.059 10.731  1.00 14.07 ? 85  LEU A N     1 
ATOM   565  C  CA    . LEU A 1 71  ? 7.673   -11.584 9.416   1.00 14.00 ? 85  LEU A CA    1 
ATOM   566  C  C     . LEU A 1 71  ? 7.833   -10.483 8.356   1.00 13.56 ? 85  LEU A C     1 
ATOM   567  O  O     . LEU A 1 71  ? 8.471   -10.687 7.329   1.00 13.95 ? 85  LEU A O     1 
ATOM   568  C  CB    . LEU A 1 71  ? 6.579   -12.541 8.945   1.00 15.24 ? 85  LEU A CB    1 
ATOM   569  C  CG    . LEU A 1 71  ? 6.281   -13.709 9.889   1.00 20.72 ? 85  LEU A CG    1 
ATOM   570  C  CD1   . LEU A 1 71  ? 5.123   -14.538 9.344   1.00 23.95 ? 85  LEU A CD1   1 
ATOM   571  C  CD2   . LEU A 1 71  ? 7.536   -14.565 10.046  1.00 23.60 ? 85  LEU A CD2   1 
ATOM   572  N  N     . ALA A 1 72  ? 7.262   -9.314  8.607   1.00 15.22 ? 86  ALA A N     1 
ATOM   573  C  CA    . ALA A 1 72  ? 7.310   -8.243  7.615   1.00 15.21 ? 86  ALA A CA    1 
ATOM   574  C  C     . ALA A 1 72  ? 8.684   -7.848  7.063   1.00 14.29 ? 86  ALA A C     1 
ATOM   575  O  O     . ALA A 1 72  ? 8.815   -7.592  5.874   1.00 14.57 ? 86  ALA A O     1 
ATOM   576  C  CB    . ALA A 1 72  ? 6.576   -6.993  8.162   1.00 17.35 ? 86  ALA A CB    1 
ATOM   577  N  N     . PRO A 1 73  ? 9.731   -7.797  7.903   1.00 14.05 ? 87  PRO A N     1 
ATOM   578  C  CA    . PRO A 1 73  ? 11.039  -7.413  7.365   1.00 14.46 ? 87  PRO A CA    1 
ATOM   579  C  C     . PRO A 1 73  ? 11.536  -8.327  6.249   1.00 13.27 ? 87  PRO A C     1 
ATOM   580  O  O     . PRO A 1 73  ? 12.348  -7.916  5.423   1.00 15.48 ? 87  PRO A O     1 
ATOM   581  C  CB    . PRO A 1 73  ? 11.952  -7.451  8.594   1.00 13.99 ? 87  PRO A CB    1 
ATOM   582  C  CG    . PRO A 1 73  ? 11.028  -7.137  9.717   1.00 15.68 ? 87  PRO A CG    1 
ATOM   583  C  CD    . PRO A 1 73  ? 9.785   -7.938  9.375   1.00 16.39 ? 87  PRO A CD    1 
ATOM   584  N  N     . MET A 1 74  ? 11.052  -9.569  6.220   1.00 14.69 ? 88  MET A N     1 
ATOM   585  C  CA    . MET A 1 74  ? 11.481  -10.487 5.175   1.00 15.48 ? 88  MET A CA    1 
ATOM   586  C  C     . MET A 1 74  ? 10.956  -9.999  3.840   1.00 17.43 ? 88  MET A C     1 
ATOM   587  O  O     . MET A 1 74  ? 11.528  -10.281 2.781   1.00 17.67 ? 88  MET A O     1 
ATOM   588  C  CB    . MET A 1 74  ? 10.949  -11.904 5.426   1.00 19.09 ? 88  MET A CB    1 
ATOM   589  C  CG    . MET A 1 74  ? 11.456  -12.525 6.707   1.00 23.82 ? 88  MET A CG    1 
ATOM   590  S  SD    . MET A 1 74  ? 13.243  -12.731 6.655   1.00 32.55 ? 88  MET A SD    1 
ATOM   591  C  CE    . MET A 1 74  ? 13.343  -14.052 5.415   1.00 28.95 ? 88  MET A CE    1 
ATOM   592  N  N     . TYR A 1 75  ? 9.857   -9.257  3.898   1.00 14.88 ? 89  TYR A N     1 
ATOM   593  C  CA    . TYR A 1 75  ? 9.242   -8.760  2.679   1.00 14.94 ? 89  TYR A CA    1 
ATOM   594  C  C     . TYR A 1 75  ? 9.597   -7.336  2.327   1.00 14.82 ? 89  TYR A C     1 
ATOM   595  O  O     . TYR A 1 75  ? 9.559   -6.981  1.151   1.00 15.64 ? 89  TYR A O     1 
ATOM   596  C  CB    . TYR A 1 75  ? 7.731   -8.916  2.777   1.00 15.12 ? 89  TYR A CB    1 
ATOM   597  C  CG    . TYR A 1 75  ? 7.364   -10.351 3.051   1.00 16.11 ? 89  TYR A CG    1 
ATOM   598  C  CD1   . TYR A 1 75  ? 6.893   -10.756 4.304   1.00 18.07 ? 89  TYR A CD1   1 
ATOM   599  C  CD2   . TYR A 1 75  ? 7.542   -11.318 2.067   1.00 18.22 ? 89  TYR A CD2   1 
ATOM   600  C  CE1   . TYR A 1 75  ? 6.615   -12.106 4.560   1.00 19.83 ? 89  TYR A CE1   1 
ATOM   601  C  CE2   . TYR A 1 75  ? 7.266   -12.652 2.316   1.00 20.68 ? 89  TYR A CE2   1 
ATOM   602  C  CZ    . TYR A 1 75  ? 6.806   -13.031 3.555   1.00 21.50 ? 89  TYR A CZ    1 
ATOM   603  O  OH    . TYR A 1 75  ? 6.532   -14.375 3.742   1.00 26.80 ? 89  TYR A OH    1 
ATOM   604  N  N     . TYR A 1 76  ? 9.935   -6.510  3.318   1.00 11.92 ? 90  TYR A N     1 
ATOM   605  C  CA    . TYR A 1 76  ? 10.318  -5.144  2.973   1.00 14.70 ? 90  TYR A CA    1 
ATOM   606  C  C     . TYR A 1 76  ? 11.821  -4.974  2.786   1.00 16.52 ? 90  TYR A C     1 
ATOM   607  O  O     . TYR A 1 76  ? 12.275  -3.984  2.218   1.00 15.70 ? 90  TYR A O     1 
ATOM   608  C  CB    . TYR A 1 76  ? 9.752   -4.090  3.964   1.00 14.19 ? 90  TYR A CB    1 
ATOM   609  C  CG    . TYR A 1 76  ? 10.209  -4.080  5.410   1.00 10.93 ? 90  TYR A CG    1 
ATOM   610  C  CD1   . TYR A 1 76  ? 11.538  -3.793  5.767   1.00 13.58 ? 90  TYR A CD1   1 
ATOM   611  C  CD2   . TYR A 1 76  ? 9.268   -4.256  6.435   1.00 12.41 ? 90  TYR A CD2   1 
ATOM   612  C  CE1   . TYR A 1 76  ? 11.913  -3.679  7.108   1.00 12.49 ? 90  TYR A CE1   1 
ATOM   613  C  CE2   . TYR A 1 76  ? 9.621   -4.133  7.770   1.00 11.90 ? 90  TYR A CE2   1 
ATOM   614  C  CZ    . TYR A 1 76  ? 10.952  -3.846  8.092   1.00 12.97 ? 90  TYR A CZ    1 
ATOM   615  O  OH    . TYR A 1 76  ? 11.302  -3.736  9.409   1.00 12.50 ? 90  TYR A OH    1 
ATOM   616  N  N     A ARG A 1 77  ? 12.596  -5.945  3.238   0.50 18.33 ? 91  ARG A N     1 
ATOM   617  N  N     B ARG A 1 77  ? 12.584  -5.945  3.283   0.50 18.13 ? 91  ARG A N     1 
ATOM   618  C  CA    A ARG A 1 77  ? 14.034  -5.857  3.049   0.50 22.64 ? 91  ARG A CA    1 
ATOM   619  C  CA    B ARG A 1 77  ? 14.046  -5.928  3.187   0.50 23.42 ? 91  ARG A CA    1 
ATOM   620  C  C     A ARG A 1 77  ? 14.306  -5.909  1.536   0.50 22.35 ? 91  ARG A C     1 
ATOM   621  C  C     B ARG A 1 77  ? 14.588  -5.251  1.932   0.50 23.55 ? 91  ARG A C     1 
ATOM   622  O  O     A ARG A 1 77  ? 13.850  -6.813  0.840   0.50 19.93 ? 91  ARG A O     1 
ATOM   623  O  O     B ARG A 1 77  ? 15.071  -4.127  1.982   0.50 27.12 ? 91  ARG A O     1 
ATOM   624  C  CB    A ARG A 1 77  ? 14.697  -7.020  3.777   0.50 26.18 ? 91  ARG A CB    1 
ATOM   625  C  CB    B ARG A 1 77  ? 14.592  -7.355  3.230   0.50 25.79 ? 91  ARG A CB    1 
ATOM   626  C  CG    A ARG A 1 77  ? 16.178  -7.188  3.533   0.50 32.67 ? 91  ARG A CG    1 
ATOM   627  C  CG    B ARG A 1 77  ? 16.114  -7.431  3.274   0.50 32.72 ? 91  ARG A CG    1 
ATOM   628  C  CD    A ARG A 1 77  ? 16.693  -8.311  4.413   0.50 35.48 ? 91  ARG A CD    1 
ATOM   629  C  CD    B ARG A 1 77  ? 16.606  -7.458  4.715   0.50 35.38 ? 91  ARG A CD    1 
ATOM   630  N  NE    A ARG A 1 77  ? 16.740  -7.922  5.820   0.50 37.69 ? 91  ARG A NE    1 
ATOM   631  N  NE    B ARG A 1 77  ? 16.169  -8.678  5.390   0.50 38.86 ? 91  ARG A NE    1 
ATOM   632  C  CZ    A ARG A 1 77  ? 16.505  -8.746  6.837   0.50 39.05 ? 91  ARG A CZ    1 
ATOM   633  C  CZ    B ARG A 1 77  ? 16.327  -8.919  6.684   0.50 38.81 ? 91  ARG A CZ    1 
ATOM   634  N  NH1   A ARG A 1 77  ? 16.193  -10.016 6.617   0.50 40.27 ? 91  ARG A NH1   1 
ATOM   635  N  NH1   B ARG A 1 77  ? 16.914  -8.019  7.459   0.50 41.76 ? 91  ARG A NH1   1 
ATOM   636  N  NH2   A ARG A 1 77  ? 16.614  -8.307  8.082   0.50 41.04 ? 91  ARG A NH2   1 
ATOM   637  N  NH2   B ARG A 1 77  ? 15.901  -10.064 7.204   0.50 39.00 ? 91  ARG A NH2   1 
ATOM   638  N  N     A GLY A 1 78  ? 15.024  -4.922  1.016   0.50 20.91 ? 92  GLY A N     1 
ATOM   639  N  N     B GLY A 1 78  ? 14.508  -5.953  0.808   0.50 22.56 ? 92  GLY A N     1 
ATOM   640  C  CA    A GLY A 1 78  ? 15.297  -4.923  -0.409  0.50 21.82 ? 92  GLY A CA    1 
ATOM   641  C  CA    B GLY A 1 78  ? 15.016  -5.413  -0.438  0.50 21.41 ? 92  GLY A CA    1 
ATOM   642  C  C     A GLY A 1 78  ? 14.172  -4.391  -1.292  0.50 21.49 ? 92  GLY A C     1 
ATOM   643  C  C     B GLY A 1 78  ? 13.924  -4.852  -1.324  0.50 20.33 ? 92  GLY A C     1 
ATOM   644  O  O     A GLY A 1 78  ? 14.362  -4.253  -2.500  0.50 17.69 ? 92  GLY A O     1 
ATOM   645  O  O     B GLY A 1 78  ? 13.919  -5.055  -2.539  0.50 19.42 ? 92  GLY A O     1 
ATOM   646  N  N     . ALA A 1 79  ? 12.996  -4.126  -0.720  1.00 17.45 ? 93  ALA A N     1 
ATOM   647  C  CA    . ALA A 1 79  ? 11.902  -3.556  -1.502  1.00 16.45 ? 93  ALA A CA    1 
ATOM   648  C  C     . ALA A 1 79  ? 12.334  -2.168  -1.958  1.00 15.06 ? 93  ALA A C     1 
ATOM   649  O  O     . ALA A 1 79  ? 13.008  -1.441  -1.220  1.00 16.07 ? 93  ALA A O     1 
ATOM   650  C  CB    . ALA A 1 79  ? 10.636  -3.443  -0.662  1.00 15.47 ? 93  ALA A CB    1 
ATOM   651  N  N     . GLN A 1 80  ? 11.959  -1.796  -3.179  1.00 13.09 ? 94  GLN A N     1 
ATOM   652  C  CA    . GLN A 1 80  ? 12.286  -0.469  -3.676  1.00 12.39 ? 94  GLN A CA    1 
ATOM   653  C  C     . GLN A 1 80  ? 11.121  0.490   -3.444  1.00 12.52 ? 94  GLN A C     1 
ATOM   654  O  O     . GLN A 1 80  ? 11.292  1.707   -3.506  1.00 14.69 ? 94  GLN A O     1 
ATOM   655  C  CB    . GLN A 1 80  ? 12.625  -0.534  -5.151  1.00 14.60 ? 94  GLN A CB    1 
ATOM   656  C  CG    . GLN A 1 80  ? 13.957  -1.224  -5.379  1.00 18.94 ? 94  GLN A CG    1 
ATOM   657  C  CD    . GLN A 1 80  ? 13.877  -2.293  -6.441  1.00 27.29 ? 94  GLN A CD    1 
ATOM   658  O  OE1   . GLN A 1 80  ? 13.171  -3.285  -6.293  1.00 29.54 ? 94  GLN A OE1   1 
ATOM   659  N  NE2   . GLN A 1 80  ? 14.608  -2.089  -7.529  1.00 36.35 ? 94  GLN A NE2   1 
ATOM   660  N  N     . ALA A 1 81  ? 9.952   -0.069  -3.137  1.00 12.03 ? 95  ALA A N     1 
ATOM   661  C  CA    . ALA A 1 81  ? 8.767   0.736   -2.877  1.00 13.90 ? 95  ALA A CA    1 
ATOM   662  C  C     . ALA A 1 81  ? 7.877   0.012   -1.867  1.00 12.83 ? 95  ALA A C     1 
ATOM   663  O  O     . ALA A 1 81  ? 7.903   -1.217  -1.768  1.00 10.37 ? 95  ALA A O     1 
ATOM   664  C  CB    . ALA A 1 81  ? 7.975   0.952   -4.185  1.00 17.04 ? 95  ALA A CB    1 
ATOM   665  N  N     . ALA A 1 82  ? 7.097   0.793   -1.130  1.00 11.68 ? 96  ALA A N     1 
ATOM   666  C  CA    . ALA A 1 82  ? 6.128   0.264   -0.165  1.00 10.64 ? 96  ALA A CA    1 
ATOM   667  C  C     . ALA A 1 82  ? 4.870   1.077   -0.278  1.00 10.76 ? 96  ALA A C     1 
ATOM   668  O  O     . ALA A 1 82  ? 4.924   2.274   -0.570  1.00 12.96 ? 96  ALA A O     1 
ATOM   669  C  CB    . ALA A 1 82  ? 6.642   0.398   1.276   1.00 12.20 ? 96  ALA A CB    1 
ATOM   670  N  N     . ILE A 1 83  ? 3.737   0.417   -0.063  1.00 10.51 ? 97  ILE A N     1 
ATOM   671  C  CA    . ILE A 1 83  ? 2.473   1.140   0.032   1.00 10.69 ? 97  ILE A CA    1 
ATOM   672  C  C     . ILE A 1 83  ? 1.998   0.751   1.437   1.00 9.25  ? 97  ILE A C     1 
ATOM   673  O  O     . ILE A 1 83  ? 1.761   -0.436  1.728   1.00 10.29 ? 97  ILE A O     1 
ATOM   674  C  CB    . ILE A 1 83  ? 1.395   0.697   -0.962  1.00 9.77  ? 97  ILE A CB    1 
ATOM   675  C  CG1   . ILE A 1 83  ? 1.877   0.930   -2.404  1.00 11.50 ? 97  ILE A CG1   1 
ATOM   676  C  CG2   . ILE A 1 83  ? 0.091   1.475   -0.651  1.00 11.87 ? 97  ILE A CG2   1 
ATOM   677  C  CD1   . ILE A 1 83  ? 0.876   0.451   -3.487  1.00 11.35 ? 97  ILE A CD1   1 
ATOM   678  N  N     . VAL A 1 84  ? 1.916   1.741   2.324   1.00 10.10 ? 98  VAL A N     1 
ATOM   679  C  CA    . VAL A 1 84  ? 1.388   1.525   3.669   1.00 10.00 ? 98  VAL A CA    1 
ATOM   680  C  C     . VAL A 1 84  ? -0.079  1.935   3.554   1.00 9.93  ? 98  VAL A C     1 
ATOM   681  O  O     . VAL A 1 84  ? -0.378  3.033   3.101   1.00 10.79 ? 98  VAL A O     1 
ATOM   682  C  CB    . VAL A 1 84  ? 2.117   2.375   4.700   1.00 11.20 ? 98  VAL A CB    1 
ATOM   683  C  CG1   . VAL A 1 84  ? 1.515   2.104   6.090   1.00 10.29 ? 98  VAL A CG1   1 
ATOM   684  C  CG2   . VAL A 1 84  ? 3.610   2.022   4.682   1.00 10.54 ? 98  VAL A CG2   1 
ATOM   685  N  N     . VAL A 1 85  ? -0.971  1.020   3.920   1.00 8.27  ? 99  VAL A N     1 
ATOM   686  C  CA    . VAL A 1 85  ? -2.404  1.229   3.784   1.00 8.44  ? 99  VAL A CA    1 
ATOM   687  C  C     . VAL A 1 85  ? -3.155  1.396   5.091   1.00 9.72  ? 99  VAL A C     1 
ATOM   688  O  O     . VAL A 1 85  ? -2.860  0.727   6.082   1.00 11.38 ? 99  VAL A O     1 
ATOM   689  C  CB    . VAL A 1 85  ? -3.006  0.016   3.035   1.00 9.42  ? 99  VAL A CB    1 
ATOM   690  C  CG1   . VAL A 1 85  ? -4.472  0.269   2.678   1.00 9.56  ? 99  VAL A CG1   1 
ATOM   691  C  CG2   . VAL A 1 85  ? -2.177  -0.255  1.747   1.00 9.82  ? 99  VAL A CG2   1 
ATOM   692  N  N     . TYR A 1 86  ? -4.077  2.354   5.111   1.00 9.18  ? 100 TYR A N     1 
ATOM   693  C  CA    . TYR A 1 86  ? -4.981  2.477   6.253   1.00 8.22  ? 100 TYR A CA    1 
ATOM   694  C  C     . TYR A 1 86  ? -6.394  2.563   5.697   1.00 8.89  ? 100 TYR A C     1 
ATOM   695  O  O     . TYR A 1 86  ? -6.593  2.596   4.489   1.00 10.24 ? 100 TYR A O     1 
ATOM   696  C  CB    . TYR A 1 86  ? -4.684  3.682   7.184   1.00 8.26  ? 100 TYR A CB    1 
ATOM   697  C  CG    . TYR A 1 86  ? -4.916  5.059   6.615   1.00 9.83  ? 100 TYR A CG    1 
ATOM   698  C  CD1   . TYR A 1 86  ? -6.098  5.769   6.880   1.00 9.78  ? 100 TYR A CD1   1 
ATOM   699  C  CD2   . TYR A 1 86  ? -3.956  5.661   5.817   1.00 10.54 ? 100 TYR A CD2   1 
ATOM   700  C  CE1   . TYR A 1 86  ? -6.293  7.040   6.349   1.00 10.42 ? 100 TYR A CE1   1 
ATOM   701  C  CE2   . TYR A 1 86  ? -4.144  6.917   5.276   1.00 10.65 ? 100 TYR A CE2   1 
ATOM   702  C  CZ    . TYR A 1 86  ? -5.319  7.599   5.544   1.00 10.17 ? 100 TYR A CZ    1 
ATOM   703  O  OH    . TYR A 1 86  ? -5.496  8.823   4.944   1.00 12.09 ? 100 TYR A OH    1 
ATOM   704  N  N     . ASP A 1 87  ? -7.372  2.542   6.597   1.00 8.35  ? 101 ASP A N     1 
ATOM   705  C  CA    . ASP A 1 87  ? -8.806  2.598   6.252   1.00 9.05  ? 101 ASP A CA    1 
ATOM   706  C  C     . ASP A 1 87  ? -9.290  3.976   6.711   1.00 11.57 ? 101 ASP A C     1 
ATOM   707  O  O     . ASP A 1 87  ? -9.178  4.303   7.895   1.00 10.54 ? 101 ASP A O     1 
ATOM   708  C  CB    . ASP A 1 87  ? -9.467  1.416   6.991   1.00 11.22 ? 101 ASP A CB    1 
ATOM   709  C  CG    . ASP A 1 87  ? -10.951 1.439   6.976   1.00 10.65 ? 101 ASP A CG    1 
ATOM   710  O  OD1   . ASP A 1 87  ? -11.501 0.404   7.440   1.00 12.10 ? 101 ASP A OD1   1 
ATOM   711  O  OD2   . ASP A 1 87  ? -11.567 2.426   6.525   1.00 10.91 ? 101 ASP A OD2   1 
ATOM   712  N  N     . ILE A 1 88  ? -9.793  4.805   5.785   1.00 9.25  ? 102 ILE A N     1 
ATOM   713  C  CA    . ILE A 1 88  ? -10.195 6.157   6.160   1.00 9.02  ? 102 ILE A CA    1 
ATOM   714  C  C     . ILE A 1 88  ? -11.307 6.232   7.181   1.00 10.78 ? 102 ILE A C     1 
ATOM   715  O  O     . ILE A 1 88  ? -11.536 7.300   7.725   1.00 11.49 ? 102 ILE A O     1 
ATOM   716  C  CB    . ILE A 1 88  ? -10.574 7.073   4.940   1.00 10.10 ? 102 ILE A CB    1 
ATOM   717  C  CG1   . ILE A 1 88  ? -11.902 6.635   4.305   1.00 10.44 ? 102 ILE A CG1   1 
ATOM   718  C  CG2   . ILE A 1 88  ? -9.438  7.087   3.943   1.00 11.65 ? 102 ILE A CG2   1 
ATOM   719  C  CD1   . ILE A 1 88  ? -12.660 7.799   3.597   1.00 12.43 ? 102 ILE A CD1   1 
ATOM   720  N  N     . THR A 1 89  ? -11.974 5.106   7.440   1.00 10.07 ? 103 THR A N     1 
ATOM   721  C  CA    . THR A 1 89  ? -13.051 5.065   8.434   1.00 9.31  ? 103 THR A CA    1 
ATOM   722  C  C     . THR A 1 89  ? -12.557 4.625   9.791   1.00 10.31 ? 103 THR A C     1 
ATOM   723  O  O     . THR A 1 89  ? -13.351 4.536   10.733  1.00 10.69 ? 103 THR A O     1 
ATOM   724  C  CB    . THR A 1 89  ? -14.178 4.067   8.060   1.00 10.65 ? 103 THR A CB    1 
ATOM   725  O  OG1   . THR A 1 89  ? -13.700 2.727   8.195   1.00 12.30 ? 103 THR A OG1   1 
ATOM   726  C  CG2   . THR A 1 89  ? -14.655 4.271   6.621   1.00 11.02 ? 103 THR A CG2   1 
ATOM   727  N  N     . ASN A 1 90  ? -11.256 4.373   9.915   1.00 10.02 ? 104 ASN A N     1 
ATOM   728  C  CA    . ASN A 1 90  ? -10.681 3.854   11.156  1.00 11.60 ? 104 ASN A CA    1 
ATOM   729  C  C     . ASN A 1 90  ? -9.408  4.600   11.536  1.00 11.70 ? 104 ASN A C     1 
ATOM   730  O  O     . ASN A 1 90  ? -8.332  4.371   10.964  1.00 11.73 ? 104 ASN A O     1 
ATOM   731  C  CB    . ASN A 1 90  ? -10.397 2.358   10.927  1.00 12.86 ? 104 ASN A CB    1 
ATOM   732  C  CG    . ASN A 1 90  ? -9.937  1.651   12.172  1.00 17.04 ? 104 ASN A CG    1 
ATOM   733  O  OD1   . ASN A 1 90  ? -9.353  2.254   13.045  1.00 16.48 ? 104 ASN A OD1   1 
ATOM   734  N  ND2   . ASN A 1 90  ? -10.178 0.350   12.238  1.00 21.57 ? 104 ASN A ND2   1 
ATOM   735  N  N     . GLU A 1 91  ? -9.518  5.500   12.510  1.00 11.04 ? 105 GLU A N     1 
ATOM   736  C  CA    . GLU A 1 91  ? -8.363  6.282   12.939  1.00 11.41 ? 105 GLU A CA    1 
ATOM   737  C  C     . GLU A 1 91  ? -7.251  5.420   13.535  1.00 11.88 ? 105 GLU A C     1 
ATOM   738  O  O     . GLU A 1 91  ? -6.082  5.731   13.347  1.00 10.89 ? 105 GLU A O     1 
ATOM   739  C  CB    . GLU A 1 91  ? -8.796  7.342   13.950  1.00 11.82 ? 105 GLU A CB    1 
ATOM   740  C  CG    . GLU A 1 91  ? -7.620  8.161   14.495  1.00 12.96 ? 105 GLU A CG    1 
ATOM   741  C  CD    . GLU A 1 91  ? -8.068  9.250   15.441  1.00 19.12 ? 105 GLU A CD    1 
ATOM   742  O  OE1   . GLU A 1 91  ? -8.056  10.438  15.021  1.00 19.95 ? 105 GLU A OE1   1 
ATOM   743  O  OE2   . GLU A 1 91  ? -8.436  8.905   16.583  1.00 15.97 ? 105 GLU A OE2   1 
ATOM   744  N  N     . GLU A 1 92  ? -7.609  4.350   14.253  1.00 11.70 ? 106 GLU A N     1 
ATOM   745  C  CA    . GLU A 1 92  ? -6.594  3.456   14.814  1.00 12.31 ? 106 GLU A CA    1 
ATOM   746  C  C     . GLU A 1 92  ? -5.728  2.877   13.676  1.00 12.13 ? 106 GLU A C     1 
ATOM   747  O  O     . GLU A 1 92  ? -4.510  2.716   13.820  1.00 12.02 ? 106 GLU A O     1 
ATOM   748  C  CB    A GLU A 1 92  ? -7.237  2.269   15.539  0.50 13.98 ? 106 GLU A CB    1 
ATOM   749  C  CB    B GLU A 1 92  ? -7.300  2.358   15.615  0.50 13.94 ? 106 GLU A CB    1 
ATOM   750  C  CG    A GLU A 1 92  ? -7.924  2.557   16.850  0.50 19.74 ? 106 GLU A CG    1 
ATOM   751  C  CG    B GLU A 1 92  ? -6.408  1.523   16.495  0.50 20.71 ? 106 GLU A CG    1 
ATOM   752  C  CD    A GLU A 1 92  ? -8.610  1.315   17.418  0.50 24.22 ? 106 GLU A CD    1 
ATOM   753  C  CD    B GLU A 1 92  ? -5.707  0.438   15.725  0.50 23.85 ? 106 GLU A CD    1 
ATOM   754  O  OE1   A GLU A 1 92  ? -8.233  0.186   17.036  0.50 26.90 ? 106 GLU A OE1   1 
ATOM   755  O  OE1   B GLU A 1 92  ? -6.382  -0.227  14.915  0.50 25.82 ? 106 GLU A OE1   1 
ATOM   756  O  OE2   A GLU A 1 92  ? -9.522  1.457   18.256  0.50 24.32 ? 106 GLU A OE2   1 
ATOM   757  O  OE2   B GLU A 1 92  ? -4.493  0.239   15.928  0.50 19.58 ? 106 GLU A OE2   1 
ATOM   758  N  N     . SER A 1 93  ? -6.351  2.574   12.536  1.00 11.51 ? 107 SER A N     1 
ATOM   759  C  CA    . SER A 1 93  ? -5.583  2.016   11.421  1.00 11.55 ? 107 SER A CA    1 
ATOM   760  C  C     . SER A 1 93  ? -4.611  3.045   10.833  1.00 10.61 ? 107 SER A C     1 
ATOM   761  O  O     . SER A 1 93  ? -3.546  2.679   10.329  1.00 11.01 ? 107 SER A O     1 
ATOM   762  C  CB    . SER A 1 93  ? -6.511  1.458   10.324  1.00 10.07 ? 107 SER A CB    1 
ATOM   763  O  OG    . SER A 1 93  ? -7.093  2.454   9.499   1.00 9.73  ? 107 SER A OG    1 
ATOM   764  N  N     . PHE A 1 94  ? -4.977  4.327   10.916  1.00 9.99  ? 108 PHE A N     1 
ATOM   765  C  CA    . PHE A 1 94  ? -4.129  5.412   10.439  1.00 9.90  ? 108 PHE A CA    1 
ATOM   766  C  C     . PHE A 1 94  ? -2.907  5.546   11.370  1.00 9.28  ? 108 PHE A C     1 
ATOM   767  O  O     . PHE A 1 94  ? -1.760  5.678   10.910  1.00 9.31  ? 108 PHE A O     1 
ATOM   768  C  CB    . PHE A 1 94  ? -4.991  6.679   10.386  1.00 10.19 ? 108 PHE A CB    1 
ATOM   769  C  CG    . PHE A 1 94  ? -4.266  7.937   10.002  1.00 11.19 ? 108 PHE A CG    1 
ATOM   770  C  CD1   . PHE A 1 94  ? -3.509  8.034   8.831   1.00 12.42 ? 108 PHE A CD1   1 
ATOM   771  C  CD2   . PHE A 1 94  ? -4.458  9.081   10.769  1.00 13.11 ? 108 PHE A CD2   1 
ATOM   772  C  CE1   . PHE A 1 94  ? -2.970  9.281   8.439   1.00 11.93 ? 108 PHE A CE1   1 
ATOM   773  C  CE2   . PHE A 1 94  ? -3.923  10.310  10.386  1.00 12.14 ? 108 PHE A CE2   1 
ATOM   774  C  CZ    . PHE A 1 94  ? -3.181  10.423  9.226   1.00 9.78  ? 108 PHE A CZ    1 
ATOM   775  N  N     . ALA A 1 95  ? -3.151  5.494   12.674  1.00 9.89  ? 109 ALA A N     1 
ATOM   776  C  CA    . ALA A 1 95  ? -2.043  5.542   13.628  1.00 9.92  ? 109 ALA A CA    1 
ATOM   777  C  C     . ALA A 1 95  ? -1.109  4.335   13.393  1.00 10.58 ? 109 ALA A C     1 
ATOM   778  O  O     . ALA A 1 95  ? 0.127   4.455   13.444  1.00 10.67 ? 109 ALA A O     1 
ATOM   779  C  CB    . ALA A 1 95  ? -2.604  5.521   15.055  1.00 10.79 ? 109 ALA A CB    1 
ATOM   780  N  N     . ARG A 1 96  ? -1.694  3.175   13.098  1.00 9.00  ? 110 ARG A N     1 
ATOM   781  C  CA    . ARG A 1 96  ? -0.874  1.983   12.870  1.00 9.78  ? 110 ARG A CA    1 
ATOM   782  C  C     . ARG A 1 96  ? -0.026  2.197   11.620  1.00 11.55 ? 110 ARG A C     1 
ATOM   783  O  O     . ARG A 1 96  ? 1.135   1.791   11.560  1.00 10.86 ? 110 ARG A O     1 
ATOM   784  C  CB    . ARG A 1 96  ? -1.747  0.723   12.717  1.00 12.05 ? 110 ARG A CB    1 
ATOM   785  C  CG    . ARG A 1 96  ? -0.927  -0.564  12.476  1.00 12.23 ? 110 ARG A CG    1 
ATOM   786  C  CD    . ARG A 1 96  ? -0.176  -0.932  13.746  1.00 17.02 ? 110 ARG A CD    1 
ATOM   787  N  NE    . ARG A 1 96  ? 0.790   -2.026  13.602  1.00 21.29 ? 110 ARG A NE    1 
ATOM   788  C  CZ    . ARG A 1 96  ? 2.029   -1.900  13.125  1.00 19.29 ? 110 ARG A CZ    1 
ATOM   789  N  NH1   . ARG A 1 96  ? 2.490   -0.724  12.709  1.00 19.47 ? 110 ARG A NH1   1 
ATOM   790  N  NH2   . ARG A 1 96  ? 2.842   -2.953  13.131  1.00 19.50 ? 110 ARG A NH2   1 
ATOM   791  N  N     . ALA A 1 97  ? -0.619  2.826   10.611  1.00 11.00 ? 111 ALA A N     1 
ATOM   792  C  CA    . ALA A 1 97  ? 0.123   3.096   9.389   1.00 10.29 ? 111 ALA A CA    1 
ATOM   793  C  C     . ALA A 1 97  ? 1.338   3.977   9.659   1.00 10.09 ? 111 ALA A C     1 
ATOM   794  O  O     . ALA A 1 97  ? 2.402   3.769   9.088   1.00 10.08 ? 111 ALA A O     1 
ATOM   795  C  CB    . ALA A 1 97  ? -0.796  3.771   8.364   1.00 10.07 ? 111 ALA A CB    1 
ATOM   796  N  N     . LYS A 1 98  ? 1.178   4.969   10.526  1.00 11.26 ? 112 LYS A N     1 
ATOM   797  C  CA    . LYS A 1 98  ? 2.301   5.843   10.832  1.00 11.56 ? 112 LYS A CA    1 
ATOM   798  C  C     . LYS A 1 98  ? 3.443   5.063   11.471  1.00 11.69 ? 112 LYS A C     1 
ATOM   799  O  O     . LYS A 1 98  ? 4.621   5.376   11.252  1.00 12.07 ? 112 LYS A O     1 
ATOM   800  C  CB    . LYS A 1 98  ? 1.871   6.953   11.771  1.00 11.11 ? 112 LYS A CB    1 
ATOM   801  C  CG    . LYS A 1 98  ? 0.819   7.862   11.194  1.00 8.98  ? 112 LYS A CG    1 
ATOM   802  C  CD    . LYS A 1 98  ? 0.557   9.059   12.126  1.00 9.90  ? 112 LYS A CD    1 
ATOM   803  C  CE    . LYS A 1 98  ? -0.517  9.955   11.534  1.00 11.46 ? 112 LYS A CE    1 
ATOM   804  N  NZ    . LYS A 1 98  ? -0.935  11.016  12.532  1.00 13.61 ? 112 LYS A NZ    1 
ATOM   805  N  N     . ASN A 1 99  ? 3.097   4.056   12.265  1.00 11.71 ? 113 ASN A N     1 
ATOM   806  C  CA    . ASN A 1 99  ? 4.130   3.252   12.880  1.00 13.26 ? 113 ASN A CA    1 
ATOM   807  C  C     . ASN A 1 99  ? 4.836   2.360   11.850  1.00 14.20 ? 113 ASN A C     1 
ATOM   808  O  O     . ASN A 1 99  ? 6.030   2.106   11.972  1.00 11.44 ? 113 ASN A O     1 
ATOM   809  C  CB    . ASN A 1 99  ? 3.521   2.507   14.063  1.00 13.21 ? 113 ASN A CB    1 
ATOM   810  C  CG    . ASN A 1 99  ? 3.230   3.462   15.212  1.00 15.95 ? 113 ASN A CG    1 
ATOM   811  O  OD1   . ASN A 1 99  ? 4.022   4.374   15.450  1.00 19.47 ? 113 ASN A OD1   1 
ATOM   812  N  ND2   . ASN A 1 99  ? 2.113   3.276   15.910  1.00 18.62 ? 113 ASN A ND2   1 
ATOM   813  N  N     . TRP A 1 100 ? 4.107   1.895   10.832  1.00 10.74 ? 114 TRP A N     1 
ATOM   814  C  CA    . TRP A 1 100 ? 4.734   1.129   9.764   1.00 9.76  ? 114 TRP A CA    1 
ATOM   815  C  C     . TRP A 1 100 ? 5.694   2.028   9.006   1.00 10.45 ? 114 TRP A C     1 
ATOM   816  O  O     . TRP A 1 100 ? 6.785   1.594   8.628   1.00 11.86 ? 114 TRP A O     1 
ATOM   817  C  CB    . TRP A 1 100 ? 3.692   0.581   8.783   1.00 8.62  ? 114 TRP A CB    1 
ATOM   818  C  CG    . TRP A 1 100 ? 3.084   -0.733  9.196   1.00 10.20 ? 114 TRP A CG    1 
ATOM   819  C  CD1   . TRP A 1 100 ? 1.773   -0.968  9.514   1.00 12.41 ? 114 TRP A CD1   1 
ATOM   820  C  CD2   . TRP A 1 100 ? 3.759   -1.994  9.337   1.00 11.40 ? 114 TRP A CD2   1 
ATOM   821  N  NE1   . TRP A 1 100 ? 1.593   -2.290  9.839   1.00 12.43 ? 114 TRP A NE1   1 
ATOM   822  C  CE2   . TRP A 1 100 ? 2.789   -2.946  9.733   1.00 10.41 ? 114 TRP A CE2   1 
ATOM   823  C  CE3   . TRP A 1 100 ? 5.084   -2.409  9.160   1.00 12.42 ? 114 TRP A CE3   1 
ATOM   824  C  CZ2   . TRP A 1 100 ? 3.101   -4.284  9.959   1.00 11.14 ? 114 TRP A CZ2   1 
ATOM   825  C  CZ3   . TRP A 1 100 ? 5.394   -3.745  9.387   1.00 12.65 ? 114 TRP A CZ3   1 
ATOM   826  C  CH2   . TRP A 1 100 ? 4.403   -4.662  9.778   1.00 12.29 ? 114 TRP A CH2   1 
ATOM   827  N  N     . VAL A 1 101 ? 5.279   3.276   8.765   1.00 10.18 ? 115 VAL A N     1 
ATOM   828  C  CA    . VAL A 1 101 ? 6.134   4.240   8.068   1.00 11.00 ? 115 VAL A CA    1 
ATOM   829  C  C     . VAL A 1 101 ? 7.419   4.463   8.863   1.00 12.87 ? 115 VAL A C     1 
ATOM   830  O  O     . VAL A 1 101 ? 8.512   4.478   8.297   1.00 12.20 ? 115 VAL A O     1 
ATOM   831  C  CB    . VAL A 1 101 ? 5.398   5.585   7.857   1.00 11.50 ? 115 VAL A CB    1 
ATOM   832  C  CG1   . VAL A 1 101 ? 6.396   6.665   7.392   1.00 11.22 ? 115 VAL A CG1   1 
ATOM   833  C  CG2   . VAL A 1 101 ? 4.339   5.424   6.787   1.00 12.67 ? 115 VAL A CG2   1 
ATOM   834  N  N     . LYS A 1 102 ? 7.286   4.628   10.178  1.00 12.13 ? 116 LYS A N     1 
ATOM   835  C  CA    . LYS A 1 102 ? 8.462   4.805   11.030  1.00 12.89 ? 116 LYS A CA    1 
ATOM   836  C  C     . LYS A 1 102 ? 9.394   3.598   10.938  1.00 12.41 ? 116 LYS A C     1 
ATOM   837  O  O     . LYS A 1 102 ? 10.616  3.756   10.827  1.00 13.93 ? 116 LYS A O     1 
ATOM   838  C  CB    . LYS A 1 102 ? 8.013   5.029   12.472  1.00 15.11 ? 116 LYS A CB    1 
ATOM   839  C  CG    . LYS A 1 102 ? 9.136   5.182   13.473  1.00 23.05 ? 116 LYS A CG    1 
ATOM   840  C  CD    . LYS A 1 102 ? 8.544   5.345   14.876  1.00 30.13 ? 116 LYS A CD    1 
ATOM   841  C  CE    . LYS A 1 102 ? 9.615   5.675   15.898  1.00 31.56 ? 116 LYS A CE    1 
ATOM   842  N  NZ    . LYS A 1 102 ? 9.010   5.955   17.236  1.00 37.26 ? 116 LYS A NZ    1 
ATOM   843  N  N     . GLU A 1 103 ? 8.835   2.387   10.977  1.00 12.39 ? 117 GLU A N     1 
ATOM   844  C  CA    . GLU A 1 103 ? 9.662   1.189   10.878  1.00 11.81 ? 117 GLU A CA    1 
ATOM   845  C  C     . GLU A 1 103 ? 10.378  1.141   9.529   1.00 14.14 ? 117 GLU A C     1 
ATOM   846  O  O     . GLU A 1 103 ? 11.564  0.793   9.460   1.00 12.64 ? 117 GLU A O     1 
ATOM   847  C  CB    . GLU A 1 103 ? 8.819   -0.076  11.077  1.00 12.17 ? 117 GLU A CB    1 
ATOM   848  C  CG    . GLU A 1 103 ? 9.621   -1.365  10.928  1.00 12.26 ? 117 GLU A CG    1 
ATOM   849  C  CD    . GLU A 1 103 ? 8.849   -2.603  11.343  1.00 12.12 ? 117 GLU A CD    1 
ATOM   850  O  OE1   . GLU A 1 103 ? 9.259   -3.728  10.954  1.00 12.55 ? 117 GLU A OE1   1 
ATOM   851  O  OE2   . GLU A 1 103 ? 7.837   -2.448  12.061  1.00 14.98 ? 117 GLU A OE2   1 
ATOM   852  N  N     . LEU A 1 104 ? 9.685   1.480   8.442   1.00 11.30 ? 118 LEU A N     1 
ATOM   853  C  CA    . LEU A 1 104 ? 10.361  1.465   7.145   1.00 11.52 ? 118 LEU A CA    1 
ATOM   854  C  C     . LEU A 1 104 ? 11.469  2.512   7.097   1.00 12.62 ? 118 LEU A C     1 
ATOM   855  O  O     . LEU A 1 104 ? 12.554  2.263   6.561   1.00 12.97 ? 118 LEU A O     1 
ATOM   856  C  CB    . LEU A 1 104 ? 9.383   1.743   6.007   1.00 12.07 ? 118 LEU A CB    1 
ATOM   857  C  CG    . LEU A 1 104 ? 8.329   0.678   5.713   1.00 10.88 ? 118 LEU A CG    1 
ATOM   858  C  CD1   . LEU A 1 104 ? 7.349   1.231   4.681   1.00 14.19 ? 118 LEU A CD1   1 
ATOM   859  C  CD2   . LEU A 1 104 ? 8.981   -0.592  5.184   1.00 13.09 ? 118 LEU A CD2   1 
ATOM   860  N  N     . GLN A 1 105 ? 11.209  3.684   7.642   1.00 12.99 ? 119 GLN A N     1 
ATOM   861  C  CA    . GLN A 1 105 ? 12.227  4.736   7.586   1.00 13.60 ? 119 GLN A CA    1 
ATOM   862  C  C     . GLN A 1 105 ? 13.462  4.349   8.372   1.00 15.41 ? 119 GLN A C     1 
ATOM   863  O  O     . GLN A 1 105 ? 14.565  4.777   8.036   1.00 17.81 ? 119 GLN A O     1 
ATOM   864  C  CB    . GLN A 1 105 ? 11.657  6.063   8.110   1.00 16.31 ? 119 GLN A CB    1 
ATOM   865  C  CG    . GLN A 1 105 ? 10.614  6.652   7.196   1.00 17.92 ? 119 GLN A CG    1 
ATOM   866  C  CD    . GLN A 1 105 ? 9.918   7.859   7.794   1.00 18.01 ? 119 GLN A CD    1 
ATOM   867  O  OE1   . GLN A 1 105 ? 9.737   7.933   9.009   1.00 25.41 ? 119 GLN A OE1   1 
ATOM   868  N  NE2   . GLN A 1 105 ? 9.497   8.780   6.944   1.00 26.74 ? 119 GLN A NE2   1 
ATOM   869  N  N     . ARG A 1 106 ? 13.278  3.535   9.406   1.00 14.91 ? 120 ARG A N     1 
ATOM   870  C  CA    . ARG A 1 106 ? 14.400  3.098   10.231  1.00 18.02 ? 120 ARG A CA    1 
ATOM   871  C  C     . ARG A 1 106 ? 15.073  1.797   9.802   1.00 20.84 ? 120 ARG A C     1 
ATOM   872  O  O     . ARG A 1 106 ? 16.278  1.663   9.973   1.00 19.55 ? 120 ARG A O     1 
ATOM   873  C  CB    . ARG A 1 106 ? 13.940  2.941   11.674  1.00 19.87 ? 120 ARG A CB    1 
ATOM   874  C  CG    . ARG A 1 106 ? 13.424  4.228   12.283  1.00 28.82 ? 120 ARG A CG    1 
ATOM   875  C  CD    . ARG A 1 106 ? 12.677  3.945   13.574  1.00 33.70 ? 120 ARG A CD    1 
ATOM   876  N  NE    . ARG A 1 106 ? 13.501  3.233   14.546  1.00 38.78 ? 120 ARG A NE    1 
ATOM   877  C  CZ    . ARG A 1 106 ? 14.548  3.760   15.179  1.00 41.00 ? 120 ARG A CZ    1 
ATOM   878  N  NH1   . ARG A 1 106 ? 14.912  5.019   14.942  1.00 43.33 ? 120 ARG A NH1   1 
ATOM   879  N  NH2   . ARG A 1 106 ? 15.224  3.029   16.058  1.00 42.03 ? 120 ARG A NH2   1 
ATOM   880  N  N     . GLN A 1 107 ? 14.312  0.842   9.254   1.00 15.37 ? 121 GLN A N     1 
ATOM   881  C  CA    . GLN A 1 107 ? 14.861  -0.464  8.903   1.00 17.38 ? 121 GLN A CA    1 
ATOM   882  C  C     . GLN A 1 107 ? 14.882  -0.889  7.435   1.00 16.59 ? 121 GLN A C     1 
ATOM   883  O  O     . GLN A 1 107 ? 15.550  -1.867  7.102   1.00 19.97 ? 121 GLN A O     1 
ATOM   884  C  CB    . GLN A 1 107 ? 14.129  -1.558  9.688   1.00 15.29 ? 121 GLN A CB    1 
ATOM   885  C  CG    . GLN A 1 107 ? 14.113  -1.389  11.199  1.00 17.13 ? 121 GLN A CG    1 
ATOM   886  C  CD    . GLN A 1 107 ? 15.502  -1.308  11.797  1.00 21.96 ? 121 GLN A CD    1 
ATOM   887  O  OE1   . GLN A 1 107 ? 16.450  -1.934  11.312  1.00 28.51 ? 121 GLN A OE1   1 
ATOM   888  N  NE2   . GLN A 1 107 ? 15.629  -0.546  12.864  1.00 22.05 ? 121 GLN A NE2   1 
ATOM   889  N  N     . ALA A 1 108 ? 14.147  -0.204  6.560   1.00 14.17 ? 122 ALA A N     1 
ATOM   890  C  CA    . ALA A 1 108 ? 14.145  -0.580  5.150   1.00 13.95 ? 122 ALA A CA    1 
ATOM   891  C  C     . ALA A 1 108 ? 15.256  0.147   4.400   1.00 11.08 ? 122 ALA A C     1 
ATOM   892  O  O     . ALA A 1 108 ? 16.022  0.901   4.998   1.00 15.17 ? 122 ALA A O     1 
ATOM   893  C  CB    . ALA A 1 108 ? 12.760  -0.276  4.497   1.00 15.01 ? 122 ALA A CB    1 
ATOM   894  N  N     . SER A 1 109 ? 15.334  -0.073  3.095   1.00 13.53 ? 123 SER A N     1 
ATOM   895  C  CA    . SER A 1 109 ? 16.349  0.585   2.285   1.00 17.15 ? 123 SER A CA    1 
ATOM   896  C  C     . SER A 1 109 ? 16.168  2.085   2.433   1.00 17.67 ? 123 SER A C     1 
ATOM   897  O  O     . SER A 1 109 ? 15.056  2.584   2.372   1.00 18.34 ? 123 SER A O     1 
ATOM   898  C  CB    . SER A 1 109 ? 16.190  0.205   0.819   1.00 21.38 ? 123 SER A CB    1 
ATOM   899  O  OG    . SER A 1 109 ? 16.942  1.115   0.017   1.00 29.15 ? 123 SER A OG    1 
ATOM   900  N  N     . PRO A 1 110 ? 17.267  2.830   2.632   1.00 21.97 ? 124 PRO A N     1 
ATOM   901  C  CA    . PRO A 1 110 ? 17.180  4.285   2.790   1.00 22.60 ? 124 PRO A CA    1 
ATOM   902  C  C     . PRO A 1 110 ? 16.612  5.031   1.577   1.00 22.77 ? 124 PRO A C     1 
ATOM   903  O  O     . PRO A 1 110 ? 16.149  6.169   1.698   1.00 27.26 ? 124 PRO A O     1 
ATOM   904  C  CB    . PRO A 1 110 ? 18.628  4.686   3.101   1.00 24.60 ? 124 PRO A CB    1 
ATOM   905  C  CG    . PRO A 1 110 ? 19.441  3.626   2.377   1.00 24.01 ? 124 PRO A CG    1 
ATOM   906  C  CD    . PRO A 1 110 ? 18.663  2.359   2.694   1.00 24.18 ? 124 PRO A CD    1 
ATOM   907  N  N     . ASN A 1 111 ? 16.632  4.381   0.420   1.00 21.26 ? 125 ASN A N     1 
ATOM   908  C  CA    . ASN A 1 111 ? 16.111  4.993   -0.797  1.00 21.55 ? 125 ASN A CA    1 
ATOM   909  C  C     . ASN A 1 111 ? 14.697  4.495   -1.164  1.00 19.59 ? 125 ASN A C     1 
ATOM   910  O  O     . ASN A 1 111 ? 14.185  4.810   -2.238  1.00 21.62 ? 125 ASN A O     1 
ATOM   911  C  CB    . ASN A 1 111 ? 17.084  4.725   -1.957  1.00 25.29 ? 125 ASN A CB    1 
ATOM   912  C  CG    . ASN A 1 111 ? 18.431  5.443   -1.783  1.00 30.60 ? 125 ASN A CG    1 
ATOM   913  O  OD1   . ASN A 1 111 ? 19.462  4.979   -2.285  1.00 38.64 ? 125 ASN A OD1   1 
ATOM   914  N  ND2   . ASN A 1 111 ? 18.423  6.574   -1.092  1.00 30.99 ? 125 ASN A ND2   1 
ATOM   915  N  N     . ILE A 1 112 ? 14.059  3.733   -0.279  1.00 16.71 ? 126 ILE A N     1 
ATOM   916  C  CA    . ILE A 1 112 ? 12.724  3.212   -0.582  1.00 15.25 ? 126 ILE A CA    1 
ATOM   917  C  C     . ILE A 1 112 ? 11.714  4.341   -0.827  1.00 14.46 ? 126 ILE A C     1 
ATOM   918  O  O     . ILE A 1 112 ? 11.768  5.395   -0.167  1.00 17.12 ? 126 ILE A O     1 
ATOM   919  C  CB    . ILE A 1 112 ? 12.217  2.279   0.572   1.00 14.85 ? 126 ILE A CB    1 
ATOM   920  C  CG1   . ILE A 1 112 ? 10.966  1.515   0.123   1.00 12.48 ? 126 ILE A CG1   1 
ATOM   921  C  CG2   . ILE A 1 112 ? 11.915  3.108   1.839   1.00 15.77 ? 126 ILE A CG2   1 
ATOM   922  C  CD1   . ILE A 1 112 ? 10.484  0.487   1.130   1.00 16.69 ? 126 ILE A CD1   1 
ATOM   923  N  N     . VAL A 1 113 ? 10.837  4.128   -1.802  1.00 12.62 ? 127 VAL A N     1 
ATOM   924  C  CA    . VAL A 1 113 ? 9.789   5.082   -2.125  1.00 13.08 ? 127 VAL A CA    1 
ATOM   925  C  C     . VAL A 1 113 ? 8.578   4.595   -1.336  1.00 14.37 ? 127 VAL A C     1 
ATOM   926  O  O     . VAL A 1 113 ? 8.149   3.460   -1.525  1.00 14.99 ? 127 VAL A O     1 
ATOM   927  C  CB    . VAL A 1 113 ? 9.473   5.063   -3.624  1.00 14.60 ? 127 VAL A CB    1 
ATOM   928  C  CG1   . VAL A 1 113 ? 8.208   5.858   -3.904  1.00 16.48 ? 127 VAL A CG1   1 
ATOM   929  C  CG2   . VAL A 1 113 ? 10.659  5.676   -4.392  1.00 18.29 ? 127 VAL A CG2   1 
ATOM   930  N  N     . ILE A 1 114 ? 8.038   5.436   -0.461  1.00 11.69 ? 128 ILE A N     1 
ATOM   931  C  CA    . ILE A 1 114 ? 6.888   5.046   0.362   1.00 10.94 ? 128 ILE A CA    1 
ATOM   932  C  C     . ILE A 1 114 ? 5.616   5.803   -0.014  1.00 12.13 ? 128 ILE A C     1 
ATOM   933  O  O     . ILE A 1 114 ? 5.592   7.043   -0.034  1.00 13.30 ? 128 ILE A O     1 
ATOM   934  C  CB    . ILE A 1 114 ? 7.163   5.318   1.842   1.00 11.45 ? 128 ILE A CB    1 
ATOM   935  C  CG1   . ILE A 1 114 ? 8.442   4.598   2.276   1.00 13.97 ? 128 ILE A CG1   1 
ATOM   936  C  CG2   . ILE A 1 114 ? 5.997   4.814   2.683   1.00 13.53 ? 128 ILE A CG2   1 
ATOM   937  C  CD1   . ILE A 1 114 ? 8.843   4.891   3.703   1.00 13.73 ? 128 ILE A CD1   1 
ATOM   938  N  N     . ALA A 1 115 ? 4.575   5.049   -0.328  1.00 12.07 ? 129 ALA A N     1 
ATOM   939  C  CA    . ALA A 1 115 ? 3.280   5.634   -0.644  1.00 12.53 ? 129 ALA A CA    1 
ATOM   940  C  C     . ALA A 1 115 ? 2.358   5.315   0.527   1.00 11.99 ? 129 ALA A C     1 
ATOM   941  O  O     . ALA A 1 115 ? 2.557   4.341   1.247   1.00 12.52 ? 129 ALA A O     1 
ATOM   942  C  CB    . ALA A 1 115 ? 2.711   5.038   -1.929  1.00 14.65 ? 129 ALA A CB    1 
ATOM   943  N  N     . LEU A 1 116 ? 1.378   6.184   0.733   1.00 11.68 ? 130 LEU A N     1 
ATOM   944  C  CA    . LEU A 1 116 ? 0.404   6.018   1.799   1.00 10.10 ? 130 LEU A CA    1 
ATOM   945  C  C     . LEU A 1 116 ? -0.965  5.999   1.123   1.00 9.98  ? 130 LEU A C     1 
ATOM   946  O  O     . LEU A 1 116 ? -1.329  6.937   0.392   1.00 10.76 ? 130 LEU A O     1 
ATOM   947  C  CB    . LEU A 1 116 ? 0.483   7.203   2.773   1.00 11.02 ? 130 LEU A CB    1 
ATOM   948  C  CG    . LEU A 1 116 ? -0.500  7.161   3.934   1.00 10.71 ? 130 LEU A CG    1 
ATOM   949  C  CD1   . LEU A 1 116 ? -0.093  6.050   4.898   1.00 12.27 ? 130 LEU A CD1   1 
ATOM   950  C  CD2   . LEU A 1 116 ? -0.516  8.524   4.632   1.00 13.35 ? 130 LEU A CD2   1 
ATOM   951  N  N     . SER A 1 117 ? -1.702  4.908   1.337   1.00 8.82  ? 131 SER A N     1 
ATOM   952  C  CA    . SER A 1 117 ? -3.037  4.743   0.774   1.00 10.03 ? 131 SER A CA    1 
ATOM   953  C  C     . SER A 1 117 ? -4.111  4.877   1.835   1.00 10.20 ? 131 SER A C     1 
ATOM   954  O  O     . SER A 1 117 ? -4.114  4.105   2.792   1.00 10.25 ? 131 SER A O     1 
ATOM   955  C  CB    . SER A 1 117 ? -3.164  3.355   0.131   1.00 9.82  ? 131 SER A CB    1 
ATOM   956  O  OG    . SER A 1 117 ? -4.540  2.958   0.072   1.00 9.93  ? 131 SER A OG    1 
ATOM   957  N  N     . GLY A 1 118 ? -4.949  5.910   1.715   1.00 9.71  ? 132 GLY A N     1 
ATOM   958  C  CA    . GLY A 1 118 ? -6.105  6.045   2.597   1.00 10.30 ? 132 GLY A CA    1 
ATOM   959  C  C     . GLY A 1 118 ? -7.202  5.281   1.860   1.00 8.86  ? 132 GLY A C     1 
ATOM   960  O  O     . GLY A 1 118 ? -7.912  5.835   1.012   1.00 9.49  ? 132 GLY A O     1 
ATOM   961  N  N     . ASN A 1 119 ? -7.340  3.989   2.174   1.00 10.27 ? 133 ASN A N     1 
ATOM   962  C  CA    . ASN A 1 119 ? -8.272  3.135   1.449   1.00 10.33 ? 133 ASN A CA    1 
ATOM   963  C  C     . ASN A 1 119 ? -9.700  3.142   1.962   1.00 9.90  ? 133 ASN A C     1 
ATOM   964  O  O     . ASN A 1 119 ? -9.979  3.668   3.020   1.00 9.89  ? 133 ASN A O     1 
ATOM   965  C  CB    . ASN A 1 119 ? -7.687  1.724   1.396   1.00 10.66 ? 133 ASN A CB    1 
ATOM   966  C  CG    . ASN A 1 119 ? -8.355  0.855   0.344   1.00 11.39 ? 133 ASN A CG    1 
ATOM   967  O  OD1   . ASN A 1 119 ? -8.550  1.276   -0.809  1.00 11.29 ? 133 ASN A OD1   1 
ATOM   968  N  ND2   . ASN A 1 119 ? -8.726  -0.363  0.736   1.00 10.77 ? 133 ASN A ND2   1 
ATOM   969  N  N     . LYS A 1 120 ? -10.599 2.552   1.184   1.00 9.46  ? 134 LYS A N     1 
ATOM   970  C  CA    . LYS A 1 120 ? -12.041 2.529   1.468   1.00 9.33  ? 134 LYS A CA    1 
ATOM   971  C  C     . LYS A 1 120 ? -12.613 3.947   1.392   1.00 10.80 ? 134 LYS A C     1 
ATOM   972  O  O     . LYS A 1 120 ? -13.526 4.308   2.142   1.00 10.92 ? 134 LYS A O     1 
ATOM   973  C  CB    . LYS A 1 120 ? -12.372 1.869   2.827   1.00 11.05 ? 134 LYS A CB    1 
ATOM   974  C  CG    . LYS A 1 120 ? -11.677 0.506   3.061   1.00 10.62 ? 134 LYS A CG    1 
ATOM   975  C  CD    . LYS A 1 120 ? -12.375 -0.317  4.138   1.00 13.01 ? 134 LYS A CD    1 
ATOM   976  C  CE    . LYS A 1 120 ? -11.603 -1.597  4.481   1.00 10.23 ? 134 LYS A CE    1 
ATOM   977  N  NZ    . LYS A 1 120 ? -12.378 -2.439  5.467   1.00 12.09 ? 134 LYS A NZ    1 
ATOM   978  N  N     . ALA A 1 121 ? -12.111 4.737   0.438   1.00 11.81 ? 135 ALA A N     1 
ATOM   979  C  CA    . ALA A 1 121 ? -12.586 6.115   0.293   1.00 11.07 ? 135 ALA A CA    1 
ATOM   980  C  C     . ALA A 1 121 ? -14.039 6.182   -0.160  1.00 11.92 ? 135 ALA A C     1 
ATOM   981  O  O     . ALA A 1 121 ? -14.676 7.246   -0.086  1.00 12.51 ? 135 ALA A O     1 
ATOM   982  C  CB    . ALA A 1 121 ? -11.691 6.895   -0.676  1.00 14.74 ? 135 ALA A CB    1 
ATOM   983  N  N     . ASP A 1 122 ? -14.555 5.066   -0.658  1.00 11.36 ? 136 ASP A N     1 
ATOM   984  C  CA    . ASP A 1 122 ? -15.953 4.996   -1.054  1.00 10.63 ? 136 ASP A CA    1 
ATOM   985  C  C     . ASP A 1 122 ? -16.844 5.041   0.190   1.00 10.95 ? 136 ASP A C     1 
ATOM   986  O  O     . ASP A 1 122 ? -18.062 5.236   0.076   1.00 13.37 ? 136 ASP A O     1 
ATOM   987  C  CB    . ASP A 1 122 ? -16.249 3.693   -1.839  1.00 11.41 ? 136 ASP A CB    1 
ATOM   988  C  CG    . ASP A 1 122 ? -15.820 2.443   -1.082  1.00 13.03 ? 136 ASP A CG    1 
ATOM   989  O  OD1   . ASP A 1 122 ? -14.594 2.213   -0.931  1.00 10.62 ? 136 ASP A OD1   1 
ATOM   990  O  OD2   . ASP A 1 122 ? -16.724 1.712   -0.614  1.00 14.43 ? 136 ASP A OD2   1 
ATOM   991  N  N     . LEU A 1 123 ? -16.254 4.856   1.370   1.00 10.59 ? 137 LEU A N     1 
ATOM   992  C  CA    . LEU A 1 123 ? -17.002 4.885   2.638   1.00 10.36 ? 137 LEU A CA    1 
ATOM   993  C  C     . LEU A 1 123 ? -16.785 6.230   3.336   1.00 12.59 ? 137 LEU A C     1 
ATOM   994  O  O     . LEU A 1 123 ? -16.745 6.285   4.553   1.00 14.41 ? 137 LEU A O     1 
ATOM   995  C  CB    . LEU A 1 123 ? -16.523 3.752   3.561   1.00 12.40 ? 137 LEU A CB    1 
ATOM   996  C  CG    . LEU A 1 123 ? -16.670 2.325   3.016   1.00 12.90 ? 137 LEU A CG    1 
ATOM   997  C  CD1   . LEU A 1 123 ? -16.252 1.343   4.088   1.00 11.98 ? 137 LEU A CD1   1 
ATOM   998  C  CD2   . LEU A 1 123 ? -18.104 2.056   2.626   1.00 16.17 ? 137 LEU A CD2   1 
ATOM   999  N  N     . ALA A 1 124 ? -16.649 7.302   2.561   1.00 11.26 ? 138 ALA A N     1 
ATOM   1000 C  CA    . ALA A 1 124 ? -16.430 8.635   3.124   1.00 11.46 ? 138 ALA A CA    1 
ATOM   1001 C  C     . ALA A 1 124 ? -17.564 9.093   4.038   1.00 11.21 ? 138 ALA A C     1 
ATOM   1002 O  O     . ALA A 1 124 ? -17.369 10.018  4.825   1.00 11.68 ? 138 ALA A O     1 
ATOM   1003 C  CB    . ALA A 1 124 ? -16.209 9.643   2.021   1.00 14.88 ? 138 ALA A CB    1 
ATOM   1004 N  N     . ASN A 1 125 ? -18.733 8.467   3.939   1.00 12.45 ? 139 ASN A N     1 
ATOM   1005 C  CA    . ASN A 1 125 ? -19.859 8.829   4.809   1.00 14.73 ? 139 ASN A CA    1 
ATOM   1006 C  C     . ASN A 1 125 ? -19.597 8.356   6.254   1.00 14.52 ? 139 ASN A C     1 
ATOM   1007 O  O     . ASN A 1 125 ? -20.350 8.680   7.166   1.00 15.02 ? 139 ASN A O     1 
ATOM   1008 C  CB    . ASN A 1 125 ? -21.144 8.159   4.296   1.00 15.96 ? 139 ASN A CB    1 
ATOM   1009 C  CG    . ASN A 1 125 ? -21.041 6.653   4.326   1.00 24.18 ? 139 ASN A CG    1 
ATOM   1010 O  OD1   . ASN A 1 125 ? -20.305 6.053   3.537   1.00 31.98 ? 139 ASN A OD1   1 
ATOM   1011 N  ND2   . ASN A 1 125 ? -21.742 6.034   5.257   1.00 30.75 ? 139 ASN A ND2   1 
ATOM   1012 N  N     . LYS A 1 126 ? -18.501 7.615   6.443   1.00 13.08 ? 140 LYS A N     1 
ATOM   1013 C  CA    . LYS A 1 126 ? -18.089 7.082   7.729   1.00 13.12 ? 140 LYS A CA    1 
ATOM   1014 C  C     . LYS A 1 126 ? -16.638 7.478   7.993   1.00 11.11 ? 140 LYS A C     1 
ATOM   1015 O  O     . LYS A 1 126 ? -15.955 6.834   8.787   1.00 11.64 ? 140 LYS A O     1 
ATOM   1016 C  CB    . LYS A 1 126 ? -18.186 5.548   7.727   1.00 16.51 ? 140 LYS A CB    1 
ATOM   1017 C  CG    . LYS A 1 126 ? -19.596 5.030   7.491   1.00 21.56 ? 140 LYS A CG    1 
ATOM   1018 C  CD    . LYS A 1 126 ? -19.594 3.534   7.533   1.00 26.51 ? 140 LYS A CD    1 
ATOM   1019 C  CE    . LYS A 1 126 ? -18.683 2.976   6.471   1.00 34.54 ? 140 LYS A CE    1 
ATOM   1020 N  NZ    . LYS A 1 126 ? -18.643 1.489   6.532   1.00 37.96 ? 140 LYS A NZ    1 
ATOM   1021 N  N     . ARG A 1 127 ? -16.166 8.530   7.324   1.00 9.66  ? 141 ARG A N     1 
ATOM   1022 C  CA    . ARG A 1 127 ? -14.792 8.993   7.483   1.00 11.83 ? 141 ARG A CA    1 
ATOM   1023 C  C     . ARG A 1 127 ? -14.400 9.262   8.934   1.00 10.76 ? 141 ARG A C     1 
ATOM   1024 O  O     . ARG A 1 127 ? -15.187 9.843   9.690   1.00 11.51 ? 141 ARG A O     1 
ATOM   1025 C  CB    . ARG A 1 127 ? -14.583 10.285  6.669   1.00 10.53 ? 141 ARG A CB    1 
ATOM   1026 C  CG    . ARG A 1 127 ? -13.194 10.943  6.806   1.00 11.78 ? 141 ARG A CG    1 
ATOM   1027 C  CD    . ARG A 1 127 ? -13.098 12.213  5.965   1.00 12.24 ? 141 ARG A CD    1 
ATOM   1028 N  NE    . ARG A 1 127 ? -13.251 11.971  4.521   1.00 10.59 ? 141 ARG A NE    1 
ATOM   1029 C  CZ    . ARG A 1 127 ? -12.270 11.535  3.730   1.00 9.89  ? 141 ARG A CZ    1 
ATOM   1030 N  NH1   . ARG A 1 127 ? -11.060 11.288  4.231   1.00 11.45 ? 141 ARG A NH1   1 
ATOM   1031 N  NH2   . ARG A 1 127 ? -12.490 11.363  2.417   1.00 11.10 ? 141 ARG A NH2   1 
ATOM   1032 N  N     . ALA A 1 128 ? -13.195 8.832   9.309   1.00 11.32 ? 142 ALA A N     1 
ATOM   1033 C  CA    . ALA A 1 128 ? -12.635 9.102   10.642  1.00 11.06 ? 142 ALA A CA    1 
ATOM   1034 C  C     . ALA A 1 128 ? -11.279 9.817   10.509  1.00 12.28 ? 142 ALA A C     1 
ATOM   1035 O  O     . ALA A 1 128 ? -10.755 10.327  11.495  1.00 14.34 ? 142 ALA A O     1 
ATOM   1036 C  CB    . ALA A 1 128 ? -12.456 7.807   11.412  1.00 13.61 ? 142 ALA A CB    1 
ATOM   1037 N  N     . VAL A 1 129 ? -10.692 9.813   9.308   1.00 11.50 ? 143 VAL A N     1 
ATOM   1038 C  CA    . VAL A 1 129 ? -9.403  10.463  9.083   1.00 10.53 ? 143 VAL A CA    1 
ATOM   1039 C  C     . VAL A 1 129 ? -9.557  11.537  8.020   1.00 11.00 ? 143 VAL A C     1 
ATOM   1040 O  O     . VAL A 1 129 ? -9.865  11.256  6.857   1.00 12.42 ? 143 VAL A O     1 
ATOM   1041 C  CB    . VAL A 1 129 ? -8.309  9.449   8.612   1.00 12.25 ? 143 VAL A CB    1 
ATOM   1042 C  CG1   . VAL A 1 129 ? -6.972  10.163  8.394   1.00 14.77 ? 143 VAL A CG1   1 
ATOM   1043 C  CG2   . VAL A 1 129 ? -8.172  8.345   9.650   1.00 12.49 ? 143 VAL A CG2   1 
ATOM   1044 N  N     . ASP A 1 130 ? -9.358  12.777  8.439   1.00 11.85 ? 144 ASP A N     1 
ATOM   1045 C  CA    . ASP A 1 130 ? -9.465  13.937  7.553   1.00 12.01 ? 144 ASP A CA    1 
ATOM   1046 C  C     . ASP A 1 130 ? -8.440  13.869  6.424   1.00 10.96 ? 144 ASP A C     1 
ATOM   1047 O  O     . ASP A 1 130 ? -7.258  13.609  6.662   1.00 11.41 ? 144 ASP A O     1 
ATOM   1048 C  CB    A ASP A 1 130 ? -9.246  15.194  8.412   0.50 14.04 ? 144 ASP A CB    1 
ATOM   1049 C  CB    B ASP A 1 130 ? -9.256  15.229  8.332   0.50 14.98 ? 144 ASP A CB    1 
ATOM   1050 C  CG    A ASP A 1 130 ? -9.353  16.482  7.629   0.50 16.86 ? 144 ASP A CG    1 
ATOM   1051 C  CG    B ASP A 1 130 ? -10.491 15.663  9.078   0.50 19.49 ? 144 ASP A CG    1 
ATOM   1052 O  OD1   A ASP A 1 130 ? -8.325  16.958  7.106   0.50 16.12 ? 144 ASP A OD1   1 
ATOM   1053 O  OD1   B ASP A 1 130 ? -10.389 16.655  9.821   0.50 24.11 ? 144 ASP A OD1   1 
ATOM   1054 O  OD2   A ASP A 1 130 ? -10.472 17.021  7.541   0.50 16.66 ? 144 ASP A OD2   1 
ATOM   1055 O  OD2   B ASP A 1 130 ? -11.555 15.029  8.921   0.50 22.56 ? 144 ASP A OD2   1 
ATOM   1056 N  N     . PHE A 1 131 ? -8.886  14.106  5.198   1.00 11.01 ? 145 PHE A N     1 
ATOM   1057 C  CA    . PHE A 1 131 ? -7.998  14.078  4.047   1.00 11.40 ? 145 PHE A CA    1 
ATOM   1058 C  C     . PHE A 1 131 ? -6.822  15.037  4.177   1.00 12.32 ? 145 PHE A C     1 
ATOM   1059 O  O     . PHE A 1 131 ? -5.681  14.652  3.942   1.00 13.29 ? 145 PHE A O     1 
ATOM   1060 C  CB    . PHE A 1 131 ? -8.774  14.437  2.785   1.00 11.17 ? 145 PHE A CB    1 
ATOM   1061 C  CG    . PHE A 1 131 ? -7.925  14.460  1.548   1.00 14.14 ? 145 PHE A CG    1 
ATOM   1062 C  CD1   . PHE A 1 131 ? -7.661  13.291  0.849   1.00 16.04 ? 145 PHE A CD1   1 
ATOM   1063 C  CD2   . PHE A 1 131 ? -7.378  15.647  1.096   1.00 17.06 ? 145 PHE A CD2   1 
ATOM   1064 C  CE1   . PHE A 1 131 ? -6.861  13.299  -0.290  1.00 17.56 ? 145 PHE A CE1   1 
ATOM   1065 C  CE2   . PHE A 1 131 ? -6.573  15.668  -0.044  1.00 16.29 ? 145 PHE A CE2   1 
ATOM   1066 C  CZ    . PHE A 1 131 ? -6.320  14.482  -0.733  1.00 15.43 ? 145 PHE A CZ    1 
ATOM   1067 N  N     . GLN A 1 132 ? -7.094  16.292  4.522   1.00 12.86 ? 146 GLN A N     1 
ATOM   1068 C  CA    . GLN A 1 132 ? -6.017  17.267  4.615   1.00 14.45 ? 146 GLN A CA    1 
ATOM   1069 C  C     . GLN A 1 132 ? -5.001  16.923  5.708   1.00 15.15 ? 146 GLN A C     1 
ATOM   1070 O  O     . GLN A 1 132 ? -3.802  17.181  5.562   1.00 14.78 ? 146 GLN A O     1 
ATOM   1071 C  CB    A GLN A 1 132 ? -6.596  18.663  4.865   0.50 14.97 ? 146 GLN A CB    1 
ATOM   1072 C  CB    B GLN A 1 132 ? -6.593  18.666  4.854   0.50 14.84 ? 146 GLN A CB    1 
ATOM   1073 C  CG    A GLN A 1 132 ? -7.415  19.224  3.715   0.50 20.35 ? 146 GLN A CG    1 
ATOM   1074 C  CG    B GLN A 1 132 ? -5.531  19.752  4.931   0.50 21.46 ? 146 GLN A CG    1 
ATOM   1075 C  CD    A GLN A 1 132 ? -6.632  19.321  2.418   0.50 25.62 ? 146 GLN A CD    1 
ATOM   1076 C  CD    B GLN A 1 132 ? -4.697  19.841  3.668   0.50 23.95 ? 146 GLN A CD    1 
ATOM   1077 O  OE1   A GLN A 1 132 ? -5.444  19.636  2.419   0.50 28.73 ? 146 GLN A OE1   1 
ATOM   1078 O  OE1   B GLN A 1 132 ? -5.209  20.164  2.596   0.50 28.84 ? 146 GLN A OE1   1 
ATOM   1079 N  NE2   A GLN A 1 132 ? -7.300  19.066  1.301   0.50 27.01 ? 146 GLN A NE2   1 
ATOM   1080 N  NE2   B GLN A 1 132 ? -3.405  19.546  3.785   0.50 20.06 ? 146 GLN A NE2   1 
ATOM   1081 N  N     . GLU A 1 133 ? -5.482  16.359  6.811   1.00 12.92 ? 147 GLU A N     1 
ATOM   1082 C  CA    . GLU A 1 133 ? -4.585  15.960  7.883   1.00 13.32 ? 147 GLU A CA    1 
ATOM   1083 C  C     . GLU A 1 133 ? -3.648  14.854  7.390   1.00 13.10 ? 147 GLU A C     1 
ATOM   1084 O  O     . GLU A 1 133 ? -2.431  14.887  7.659   1.00 12.86 ? 147 GLU A O     1 
ATOM   1085 C  CB    A GLU A 1 133 ? -5.394  15.456  9.071   0.50 14.70 ? 147 GLU A CB    1 
ATOM   1086 C  CB    B GLU A 1 133 ? -5.390  15.490  9.093   0.50 15.11 ? 147 GLU A CB    1 
ATOM   1087 C  CG    A GLU A 1 133 ? -4.557  15.002  10.238  0.50 14.72 ? 147 GLU A CG    1 
ATOM   1088 C  CG    B GLU A 1 133 ? -6.056  16.631  9.846   0.50 18.68 ? 147 GLU A CG    1 
ATOM   1089 C  CD    A GLU A 1 133 ? -5.417  14.551  11.394  0.50 19.29 ? 147 GLU A CD    1 
ATOM   1090 C  CD    B GLU A 1 133 ? -6.972  16.138  10.948  0.50 21.12 ? 147 GLU A CD    1 
ATOM   1091 O  OE1   A GLU A 1 133 ? -6.293  15.340  11.806  0.50 23.49 ? 147 GLU A OE1   1 
ATOM   1092 O  OE1   B GLU A 1 133 ? -6.732  15.031  11.472  0.50 19.16 ? 147 GLU A OE1   1 
ATOM   1093 O  OE2   A GLU A 1 133 ? -5.227  13.414  11.886  0.50 14.34 ? 147 GLU A OE2   1 
ATOM   1094 O  OE2   B GLU A 1 133 ? -7.931  16.863  11.293  0.50 25.92 ? 147 GLU A OE2   1 
ATOM   1095 N  N     . ALA A 1 134 ? -4.194  13.887  6.655   1.00 11.27 ? 148 ALA A N     1 
ATOM   1096 C  CA    . ALA A 1 134 ? -3.382  12.811  6.124   1.00 13.14 ? 148 ALA A CA    1 
ATOM   1097 C  C     . ALA A 1 134 ? -2.419  13.346  5.065   1.00 11.44 ? 148 ALA A C     1 
ATOM   1098 O  O     . ALA A 1 134 ? -1.257  12.902  5.008   1.00 10.64 ? 148 ALA A O     1 
ATOM   1099 C  CB    . ALA A 1 134 ? -4.279  11.699  5.533   1.00 12.38 ? 148 ALA A CB    1 
ATOM   1100 N  N     . GLN A 1 135 ? -2.888  14.285  4.239   1.00 11.99 ? 149 GLN A N     1 
ATOM   1101 C  CA    . GLN A 1 135 ? -2.016  14.874  3.212   1.00 11.62 ? 149 GLN A CA    1 
ATOM   1102 C  C     . GLN A 1 135 ? -0.843  15.587  3.871   1.00 13.48 ? 149 GLN A C     1 
ATOM   1103 O  O     . GLN A 1 135 ? 0.292   15.448  3.425   1.00 12.20 ? 149 GLN A O     1 
ATOM   1104 C  CB    . GLN A 1 135 ? -2.787  15.875  2.347   1.00 12.14 ? 149 GLN A CB    1 
ATOM   1105 C  CG    . GLN A 1 135 ? -1.913  16.495  1.239   1.00 13.17 ? 149 GLN A CG    1 
ATOM   1106 C  CD    . GLN A 1 135 ? -1.558  15.496  0.133   1.00 13.36 ? 149 GLN A CD    1 
ATOM   1107 O  OE1   . GLN A 1 135 ? -2.427  15.065  -0.625  1.00 16.58 ? 149 GLN A OE1   1 
ATOM   1108 N  NE2   . GLN A 1 135 ? -0.273  15.132  0.041   1.00 14.33 ? 149 GLN A NE2   1 
ATOM   1109 N  N     . SER A 1 136 ? -1.109  16.341  4.935   1.00 12.83 ? 150 SER A N     1 
ATOM   1110 C  CA    . SER A 1 136 ? -0.037  17.071  5.616   1.00 13.21 ? 150 SER A CA    1 
ATOM   1111 C  C     . SER A 1 136 ? 0.972   16.111  6.244   1.00 13.23 ? 150 SER A C     1 
ATOM   1112 O  O     . SER A 1 136 ? 2.186   16.328  6.178   1.00 13.13 ? 150 SER A O     1 
ATOM   1113 C  CB    A SER A 1 136 ? -0.622  17.966  6.711   0.50 15.03 ? 150 SER A CB    1 
ATOM   1114 C  CB    B SER A 1 136 ? -0.617  17.991  6.687   0.50 15.19 ? 150 SER A CB    1 
ATOM   1115 O  OG    A SER A 1 136 ? 0.384   18.747  7.331   0.50 17.66 ? 150 SER A OG    1 
ATOM   1116 O  OG    B SER A 1 136 ? -1.349  19.048  6.091   0.50 17.83 ? 150 SER A OG    1 
ATOM   1117 N  N     . TYR A 1 137 ? 0.462   15.053  6.868   1.00 12.26 ? 151 TYR A N     1 
ATOM   1118 C  CA    . TYR A 1 137 ? 1.320   14.040  7.476   1.00 11.37 ? 151 TYR A CA    1 
ATOM   1119 C  C     . TYR A 1 137 ? 2.211   13.421  6.367   1.00 12.01 ? 151 TYR A C     1 
ATOM   1120 O  O     . TYR A 1 137 ? 3.420   13.234  6.536   1.00 11.51 ? 151 TYR A O     1 
ATOM   1121 C  CB    . TYR A 1 137 ? 0.458   12.939  8.137   1.00 11.06 ? 151 TYR A CB    1 
ATOM   1122 C  CG    . TYR A 1 137 ? 1.243   11.677  8.427   1.00 11.86 ? 151 TYR A CG    1 
ATOM   1123 C  CD1   . TYR A 1 137 ? 2.155   11.609  9.487   1.00 13.42 ? 151 TYR A CD1   1 
ATOM   1124 C  CD2   . TYR A 1 137 ? 1.161   10.590  7.570   1.00 10.71 ? 151 TYR A CD2   1 
ATOM   1125 C  CE1   . TYR A 1 137 ? 2.970   10.486  9.672   1.00 15.41 ? 151 TYR A CE1   1 
ATOM   1126 C  CE2   . TYR A 1 137 ? 1.973   9.477   7.741   1.00 11.82 ? 151 TYR A CE2   1 
ATOM   1127 C  CZ    . TYR A 1 137 ? 2.874   9.432   8.792   1.00 12.58 ? 151 TYR A CZ    1 
ATOM   1128 O  OH    . TYR A 1 137 ? 3.669   8.320   8.971   1.00 16.00 ? 151 TYR A OH    1 
ATOM   1129 N  N     . ALA A 1 138 ? 1.614   13.098  5.227   1.00 11.08 ? 152 ALA A N     1 
ATOM   1130 C  CA    . ALA A 1 138 ? 2.388   12.510  4.129   1.00 11.40 ? 152 ALA A CA    1 
ATOM   1131 C  C     . ALA A 1 138 ? 3.440   13.500  3.607   1.00 12.10 ? 152 ALA A C     1 
ATOM   1132 O  O     . ALA A 1 138 ? 4.599   13.131  3.387   1.00 11.82 ? 152 ALA A O     1 
ATOM   1133 C  CB    . ALA A 1 138 ? 1.455   12.105  3.004   1.00 12.07 ? 152 ALA A CB    1 
ATOM   1134 N  N     . ASP A 1 139 ? 3.051   14.760  3.433   1.00 11.95 ? 153 ASP A N     1 
ATOM   1135 C  CA    . ASP A 1 139 ? 4.011   15.764  2.937   1.00 15.17 ? 153 ASP A CA    1 
ATOM   1136 C  C     . ASP A 1 139 ? 5.194   15.919  3.908   1.00 14.51 ? 153 ASP A C     1 
ATOM   1137 O  O     . ASP A 1 139 ? 6.353   15.958  3.485   1.00 15.08 ? 153 ASP A O     1 
ATOM   1138 C  CB    . ASP A 1 139 ? 3.338   17.138  2.770   1.00 13.38 ? 153 ASP A CB    1 
ATOM   1139 C  CG    . ASP A 1 139 ? 2.360   17.184  1.619   1.00 15.42 ? 153 ASP A CG    1 
ATOM   1140 O  OD1   . ASP A 1 139 ? 2.404   16.296  0.752   1.00 15.46 ? 153 ASP A OD1   1 
ATOM   1141 O  OD2   . ASP A 1 139 ? 1.547   18.134  1.577   1.00 17.08 ? 153 ASP A OD2   1 
ATOM   1142 N  N     . ASP A 1 140 ? 4.911   15.992  5.204   1.00 14.83 ? 154 ASP A N     1 
ATOM   1143 C  CA    . ASP A 1 140 ? 5.982   16.150  6.188   1.00 14.62 ? 154 ASP A CA    1 
ATOM   1144 C  C     . ASP A 1 140 ? 6.912   14.943  6.252   1.00 17.30 ? 154 ASP A C     1 
ATOM   1145 O  O     . ASP A 1 140 ? 8.065   15.080  6.642   1.00 21.76 ? 154 ASP A O     1 
ATOM   1146 C  CB    . ASP A 1 140 ? 5.399   16.414  7.585   1.00 16.96 ? 154 ASP A CB    1 
ATOM   1147 C  CG    . ASP A 1 140 ? 4.649   17.735  7.659   1.00 23.44 ? 154 ASP A CG    1 
ATOM   1148 O  OD1   . ASP A 1 140 ? 4.840   18.580  6.760   1.00 28.20 ? 154 ASP A OD1   1 
ATOM   1149 O  OD2   . ASP A 1 140 ? 3.872   17.928  8.622   1.00 27.13 ? 154 ASP A OD2   1 
ATOM   1150 N  N     . ASN A 1 141 ? 6.416   13.773  5.856   1.00 14.47 ? 155 ASN A N     1 
ATOM   1151 C  CA    . ASN A 1 141 ? 7.200   12.548  5.889   1.00 15.33 ? 155 ASN A CA    1 
ATOM   1152 C  C     . ASN A 1 141 ? 7.668   12.028  4.529   1.00 15.50 ? 155 ASN A C     1 
ATOM   1153 O  O     . ASN A 1 141 ? 8.133   10.891  4.416   1.00 16.86 ? 155 ASN A O     1 
ATOM   1154 C  CB    . ASN A 1 141 ? 6.412   11.450  6.602   1.00 17.74 ? 155 ASN A CB    1 
ATOM   1155 C  CG    . ASN A 1 141 ? 6.365   11.663  8.086   1.00 19.90 ? 155 ASN A CG    1 
ATOM   1156 O  OD1   . ASN A 1 141 ? 5.502   12.383  8.624   1.00 21.30 ? 155 ASN A OD1   1 
ATOM   1157 N  ND2   . ASN A 1 141 ? 7.317   11.053  8.772   1.00 25.43 ? 155 ASN A ND2   1 
ATOM   1158 N  N     . SER A 1 142 ? 7.531   12.864  3.506   1.00 14.33 ? 156 SER A N     1 
ATOM   1159 C  CA    . SER A 1 142 ? 7.944   12.524  2.155   1.00 14.32 ? 156 SER A CA    1 
ATOM   1160 C  C     . SER A 1 142 ? 7.318   11.242  1.665   1.00 14.65 ? 156 SER A C     1 
ATOM   1161 O  O     . SER A 1 142 ? 8.003   10.361  1.147   1.00 15.93 ? 156 SER A O     1 
ATOM   1162 C  CB    . SER A 1 142 ? 9.476   12.434  2.070   1.00 15.39 ? 156 SER A CB    1 
ATOM   1163 O  OG    . SER A 1 142 ? 10.070  13.668  2.455   1.00 25.46 ? 156 SER A OG    1 
ATOM   1164 N  N     . LEU A 1 143 ? 5.999   11.150  1.810   1.00 13.34 ? 157 LEU A N     1 
ATOM   1165 C  CA    . LEU A 1 143 ? 5.242   9.995   1.353   1.00 11.90 ? 157 LEU A CA    1 
ATOM   1166 C  C     . LEU A 1 143 ? 4.283   10.412  0.241   1.00 10.97 ? 157 LEU A C     1 
ATOM   1167 O  O     . LEU A 1 143 ? 3.700   11.504  0.269   1.00 13.15 ? 157 LEU A O     1 
ATOM   1168 C  CB    . LEU A 1 143 ? 4.400   9.406   2.487   1.00 11.45 ? 157 LEU A CB    1 
ATOM   1169 C  CG    . LEU A 1 143 ? 5.040   9.244   3.861   1.00 9.95  ? 157 LEU A CG    1 
ATOM   1170 C  CD1   . LEU A 1 143 ? 3.979   8.748   4.844   1.00 10.96 ? 157 LEU A CD1   1 
ATOM   1171 C  CD2   . LEU A 1 143 ? 6.220   8.283   3.822   1.00 13.12 ? 157 LEU A CD2   1 
ATOM   1172 N  N     . LEU A 1 144 ? 4.108   9.520   -0.720  1.00 11.52 ? 158 LEU A N     1 
ATOM   1173 C  CA    . LEU A 1 144 ? 3.209   9.712   -1.859  1.00 12.25 ? 158 LEU A CA    1 
ATOM   1174 C  C     . LEU A 1 144 ? 1.816   9.275   -1.407  1.00 17.74 ? 158 LEU A C     1 
ATOM   1175 O  O     . LEU A 1 144 ? 1.528   8.073   -1.359  1.00 19.20 ? 158 LEU A O     1 
ATOM   1176 C  CB    . LEU A 1 144 ? 3.703   8.830   -3.011  1.00 14.84 ? 158 LEU A CB    1 
ATOM   1177 C  CG    . LEU A 1 144 ? 3.163   9.076   -4.419  1.00 19.80 ? 158 LEU A CG    1 
ATOM   1178 C  CD1   . LEU A 1 144 ? 3.969   8.295   -5.471  1.00 23.21 ? 158 LEU A CD1   1 
ATOM   1179 C  CD2   . LEU A 1 144 ? 1.713   8.677   -4.427  1.00 23.19 ? 158 LEU A CD2   1 
ATOM   1180 N  N     . PHE A 1 145 ? 0.941   10.241  -1.143  1.00 13.51 ? 159 PHE A N     1 
ATOM   1181 C  CA    . PHE A 1 145 ? -0.413  9.967   -0.625  1.00 13.41 ? 159 PHE A CA    1 
ATOM   1182 C  C     . PHE A 1 145 ? -1.565  10.065  -1.583  1.00 11.54 ? 159 PHE A C     1 
ATOM   1183 O  O     . PHE A 1 145 ? -1.651  11.009  -2.354  1.00 13.24 ? 159 PHE A O     1 
ATOM   1184 C  CB    . PHE A 1 145 ? -0.709  10.935  0.551   1.00 13.43 ? 159 PHE A CB    1 
ATOM   1185 C  CG    . PHE A 1 145 ? -2.135  10.883  1.075   1.00 12.12 ? 159 PHE A CG    1 
ATOM   1186 C  CD1   . PHE A 1 145 ? -2.630  9.740   1.690   1.00 14.59 ? 159 PHE A CD1   1 
ATOM   1187 C  CD2   . PHE A 1 145 ? -2.959  12.010  0.985   1.00 13.40 ? 159 PHE A CD2   1 
ATOM   1188 C  CE1   . PHE A 1 145 ? -3.921  9.704   2.222   1.00 12.20 ? 159 PHE A CE1   1 
ATOM   1189 C  CE2   . PHE A 1 145 ? -4.253  12.001  1.510   1.00 15.30 ? 159 PHE A CE2   1 
ATOM   1190 C  CZ    . PHE A 1 145 ? -4.745  10.841  2.135   1.00 11.76 ? 159 PHE A CZ    1 
ATOM   1191 N  N     . MET A 1 146 ? -2.454  9.080   -1.525  1.00 11.51 ? 160 MET A N     1 
ATOM   1192 C  CA    . MET A 1 146 ? -3.700  9.133   -2.299  1.00 10.45 ? 160 MET A CA    1 
ATOM   1193 C  C     . MET A 1 146 ? -4.762  8.387   -1.510  1.00 10.44 ? 160 MET A C     1 
ATOM   1194 O  O     . MET A 1 146 ? -4.455  7.397   -0.818  1.00 10.58 ? 160 MET A O     1 
ATOM   1195 C  CB    . MET A 1 146 ? -3.611  8.440   -3.666  1.00 14.49 ? 160 MET A CB    1 
ATOM   1196 C  CG    . MET A 1 146 ? -2.683  9.093   -4.650  1.00 12.62 ? 160 MET A CG    1 
ATOM   1197 S  SD    . MET A 1 146 ? -2.933  8.382   -6.291  1.00 14.63 ? 160 MET A SD    1 
ATOM   1198 C  CE    . MET A 1 146 ? -1.649  9.231   -7.199  1.00 15.79 ? 160 MET A CE    1 
ATOM   1199 N  N     . GLU A 1 147 ? -6.005  8.868   -1.591  1.00 9.40  ? 161 GLU A N     1 
ATOM   1200 C  CA    . GLU A 1 147 ? -7.107  8.098   -1.031  1.00 10.32 ? 161 GLU A CA    1 
ATOM   1201 C  C     . GLU A 1 147 ? -7.485  7.156   -2.187  1.00 11.69 ? 161 GLU A C     1 
ATOM   1202 O  O     . GLU A 1 147 ? -7.441  7.537   -3.359  1.00 11.42 ? 161 GLU A O     1 
ATOM   1203 C  CB    . GLU A 1 147 ? -8.266  9.017   -0.623  1.00 11.42 ? 161 GLU A CB    1 
ATOM   1204 C  CG    . GLU A 1 147 ? -7.972  9.601   0.756   1.00 10.62 ? 161 GLU A CG    1 
ATOM   1205 C  CD    . GLU A 1 147 ? -9.155  10.254  1.432   1.00 10.33 ? 161 GLU A CD    1 
ATOM   1206 O  OE1   . GLU A 1 147 ? -10.222 10.411  0.790   1.00 12.38 ? 161 GLU A OE1   1 
ATOM   1207 O  OE2   . GLU A 1 147 ? -9.006  10.622  2.613   1.00 11.62 ? 161 GLU A OE2   1 
ATOM   1208 N  N     . THR A 1 148 ? -7.815  5.920   -1.843  1.00 9.53  ? 162 THR A N     1 
ATOM   1209 C  CA    . THR A 1 148 ? -8.134  4.886   -2.833  1.00 9.57  ? 162 THR A CA    1 
ATOM   1210 C  C     . THR A 1 148 ? -9.368  4.101   -2.452  1.00 9.63  ? 162 THR A C     1 
ATOM   1211 O  O     . THR A 1 148 ? -9.835  4.155   -1.311  1.00 10.82 ? 162 THR A O     1 
ATOM   1212 C  CB    . THR A 1 148 ? -6.967  3.851   -2.942  1.00 9.02  ? 162 THR A CB    1 
ATOM   1213 O  OG1   . THR A 1 148 ? -6.765  3.227   -1.660  1.00 10.41 ? 162 THR A OG1   1 
ATOM   1214 C  CG2   . THR A 1 148 ? -5.651  4.559   -3.340  1.00 10.76 ? 162 THR A CG2   1 
ATOM   1215 N  N     . SER A 1 149 ? -9.899  3.371   -3.433  1.00 9.09  ? 163 SER A N     1 
ATOM   1216 C  CA    . SER A 1 149 ? -10.995 2.463   -3.174  1.00 8.99  ? 163 SER A CA    1 
ATOM   1217 C  C     . SER A 1 149 ? -10.786 1.236   -4.033  1.00 10.23 ? 163 SER A C     1 
ATOM   1218 O  O     . SER A 1 149 ? -10.937 1.285   -5.246  1.00 10.39 ? 163 SER A O     1 
ATOM   1219 C  CB    . SER A 1 149 ? -12.352 3.074   -3.518  1.00 9.21  ? 163 SER A CB    1 
ATOM   1220 O  OG    . SER A 1 149 ? -13.335 2.047   -3.336  1.00 9.38  ? 163 SER A OG    1 
ATOM   1221 N  N     . ALA A 1 150 ? -10.402 0.141   -3.399  1.00 9.94  ? 164 ALA A N     1 
ATOM   1222 C  CA    . ALA A 1 150 ? -10.277 -1.097  -4.144  1.00 10.77 ? 164 ALA A CA    1 
ATOM   1223 C  C     . ALA A 1 150 ? -11.661 -1.499  -4.662  1.00 12.02 ? 164 ALA A C     1 
ATOM   1224 O  O     . ALA A 1 150 ? -11.780 -2.109  -5.730  1.00 10.84 ? 164 ALA A O     1 
ATOM   1225 C  CB    . ALA A 1 150 ? -9.712  -2.207  -3.237  1.00 11.73 ? 164 ALA A CB    1 
ATOM   1226 N  N     . LYS A 1 151 ? -12.714 -1.134  -3.920  1.00 11.30 ? 165 LYS A N     1 
ATOM   1227 C  CA    . LYS A 1 151 ? -14.078 -1.487  -4.301  1.00 11.95 ? 165 LYS A CA    1 
ATOM   1228 C  C     . LYS A 1 151 ? -14.527 -0.819  -5.596  1.00 13.68 ? 165 LYS A C     1 
ATOM   1229 O  O     . LYS A 1 151 ? -15.134 -1.475  -6.462  1.00 13.41 ? 165 LYS A O     1 
ATOM   1230 C  CB    . LYS A 1 151 ? -15.055 -1.130  -3.165  1.00 12.23 ? 165 LYS A CB    1 
ATOM   1231 C  CG    . LYS A 1 151 ? -16.505 -1.484  -3.517  1.00 11.77 ? 165 LYS A CG    1 
ATOM   1232 C  CD    . LYS A 1 151 ? -17.430 -1.289  -2.335  1.00 16.47 ? 165 LYS A CD    1 
ATOM   1233 C  CE    . LYS A 1 151 ? -18.865 -1.675  -2.717  1.00 18.03 ? 165 LYS A CE    1 
ATOM   1234 N  NZ    . LYS A 1 151 ? -19.745 -1.587  -1.511  1.00 26.53 ? 165 LYS A NZ    1 
ATOM   1235 N  N     . THR A 1 152 ? -14.232 0.469   -5.752  1.00 11.94 ? 166 THR A N     1 
ATOM   1236 C  CA    . THR A 1 152 ? -14.663 1.169   -6.965  1.00 14.08 ? 166 THR A CA    1 
ATOM   1237 C  C     . THR A 1 152 ? -13.587 1.316   -8.034  1.00 14.32 ? 166 THR A C     1 
ATOM   1238 O  O     . THR A 1 152 ? -13.919 1.607   -9.188  1.00 12.56 ? 166 THR A O     1 
ATOM   1239 C  CB    . THR A 1 152 ? -15.136 2.605   -6.653  1.00 11.15 ? 166 THR A CB    1 
ATOM   1240 O  OG1   . THR A 1 152 ? -13.993 3.429   -6.387  1.00 11.86 ? 166 THR A OG1   1 
ATOM   1241 C  CG2   . THR A 1 152 ? -16.083 2.647   -5.456  1.00 10.84 ? 166 THR A CG2   1 
ATOM   1242 N  N     . SER A 1 153 ? -12.325 1.125   -7.629  1.00 11.88 ? 167 SER A N     1 
ATOM   1243 C  CA    . SER A 1 153 ? -11.104 1.261   -8.419  1.00 12.47 ? 167 SER A CA    1 
ATOM   1244 C  C     . SER A 1 153 ? -10.509 2.668   -8.293  1.00 11.65 ? 167 SER A C     1 
ATOM   1245 O  O     . SER A 1 153 ? -9.424  2.959   -8.821  1.00 12.59 ? 167 SER A O     1 
ATOM   1246 C  CB    . SER A 1 153 ? -11.318 0.889   -9.912  1.00 13.25 ? 167 SER A CB    1 
ATOM   1247 O  OG    . SER A 1 153 ? -11.934 1.958   -10.652 1.00 13.89 ? 167 SER A OG    1 
ATOM   1248 N  N     . MET A 1 154 ? -11.198 3.559   -7.579  1.00 10.55 ? 168 MET A N     1 
ATOM   1249 C  CA    . MET A 1 154 ? -10.688 4.937   -7.419  1.00 12.45 ? 168 MET A CA    1 
ATOM   1250 C  C     . MET A 1 154 ? -9.206  4.990   -7.013  1.00 12.09 ? 168 MET A C     1 
ATOM   1251 O  O     . MET A 1 154 ? -8.811  4.449   -5.969  1.00 11.94 ? 168 MET A O     1 
ATOM   1252 C  CB    . MET A 1 154 ? -11.494 5.694   -6.358  1.00 13.84 ? 168 MET A CB    1 
ATOM   1253 C  CG    . MET A 1 154 ? -10.972 7.116   -6.074  1.00 18.89 ? 168 MET A CG    1 
ATOM   1254 S  SD    . MET A 1 154 ? -11.799 7.763   -4.595  1.00 26.66 ? 168 MET A SD    1 
ATOM   1255 C  CE    . MET A 1 154 ? -10.489 8.649   -3.774  1.00 26.94 ? 168 MET A CE    1 
ATOM   1256 N  N     . ASN A 1 155 ? -8.420  5.670   -7.847  1.00 12.11 ? 169 ASN A N     1 
ATOM   1257 C  CA    . ASN A 1 155 ? -6.986  5.889   -7.662  1.00 13.05 ? 169 ASN A CA    1 
ATOM   1258 C  C     . ASN A 1 155 ? -6.116  4.656   -7.490  1.00 11.61 ? 169 ASN A C     1 
ATOM   1259 O  O     . ASN A 1 155 ? -4.941  4.760   -7.121  1.00 13.10 ? 169 ASN A O     1 
ATOM   1260 C  CB    . ASN A 1 155 ? -6.741  6.888   -6.502  1.00 12.99 ? 169 ASN A CB    1 
ATOM   1261 C  CG    . ASN A 1 155 ? -7.244  8.294   -6.832  1.00 17.41 ? 169 ASN A CG    1 
ATOM   1262 O  OD1   . ASN A 1 155 ? -7.371  8.653   -8.007  1.00 18.19 ? 169 ASN A OD1   1 
ATOM   1263 N  ND2   . ASN A 1 155 ? -7.519  9.096   -5.810  1.00 14.35 ? 169 ASN A ND2   1 
ATOM   1264 N  N     . VAL A 1 156 ? -6.649  3.478   -7.803  1.00 10.88 ? 170 VAL A N     1 
ATOM   1265 C  CA    . VAL A 1 156 ? -5.826  2.269   -7.639  1.00 11.95 ? 170 VAL A CA    1 
ATOM   1266 C  C     . VAL A 1 156 ? -4.742  2.190   -8.709  1.00 11.45 ? 170 VAL A C     1 
ATOM   1267 O  O     . VAL A 1 156 ? -3.565  2.035   -8.384  1.00 13.01 ? 170 VAL A O     1 
ATOM   1268 C  CB    . VAL A 1 156 ? -6.696  0.986   -7.636  1.00 12.23 ? 170 VAL A CB    1 
ATOM   1269 C  CG1   . VAL A 1 156 ? -5.797  -0.248  -7.604  1.00 16.30 ? 170 VAL A CG1   1 
ATOM   1270 C  CG2   . VAL A 1 156 ? -7.623  0.995   -6.427  1.00 15.58 ? 170 VAL A CG2   1 
ATOM   1271 N  N     . ASN A 1 157 ? -5.119  2.312   -9.978  1.00 13.21 ? 171 ASN A N     1 
ATOM   1272 C  CA    . ASN A 1 157 ? -4.100  2.284   -11.030 1.00 15.58 ? 171 ASN A CA    1 
ATOM   1273 C  C     . ASN A 1 157 ? -3.210  3.517   -10.831 1.00 14.35 ? 171 ASN A C     1 
ATOM   1274 O  O     . ASN A 1 157 ? -1.987  3.459   -10.990 1.00 15.61 ? 171 ASN A O     1 
ATOM   1275 C  CB    . ASN A 1 157 ? -4.763  2.362   -12.416 1.00 20.28 ? 171 ASN A CB    1 
ATOM   1276 C  CG    . ASN A 1 157 ? -3.791  2.067   -13.554 1.00 27.73 ? 171 ASN A CG    1 
ATOM   1277 O  OD1   . ASN A 1 157 ? -3.342  0.929   -13.721 1.00 32.57 ? 171 ASN A OD1   1 
ATOM   1278 N  ND2   . ASN A 1 157 ? -3.454  3.094   -14.338 1.00 32.82 ? 171 ASN A ND2   1 
ATOM   1279 N  N     . GLU A 1 158 ? -3.832  4.626   -10.448 1.00 14.92 ? 172 GLU A N     1 
ATOM   1280 C  CA    . GLU A 1 158 ? -3.100  5.872   -10.255 1.00 15.46 ? 172 GLU A CA    1 
ATOM   1281 C  C     . GLU A 1 158 ? -1.971  5.848   -9.209  1.00 14.28 ? 172 GLU A C     1 
ATOM   1282 O  O     . GLU A 1 158 ? -0.894  6.406   -9.445  1.00 15.51 ? 172 GLU A O     1 
ATOM   1283 C  CB    . GLU A 1 158 ? -4.073  7.012   -9.935  1.00 17.50 ? 172 GLU A CB    1 
ATOM   1284 C  CG    . GLU A 1 158 ? -4.942  7.473   -11.132 1.00 19.89 ? 172 GLU A CG    1 
ATOM   1285 C  CD    . GLU A 1 158 ? -6.219  6.652   -11.334 1.00 21.00 ? 172 GLU A CD    1 
ATOM   1286 O  OE1   . GLU A 1 158 ? -6.340  5.548   -10.784 1.00 16.78 ? 172 GLU A OE1   1 
ATOM   1287 O  OE2   . GLU A 1 158 ? -7.123  7.123   -12.069 1.00 25.75 ? 172 GLU A OE2   1 
ATOM   1288 N  N     . ILE A 1 159 ? -2.196  5.234   -8.049  1.00 13.43 ? 173 ILE A N     1 
ATOM   1289 C  CA    . ILE A 1 159 ? -1.157  5.211   -7.039  1.00 13.77 ? 173 ILE A CA    1 
ATOM   1290 C  C     . ILE A 1 159 ? 0.026   4.336   -7.471  1.00 16.49 ? 173 ILE A C     1 
ATOM   1291 O  O     . ILE A 1 159 ? 1.183   4.707   -7.241  1.00 14.09 ? 173 ILE A O     1 
ATOM   1292 C  CB    . ILE A 1 159 ? -1.752  4.787   -5.659  1.00 13.12 ? 173 ILE A CB    1 
ATOM   1293 C  CG1   . ILE A 1 159 ? -0.805  5.188   -4.526  1.00 14.79 ? 173 ILE A CG1   1 
ATOM   1294 C  CG2   . ILE A 1 159 ? -2.032  3.281   -5.629  1.00 14.19 ? 173 ILE A CG2   1 
ATOM   1295 C  CD1   . ILE A 1 159 ? -1.413  4.991   -3.131  1.00 13.73 ? 173 ILE A CD1   1 
ATOM   1296 N  N     . PHE A 1 160 ? -0.249  3.190   -8.107  1.00 15.76 ? 174 PHE A N     1 
ATOM   1297 C  CA    . PHE A 1 160 ? 0.845   2.342   -8.587  1.00 16.42 ? 174 PHE A CA    1 
ATOM   1298 C  C     . PHE A 1 160 ? 1.597   3.046   -9.710  1.00 18.79 ? 174 PHE A C     1 
ATOM   1299 O  O     . PHE A 1 160 ? 2.823   2.981   -9.773  1.00 19.77 ? 174 PHE A O     1 
ATOM   1300 C  CB    . PHE A 1 160 ? 0.312   1.009   -9.105  1.00 15.09 ? 174 PHE A CB    1 
ATOM   1301 C  CG    . PHE A 1 160 ? 0.031   0.018   -8.022  1.00 12.20 ? 174 PHE A CG    1 
ATOM   1302 C  CD1   . PHE A 1 160 ? 1.065   -0.758  -7.490  1.00 16.42 ? 174 PHE A CD1   1 
ATOM   1303 C  CD2   . PHE A 1 160 ? -1.246  -0.113  -7.499  1.00 13.45 ? 174 PHE A CD2   1 
ATOM   1304 C  CE1   . PHE A 1 160 ? 0.827   -1.658  -6.447  1.00 14.61 ? 174 PHE A CE1   1 
ATOM   1305 C  CE2   . PHE A 1 160 ? -1.503  -1.008  -6.452  1.00 14.21 ? 174 PHE A CE2   1 
ATOM   1306 C  CZ    . PHE A 1 160 ? -0.449  -1.787  -5.928  1.00 16.03 ? 174 PHE A CZ    1 
ATOM   1307 N  N     . MET A 1 161 ? 0.875   3.724   -10.595 1.00 15.25 ? 175 MET A N     1 
ATOM   1308 C  CA    . MET A 1 161 ? 1.537   4.427   -11.698 1.00 16.53 ? 175 MET A CA    1 
ATOM   1309 C  C     . MET A 1 161 ? 2.412   5.561   -11.168 1.00 18.13 ? 175 MET A C     1 
ATOM   1310 O  O     . MET A 1 161 ? 3.509   5.792   -11.682 1.00 17.86 ? 175 MET A O     1 
ATOM   1311 C  CB    . MET A 1 161 ? 0.505   5.001   -12.667 1.00 21.98 ? 175 MET A CB    1 
ATOM   1312 C  CG    . MET A 1 161 ? -0.263  3.969   -13.467 1.00 26.82 ? 175 MET A CG    1 
ATOM   1313 S  SD    . MET A 1 161 ? 0.800   3.097   -14.626 1.00 39.15 ? 175 MET A SD    1 
ATOM   1314 C  CE    . MET A 1 161 ? 1.110   4.419   -15.802 1.00 34.06 ? 175 MET A CE    1 
ATOM   1315 N  N     . ALA A 1 162 ? 1.927   6.280   -10.154 1.00 14.62 ? 176 ALA A N     1 
ATOM   1316 C  CA    . ALA A 1 162 ? 2.698   7.392   -9.600  1.00 13.67 ? 176 ALA A CA    1 
ATOM   1317 C  C     . ALA A 1 162 ? 3.976   6.864   -8.964  1.00 14.26 ? 176 ALA A C     1 
ATOM   1318 O  O     . ALA A 1 162 ? 5.027   7.506   -9.015  1.00 15.42 ? 176 ALA A O     1 
ATOM   1319 C  CB    . ALA A 1 162 ? 1.857   8.165   -8.556  1.00 13.43 ? 176 ALA A CB    1 
ATOM   1320 N  N     . ILE A 1 163 ? 3.886   5.694   -8.345  1.00 15.57 ? 177 ILE A N     1 
ATOM   1321 C  CA    . ILE A 1 163 ? 5.061   5.089   -7.739  1.00 14.21 ? 177 ILE A CA    1 
ATOM   1322 C  C     . ILE A 1 163 ? 6.028   4.701   -8.869  1.00 15.24 ? 177 ILE A C     1 
ATOM   1323 O  O     . ILE A 1 163 ? 7.226   4.958   -8.775  1.00 16.18 ? 177 ILE A O     1 
ATOM   1324 C  CB    . ILE A 1 163 ? 4.675   3.821   -6.942  1.00 16.25 ? 177 ILE A CB    1 
ATOM   1325 C  CG1   . ILE A 1 163 ? 3.922   4.218   -5.665  1.00 18.08 ? 177 ILE A CG1   1 
ATOM   1326 C  CG2   . ILE A 1 163 ? 5.931   3.011   -6.602  1.00 18.91 ? 177 ILE A CG2   1 
ATOM   1327 C  CD1   . ILE A 1 163 ? 3.288   3.009   -4.949  1.00 19.48 ? 177 ILE A CD1   1 
ATOM   1328 N  N     . ALA A 1 164 ? 5.501   4.090   -9.930  1.00 16.52 ? 178 ALA A N     1 
ATOM   1329 C  CA    . ALA A 1 164 ? 6.332   3.666   -11.064 1.00 17.48 ? 178 ALA A CA    1 
ATOM   1330 C  C     . ALA A 1 164 ? 7.133   4.815   -11.654 1.00 19.63 ? 178 ALA A C     1 
ATOM   1331 O  O     . ALA A 1 164 ? 8.300   4.646   -12.030 1.00 18.51 ? 178 ALA A O     1 
ATOM   1332 C  CB    . ALA A 1 164 ? 5.463   3.048   -12.162 1.00 18.52 ? 178 ALA A CB    1 
ATOM   1333 N  N     . LYS A 1 165 ? 6.502   5.983   -11.731 1.00 18.28 ? 179 LYS A N     1 
ATOM   1334 C  CA    . LYS A 1 165 ? 7.150   7.160   -12.300 1.00 21.87 ? 179 LYS A CA    1 
ATOM   1335 C  C     . LYS A 1 165 ? 8.304   7.676   -11.472 1.00 20.79 ? 179 LYS A C     1 
ATOM   1336 O  O     . LYS A 1 165 ? 9.231   8.287   -12.009 1.00 23.71 ? 179 LYS A O     1 
ATOM   1337 C  CB    . LYS A 1 165 ? 6.129   8.280   -12.508 1.00 21.58 ? 179 LYS A CB    1 
ATOM   1338 C  CG    . LYS A 1 165 ? 5.139   8.007   -13.635 1.00 28.78 ? 179 LYS A CG    1 
ATOM   1339 C  CD    . LYS A 1 165 ? 4.197   9.186   -13.821 1.00 33.42 ? 179 LYS A CD    1 
ATOM   1340 C  CE    . LYS A 1 165 ? 3.309   9.001   -15.037 1.00 38.32 ? 179 LYS A CE    1 
ATOM   1341 N  NZ    . LYS A 1 165 ? 2.432   7.805   -14.893 1.00 38.57 ? 179 LYS A NZ    1 
ATOM   1342 N  N     . LYS A 1 166 ? 8.258   7.432   -10.167 1.00 20.77 ? 180 LYS A N     1 
ATOM   1343 C  CA    . LYS A 1 166 ? 9.298   7.899   -9.256  1.00 23.65 ? 180 LYS A CA    1 
ATOM   1344 C  C     . LYS A 1 166 ? 10.393  6.873   -8.992  1.00 25.06 ? 180 LYS A C     1 
ATOM   1345 O  O     . LYS A 1 166 ? 11.377  7.167   -8.314  1.00 31.45 ? 180 LYS A O     1 
ATOM   1346 C  CB    . LYS A 1 166 ? 8.668   8.322   -7.925  1.00 21.60 ? 180 LYS A CB    1 
ATOM   1347 C  CG    . LYS A 1 166 ? 7.785   9.560   -8.020  1.00 27.93 ? 180 LYS A CG    1 
ATOM   1348 C  CD    . LYS A 1 166 ? 8.604   10.795  -8.386  1.00 26.77 ? 180 LYS A CD    1 
ATOM   1349 C  CE    . LYS A 1 166 ? 7.760   12.060  -8.389  1.00 27.49 ? 180 LYS A CE    1 
ATOM   1350 N  NZ    . LYS A 1 166 ? 6.738   12.107  -9.466  1.00 32.18 ? 180 LYS A NZ    1 
ATOM   1351 N  N     . LEU A 1 167 ? 10.227  5.673   -9.527  1.00 21.62 ? 181 LEU A N     1 
ATOM   1352 C  CA    . LEU A 1 167 ? 11.209  4.614   -9.338  1.00 24.81 ? 181 LEU A CA    1 
ATOM   1353 C  C     . LEU A 1 167 ? 12.299  4.662   -10.399 1.00 28.95 ? 181 LEU A C     1 
ATOM   1354 O  O     . LEU A 1 167 ? 13.468  4.477   -10.019 1.00 28.39 ? 181 LEU A O     1 
ATOM   1355 C  CB    . LEU A 1 167 ? 10.531  3.243   -9.353  1.00 23.24 ? 181 LEU A CB    1 
ATOM   1356 C  CG    . LEU A 1 167 ? 9.771   2.909   -8.063  1.00 23.54 ? 181 LEU A CG    1 
ATOM   1357 C  CD1   . LEU A 1 167 ? 8.953   1.648   -8.235  1.00 22.95 ? 181 LEU A CD1   1 
ATOM   1358 C  CD2   . LEU A 1 167 ? 10.767  2.786   -6.928  1.00 24.58 ? 181 LEU A CD2   1 
HETATM 1359 MG MG    . MG  B 2 .   ? -4.766  -9.495  3.048   1.00 10.47 ? 201 MG  A MG    1 
HETATM 1360 P  PG    . GNP C 3 .   ? -5.136  -8.748  6.162   1.00 11.52 ? 200 GNP A PG    1 
HETATM 1361 O  O1G   . GNP C 3 .   ? -5.708  -9.433  7.362   1.00 12.25 ? 200 GNP A O1G   1 
HETATM 1362 O  O2G   . GNP C 3 .   ? -4.783  -9.747  5.081   1.00 12.40 ? 200 GNP A O2G   1 
HETATM 1363 O  O3G   . GNP C 3 .   ? -3.993  -7.839  6.487   1.00 11.38 ? 200 GNP A O3G   1 
HETATM 1364 N  N3B   . GNP C 3 .   ? -6.456  -7.782  5.596   1.00 10.88 ? 200 GNP A N3B   1 
HETATM 1365 P  PB    . GNP C 3 .   ? -6.295  -6.828  4.215   1.00 10.26 ? 200 GNP A PB    1 
HETATM 1366 O  O1B   . GNP C 3 .   ? -5.682  -5.517  4.534   1.00 9.57  ? 200 GNP A O1B   1 
HETATM 1367 O  O2B   . GNP C 3 .   ? -5.649  -7.662  3.153   1.00 10.27 ? 200 GNP A O2B   1 
HETATM 1368 O  O3A   . GNP C 3 .   ? -7.847  -6.538  3.811   1.00 10.96 ? 200 GNP A O3A   1 
HETATM 1369 P  PA    . GNP C 3 .   ? -8.738  -7.197  2.666   1.00 10.17 ? 200 GNP A PA    1 
HETATM 1370 O  O1A   . GNP C 3 .   ? -8.252  -6.828  1.339   1.00 10.64 ? 200 GNP A O1A   1 
HETATM 1371 O  O2A   . GNP C 3 .   ? -8.871  -8.656  3.016   1.00 12.28 ? 200 GNP A O2A   1 
HETATM 1372 O  "O5'" . GNP C 3 .   ? -10.083 -6.450  2.889   1.00 10.19 ? 200 GNP A "O5'" 1 
HETATM 1373 C  "C5'" . GNP C 3 .   ? -10.832 -6.591  4.142   1.00 12.49 ? 200 GNP A "C5'" 1 
HETATM 1374 C  "C4'" . GNP C 3 .   ? -12.251 -6.186  3.898   1.00 10.26 ? 200 GNP A "C4'" 1 
HETATM 1375 O  "O4'" . GNP C 3 .   ? -12.410 -4.871  3.450   1.00 11.61 ? 200 GNP A "O4'" 1 
HETATM 1376 C  "C3'" . GNP C 3 .   ? -12.938 -7.067  2.822   1.00 11.91 ? 200 GNP A "C3'" 1 
HETATM 1377 O  "O3'" . GNP C 3 .   ? -14.292 -7.422  3.219   1.00 13.39 ? 200 GNP A "O3'" 1 
HETATM 1378 C  "C2'" . GNP C 3 .   ? -12.936 -6.151  1.573   1.00 11.17 ? 200 GNP A "C2'" 1 
HETATM 1379 O  "O2'" . GNP C 3 .   ? -13.976 -6.435  0.672   1.00 12.01 ? 200 GNP A "O2'" 1 
HETATM 1380 C  "C1'" . GNP C 3 .   ? -13.099 -4.817  2.223   1.00 9.85  ? 200 GNP A "C1'" 1 
HETATM 1381 N  N9    . GNP C 3 .   ? -12.502 -3.727  1.425   1.00 10.11 ? 200 GNP A N9    1 
HETATM 1382 C  C8    . GNP C 3 .   ? -11.139 -3.703  0.963   1.00 11.21 ? 200 GNP A C8    1 
HETATM 1383 N  N7    . GNP C 3 .   ? -10.898 -2.606  0.285   1.00 10.10 ? 200 GNP A N7    1 
HETATM 1384 C  C5    . GNP C 3 .   ? -12.169 -1.868  0.303   1.00 11.09 ? 200 GNP A C5    1 
HETATM 1385 C  C6    . GNP C 3 .   ? -12.495 -0.601  -0.281  1.00 11.59 ? 200 GNP A C6    1 
HETATM 1386 O  O6    . GNP C 3 .   ? -11.816 0.127   -0.918  1.00 10.90 ? 200 GNP A O6    1 
HETATM 1387 N  N1    . GNP C 3 .   ? -13.805 -0.251  -0.010  1.00 10.17 ? 200 GNP A N1    1 
HETATM 1388 C  C2    . GNP C 3 .   ? -14.611 -1.105  0.730   1.00 10.97 ? 200 GNP A C2    1 
HETATM 1389 N  N2    . GNP C 3 .   ? -15.906 -0.528  0.895   1.00 11.00 ? 200 GNP A N2    1 
HETATM 1390 N  N3    . GNP C 3 .   ? -14.404 -2.260  1.274   1.00 9.97  ? 200 GNP A N3    1 
HETATM 1391 C  C4    . GNP C 3 .   ? -13.105 -2.582  1.005   1.00 9.09  ? 200 GNP A C4    1 
HETATM 1392 O  O     . HOH D 4 .   ? -2.919  -8.607  3.023   1.00 10.72 ? 301 HOH A O     1 
HETATM 1393 O  O     . HOH D 4 .   ? -6.676  -10.311 2.808   1.00 11.78 ? 302 HOH A O     1 
HETATM 1394 O  O     . HOH D 4 .   ? -3.541  -10.868 8.489   1.00 16.49 ? 303 HOH A O     1 
HETATM 1395 O  O     . HOH D 4 .   ? -8.959  -9.297  5.778   1.00 15.74 ? 304 HOH A O     1 
HETATM 1396 O  O     . HOH D 4 .   ? 0.273   -12.357 -10.639 1.00 27.87 ? 305 HOH A O     1 
HETATM 1397 O  O     . HOH D 4 .   ? 1.348   -5.517  7.140   1.00 12.90 ? 306 HOH A O     1 
HETATM 1398 O  O     . HOH D 4 .   ? -2.515  0.526   8.787   1.00 12.25 ? 307 HOH A O     1 
HETATM 1399 O  O     . HOH D 4 .   ? -7.914  9.967   5.051   1.00 12.09 ? 308 HOH A O     1 
HETATM 1400 O  O     . HOH D 4 .   ? -16.146 12.431  4.240   1.00 12.59 ? 309 HOH A O     1 
HETATM 1401 O  O     . HOH D 4 .   ? -0.324  -4.133  11.116  1.00 16.29 ? 310 HOH A O     1 
HETATM 1402 O  O     . HOH D 4 .   ? -11.638 15.045  4.729   1.00 14.42 ? 311 HOH A O     1 
HETATM 1403 O  O     . HOH D 4 .   ? -4.389  -12.993 0.729   1.00 16.29 ? 312 HOH A O     1 
HETATM 1404 O  O     . HOH D 4 .   ? -8.409  6.246   17.364  1.00 13.62 ? 313 HOH A O     1 
HETATM 1405 O  O     . HOH D 4 .   ? -14.655 12.776  1.068   1.00 15.44 ? 314 HOH A O     1 
HETATM 1406 O  O     . HOH D 4 .   ? -6.417  11.175  -3.353  1.00 15.22 ? 315 HOH A O     1 
HETATM 1407 O  O     . HOH D 4 .   ? 1.269   13.163  -1.805  1.00 15.45 ? 316 HOH A O     1 
HETATM 1408 O  O     . HOH D 4 .   ? 3.515   14.056  -0.366  1.00 14.56 ? 317 HOH A O     1 
HETATM 1409 O  O     . HOH D 4 .   ? -10.696 -8.148  -2.746  1.00 13.86 ? 318 HOH A O     1 
HETATM 1410 O  O     . HOH D 4 .   ? 9.091   8.166   -0.003  1.00 18.88 ? 319 HOH A O     1 
HETATM 1411 O  O     . HOH D 4 .   ? 13.696  -1.732  1.523   1.00 15.79 ? 320 HOH A O     1 
HETATM 1412 O  O     . HOH D 4 .   ? -9.366  6.419   -10.453 1.00 20.51 ? 321 HOH A O     1 
HETATM 1413 O  O     . HOH D 4 .   ? 3.528   -9.193  -14.796 1.00 24.90 ? 322 HOH A O     1 
HETATM 1414 O  O     . HOH D 4 .   ? -13.788 -0.902  7.524   1.00 17.53 ? 323 HOH A O     1 
HETATM 1415 O  O     . HOH D 4 .   ? 2.493   -7.353  8.795   1.00 29.10 ? 324 HOH A O     1 
HETATM 1416 O  O     . HOH D 4 .   ? 5.310   -1.171  12.580  1.00 22.85 ? 325 HOH A O     1 
HETATM 1417 O  O     . HOH D 4 .   ? -11.918 5.677   14.120  1.00 16.57 ? 326 HOH A O     1 
HETATM 1418 O  O     . HOH D 4 .   ? 1.738   -7.528  10.935  1.00 25.35 ? 327 HOH A O     1 
HETATM 1419 O  O     . HOH D 4 .   ? 9.345   -5.963  12.575  1.00 18.25 ? 328 HOH A O     1 
HETATM 1420 O  O     . HOH D 4 .   ? -9.987  17.378  4.621   1.00 19.01 ? 329 HOH A O     1 
HETATM 1421 O  O     . HOH D 4 .   ? -8.705  13.320  11.204  1.00 19.54 ? 330 HOH A O     1 
HETATM 1422 O  O     . HOH D 4 .   ? 4.748   10.247  -9.516  1.00 26.39 ? 331 HOH A O     1 
HETATM 1423 O  O     . HOH D 4 .   ? -3.495  -11.646 -1.633  1.00 22.80 ? 332 HOH A O     1 
HETATM 1424 O  O     . HOH D 4 .   ? -15.005 -2.888  4.173   1.00 18.17 ? 333 HOH A O     1 
HETATM 1425 O  O     . HOH D 4 .   ? -7.243  11.227  12.447  1.00 19.00 ? 334 HOH A O     1 
HETATM 1426 O  O     . HOH D 4 .   ? 1.406   12.556  13.064  1.00 18.70 ? 335 HOH A O     1 
HETATM 1427 O  O     . HOH D 4 .   ? -10.281 4.609   15.890  1.00 21.60 ? 336 HOH A O     1 
HETATM 1428 O  O     . HOH D 4 .   ? -19.464 1.679   -0.996  1.00 19.51 ? 337 HOH A O     1 
HETATM 1429 O  O     . HOH D 4 .   ? -8.622  -0.902  14.302  1.00 24.92 ? 338 HOH A O     1 
HETATM 1430 O  O     . HOH D 4 .   ? -16.489 -11.812 -2.243  1.00 18.38 ? 339 HOH A O     1 
HETATM 1431 O  O     . HOH D 4 .   ? 7.338   1.827   14.406  1.00 26.93 ? 340 HOH A O     1 
HETATM 1432 O  O     . HOH D 4 .   ? -14.105 -10.148 4.276   1.00 17.45 ? 341 HOH A O     1 
HETATM 1433 O  O     . HOH D 4 .   ? -10.709 -1.219  9.515   1.00 22.46 ? 342 HOH A O     1 
HETATM 1434 O  O     . HOH D 4 .   ? 5.307   8.204   10.974  1.00 20.25 ? 343 HOH A O     1 
HETATM 1435 O  O     . HOH D 4 .   ? -16.070 5.321   11.114  1.00 20.69 ? 344 HOH A O     1 
HETATM 1436 O  O     . HOH D 4 .   ? -14.862 6.009   -7.130  1.00 17.01 ? 345 HOH A O     1 
HETATM 1437 O  O     . HOH D 4 .   ? 14.175  3.752   4.750   1.00 20.44 ? 346 HOH A O     1 
HETATM 1438 O  O     . HOH D 4 .   ? -3.741  -5.722  12.451  1.00 22.64 ? 347 HOH A O     1 
HETATM 1439 O  O     . HOH D 4 .   ? 7.337   15.666  0.975   1.00 19.23 ? 348 HOH A O     1 
HETATM 1440 O  O     . HOH D 4 .   ? -11.161 -14.985 0.275   1.00 18.23 ? 349 HOH A O     1 
HETATM 1441 O  O     . HOH D 4 .   ? 1.294   20.102  3.276   1.00 23.01 ? 350 HOH A O     1 
HETATM 1442 O  O     . HOH D 4 .   ? 3.901   -9.539  7.945   1.00 24.65 ? 351 HOH A O     1 
HETATM 1443 O  O     . HOH D 4 .   ? 4.982   -10.851 15.287  1.00 24.75 ? 352 HOH A O     1 
HETATM 1444 O  O     . HOH D 4 .   ? -3.177  -15.492 0.626   1.00 29.88 ? 353 HOH A O     1 
HETATM 1445 O  O     . HOH D 4 .   ? -0.861  8.376   -11.355 1.00 23.85 ? 354 HOH A O     1 
HETATM 1446 O  O     . HOH D 4 .   ? -2.342  13.511  -2.733  1.00 20.46 ? 355 HOH A O     1 
HETATM 1447 O  O     . HOH D 4 .   ? -2.806  -10.966 15.654  1.00 27.49 ? 356 HOH A O     1 
HETATM 1448 O  O     . HOH D 4 .   ? -1.355  16.313  9.772   1.00 25.33 ? 357 HOH A O     1 
HETATM 1449 O  O     . HOH D 4 .   ? -2.356  13.260  11.657  1.00 21.97 ? 358 HOH A O     1 
HETATM 1450 O  O     . HOH D 4 .   ? 13.773  2.749   -4.335  1.00 24.49 ? 359 HOH A O     1 
HETATM 1451 O  O     . HOH D 4 .   ? -4.012  17.095  -1.821  1.00 25.10 ? 360 HOH A O     1 
HETATM 1452 O  O     . HOH D 4 .   ? 7.010   -8.500  16.489  1.00 24.39 ? 361 HOH A O     1 
HETATM 1453 O  O     . HOH D 4 .   ? -12.293 -13.893 -1.766  1.00 18.00 ? 362 HOH A O     1 
HETATM 1454 O  O     . HOH D 4 .   ? 12.713  -8.722  1.060   1.00 34.34 ? 363 HOH A O     1 
HETATM 1455 O  O     . HOH D 4 .   ? 5.807   -0.596  15.336  1.00 36.02 ? 364 HOH A O     1 
HETATM 1456 O  O     . HOH D 4 .   ? -3.203  2.155   16.367  1.00 27.31 ? 365 HOH A O     1 
HETATM 1457 O  O     . HOH D 4 .   ? -12.444 12.944  10.066  1.00 30.87 ? 366 HOH A O     1 
HETATM 1458 O  O     . HOH D 4 .   ? -0.110  19.227  -0.192  1.00 23.43 ? 367 HOH A O     1 
HETATM 1459 O  O     . HOH D 4 .   ? -11.816 -20.380 3.632   1.00 28.46 ? 368 HOH A O     1 
HETATM 1460 O  O     . HOH D 4 .   ? -11.231 10.657  -1.582  1.00 28.04 ? 369 HOH A O     1 
HETATM 1461 O  O     . HOH D 4 .   ? -11.736 10.737  13.907  1.00 31.60 ? 370 HOH A O     1 
HETATM 1462 O  O     . HOH D 4 .   ? -17.323 -3.138  -6.705  1.00 28.37 ? 371 HOH A O     1 
HETATM 1463 O  O     . HOH D 4 .   ? 15.621  -9.566  1.239   1.00 41.08 ? 372 HOH A O     1 
HETATM 1464 O  O     . HOH D 4 .   ? -0.426  11.932  -4.859  1.00 30.18 ? 373 HOH A O     1 
HETATM 1465 O  O     . HOH D 4 .   ? 1.435   -5.188  13.450  1.00 30.99 ? 374 HOH A O     1 
HETATM 1466 O  O     . HOH D 4 .   ? -3.495  -13.394 -3.978  1.00 32.90 ? 375 HOH A O     1 
HETATM 1467 O  O     . HOH D 4 .   ? 13.587  -4.872  10.701  1.00 19.64 ? 376 HOH A O     1 
HETATM 1468 O  O     . HOH D 4 .   ? 11.971  0.818   14.021  1.00 39.89 ? 377 HOH A O     1 
HETATM 1469 O  O     . HOH D 4 .   ? 7.937   8.895   10.786  1.00 33.67 ? 378 HOH A O     1 
HETATM 1470 O  O     . HOH D 4 .   ? -10.289 -2.387  -12.477 1.00 35.56 ? 379 HOH A O     1 
HETATM 1471 O  O     . HOH D 4 .   ? 9.768   11.226  8.370   1.00 28.53 ? 380 HOH A O     1 
HETATM 1472 O  O     . HOH D 4 .   ? -6.855  -16.167 0.302   1.00 32.76 ? 381 HOH A O     1 
HETATM 1473 O  O     . HOH D 4 .   ? -2.439  10.478  -10.471 1.00 42.06 ? 382 HOH A O     1 
HETATM 1474 O  O     . HOH D 4 .   ? 10.451  14.367  5.118   1.00 32.46 ? 383 HOH A O     1 
HETATM 1475 O  O     . HOH D 4 .   ? -3.490  -16.505 3.093   1.00 35.64 ? 384 HOH A O     1 
HETATM 1476 O  O     . HOH D 4 .   ? -17.654 -8.929  -4.262  1.00 28.57 ? 385 HOH A O     1 
HETATM 1477 O  O     . HOH D 4 .   ? -3.009  -2.254  15.542  1.00 36.69 ? 386 HOH A O     1 
HETATM 1478 O  O     . HOH D 4 .   ? -2.188  7.785   -13.879 1.00 37.54 ? 387 HOH A O     1 
HETATM 1479 O  O     . HOH D 4 .   ? -12.857 -12.683 -8.807  1.00 22.37 ? 388 HOH A O     1 
HETATM 1480 O  O     . HOH D 4 .   ? -11.813 -5.012  -13.694 1.00 30.51 ? 389 HOH A O     1 
HETATM 1481 O  O     . HOH D 4 .   ? 8.542   -5.793  15.279  1.00 28.90 ? 390 HOH A O     1 
HETATM 1482 O  O     . HOH D 4 .   ? -1.143  -14.608 -4.900  1.00 34.89 ? 391 HOH A O     1 
HETATM 1483 O  O     . HOH D 4 .   ? -7.468  14.903  14.098  1.00 32.03 ? 392 HOH A O     1 
HETATM 1484 O  O     . HOH D 4 .   ? -23.147 -9.172  -1.069  1.00 40.98 ? 393 HOH A O     1 
HETATM 1485 O  O     . HOH D 4 .   ? -8.467  5.772   -13.901 1.00 37.73 ? 394 HOH A O     1 
HETATM 1486 O  O     . HOH D 4 .   ? 16.527  3.223   6.694   1.00 41.97 ? 395 HOH A O     1 
HETATM 1487 O  O     . HOH D 4 .   ? -8.432  -14.028 -6.806  1.00 29.86 ? 396 HOH A O     1 
HETATM 1488 O  O     . HOH D 4 .   ? 1.072   -16.046 -3.330  1.00 33.60 ? 397 HOH A O     1 
HETATM 1489 O  O     . HOH D 4 .   ? -21.087 3.677   1.002   1.00 37.94 ? 398 HOH A O     1 
HETATM 1490 O  O     . HOH D 4 .   ? 2.552   19.805  5.707   1.00 39.32 ? 399 HOH A O     1 
HETATM 1491 O  O     . HOH D 4 .   ? -18.106 -2.109  1.992   1.00 33.23 ? 400 HOH A O     1 
HETATM 1492 O  O     . HOH D 4 .   ? 13.532  6.277   4.307   1.00 31.53 ? 401 HOH A O     1 
HETATM 1493 O  O     . HOH D 4 .   ? -2.258  20.459  1.168   1.00 43.25 ? 402 HOH A O     1 
HETATM 1494 O  O     . HOH D 4 .   ? 2.541   11.364  -11.170 1.00 33.90 ? 403 HOH A O     1 
HETATM 1495 O  O     . HOH D 4 .   ? -10.473 19.481  6.328   1.00 44.22 ? 404 HOH A O     1 
HETATM 1496 O  O     . HOH D 4 .   ? -0.321  0.520   -18.158 1.00 33.55 ? 405 HOH A O     1 
HETATM 1497 O  O     . HOH D 4 .   ? 10.211  2.075   14.558  1.00 38.93 ? 406 HOH A O     1 
HETATM 1498 O  O     . HOH D 4 .   ? 12.851  7.008   2.053   1.00 39.92 ? 407 HOH A O     1 
HETATM 1499 O  O     . HOH D 4 .   ? -16.661 -1.158  6.727   1.00 42.10 ? 408 HOH A O     1 
HETATM 1500 O  O     . HOH D 4 .   ? 17.004  -3.296  2.924   1.00 33.24 ? 409 HOH A O     1 
HETATM 1501 O  O     . HOH D 4 .   ? -11.769 -10.009 6.125   1.00 41.93 ? 410 HOH A O     1 
HETATM 1502 O  O     . HOH D 4 .   ? -7.066  -13.592 0.882   1.00 15.52 ? 411 HOH A O     1 
HETATM 1503 O  O     . HOH D 4 .   ? -7.809  2.804   -10.985 1.00 21.37 ? 412 HOH A O     1 
HETATM 1504 O  O     . HOH D 4 .   ? -13.308 -5.028  7.118   1.00 23.26 ? 413 HOH A O     1 
HETATM 1505 O  O     . HOH D 4 .   ? -14.178 1.456   10.655  1.00 28.13 ? 414 HOH A O     1 
HETATM 1506 O  O     . HOH D 4 .   ? -19.719 7.041   1.433   1.00 35.32 ? 415 HOH A O     1 
HETATM 1507 O  O     . HOH D 4 .   ? 5.329   13.124  11.470  1.00 29.46 ? 416 HOH A O     1 
HETATM 1508 O  O     . HOH D 4 .   ? -8.610  -13.871 -3.848  1.00 19.15 ? 417 HOH A O     1 
HETATM 1509 O  O     . HOH D 4 .   ? 17.727  -2.477  8.511   1.00 40.59 ? 418 HOH A O     1 
HETATM 1510 O  O     . HOH D 4 .   ? -12.401 8.471   15.260  1.00 31.88 ? 419 HOH A O     1 
HETATM 1511 O  O     . HOH D 4 .   ? 1.277   14.805  11.381  1.00 25.14 ? 420 HOH A O     1 
HETATM 1512 O  O     . HOH D 4 .   ? -13.201 -15.898 1.924   1.00 31.61 ? 421 HOH A O     1 
HETATM 1513 O  O     . HOH D 4 .   ? -8.428  -9.550  10.991  1.00 27.81 ? 422 HOH A O     1 
HETATM 1514 O  O     . HOH D 4 .   ? 1.756   16.448  9.966   1.00 22.96 ? 423 HOH A O     1 
HETATM 1515 O  O     . HOH D 4 .   ? -13.731 2.759   13.055  1.00 33.63 ? 424 HOH A O     1 
HETATM 1516 O  O     . HOH D 4 .   ? -4.145  -7.847  14.590  1.00 36.33 ? 425 HOH A O     1 
HETATM 1517 O  O     . HOH D 4 .   ? -4.647  -13.633 9.227   1.00 44.88 ? 426 HOH A O     1 
HETATM 1518 O  O     . HOH D 4 .   ? 2.918   -0.746  16.452  1.00 44.64 ? 427 HOH A O     1 
HETATM 1519 O  O     . HOH D 4 .   ? -7.730  -0.485  -11.269 1.00 35.12 ? 428 HOH A O     1 
HETATM 1520 O  O     . HOH D 4 .   ? 10.609  8.339   2.689   1.00 36.66 ? 429 HOH A O     1 
HETATM 1521 O  O     . HOH D 4 .   ? -14.551 -14.045 4.114   1.00 34.61 ? 430 HOH A O     1 
HETATM 1522 O  O     . HOH D 4 .   ? 10.605  -10.039 -4.682  1.00 36.62 ? 431 HOH A O     1 
HETATM 1523 O  O     . HOH D 4 .   ? 8.995   17.328  3.392   1.00 39.34 ? 432 HOH A O     1 
HETATM 1524 O  O     . HOH D 4 .   ? -12.971 15.563  7.074   1.00 21.02 ? 433 HOH A O     1 
HETATM 1525 O  O     . HOH D 4 .   ? 15.680  0.893   -2.651  1.00 38.10 ? 434 HOH A O     1 
HETATM 1526 O  O     . HOH D 4 .   ? -10.501 -14.215 7.382   1.00 34.76 ? 435 HOH A O     1 
HETATM 1527 O  O     . HOH D 4 .   ? 1.306   9.488   -12.445 1.00 29.91 ? 436 HOH A O     1 
HETATM 1528 O  O     . HOH D 4 .   ? 9.643   8.480   -14.959 1.00 38.23 ? 437 HOH A O     1 
HETATM 1529 O  O     . HOH D 4 .   ? -3.944  5.769   -14.088 1.00 30.36 ? 438 HOH A O     1 
HETATM 1530 O  O     . HOH D 4 .   ? 3.755   15.338  11.590  1.00 35.15 ? 439 HOH A O     1 
HETATM 1531 O  O     . HOH D 4 .   ? -7.796  19.527  8.242   1.00 41.13 ? 440 HOH A O     1 
HETATM 1532 O  O     . HOH D 4 .   ? 17.845  0.447   14.038  1.00 24.86 ? 441 HOH A O     1 
HETATM 1533 O  O     . HOH D 4 .   ? 9.081   -0.514  -23.446 1.00 35.77 ? 442 HOH A O     1 
HETATM 1534 O  O     . HOH D 4 .   ? -18.517 6.792   11.526  1.00 22.66 ? 443 HOH A O     1 
HETATM 1535 O  O     . HOH D 4 .   ? -8.218  2.427   20.302  1.00 22.64 ? 444 HOH A O     1 
HETATM 1536 O  O     . HOH D 4 .   ? 17.887  0.902   16.927  1.00 22.86 ? 445 HOH A O     1 
HETATM 1537 O  O     . HOH D 4 .   ? -1.544  18.178  -2.404  1.00 23.65 ? 446 HOH A O     1 
HETATM 1538 O  O     . HOH D 4 .   ? 15.372  -6.380  9.148   1.00 18.83 ? 447 HOH A O     1 
HETATM 1539 O  O     . HOH D 4 .   ? 3.710   10.945  13.954  1.00 30.14 ? 448 HOH A O     1 
HETATM 1540 O  O     . HOH D 4 .   ? -5.084  -0.523  -12.213 1.00 32.24 ? 449 HOH A O     1 
HETATM 1541 O  O     . HOH D 4 .   ? 0.273   -12.357 -10.639 1.00 27.87 ? 450 HOH A O     1 
HETATM 1542 O  O     . HOH D 4 .   ? 15.261  4.117   -8.676  1.00 44.05 ? 451 HOH A O     1 
HETATM 1543 O  O     . HOH D 4 .   ? -11.572 -9.234  -12.960 1.00 36.67 ? 452 HOH A O     1 
HETATM 1544 O  O     . HOH D 4 .   ? -22.358 -1.726  -3.244  1.00 41.34 ? 453 HOH A O     1 
HETATM 1545 O  O     . HOH D 4 .   ? 8.981   -1.709  14.871  1.00 39.28 ? 454 HOH A O     1 
HETATM 1546 O  O     . HOH D 4 .   ? -7.447  10.331  -11.605 1.00 47.52 ? 455 HOH A O     1 
HETATM 1547 O  O     . HOH D 4 .   ? 13.107  -7.682  -8.900  1.00 33.17 ? 456 HOH A O     1 
HETATM 1548 O  O     . HOH D 4 .   ? -24.497 3.153   4.137   1.00 41.72 ? 457 HOH A O     1 
HETATM 1549 O  O     . HOH D 4 .   ? 13.665  -11.851 2.701   1.00 32.78 ? 458 HOH A O     1 
HETATM 1550 O  O     . HOH D 4 .   ? -5.779  -14.250 -3.140  1.00 36.49 ? 459 HOH A O     1 
HETATM 1551 O  O     . HOH D 4 .   ? 12.819  -2.077  -24.090 1.00 41.36 ? 460 HOH A O     1 
HETATM 1552 O  O     . HOH D 4 .   ? 4.471   -14.639 5.770   1.00 37.25 ? 461 HOH A O     1 
HETATM 1553 O  O     . HOH D 4 .   ? -13.977 -9.497  -8.808  1.00 27.16 ? 462 HOH A O     1 
HETATM 1554 O  O     . HOH D 4 .   ? -17.172 2.557   11.068  1.00 40.80 ? 463 HOH A O     1 
HETATM 1555 O  O     . HOH D 4 .   ? 0.842   6.470   15.203  1.00 13.76 ? 464 HOH A O     1 
HETATM 1556 O  O     . HOH D 4 .   ? -8.317  -2.126  10.087  1.00 21.86 ? 465 HOH A O     1 
HETATM 1557 O  O     . HOH D 4 .   ? 3.327   -5.935  16.770  1.00 41.07 ? 466 HOH A O     1 
HETATM 1558 O  O     . HOH D 4 .   ? 2.188   19.969  9.365   1.00 43.00 ? 467 HOH A O     1 
HETATM 1559 O  O     . HOH D 4 .   ? 10.284  6.147   -13.578 1.00 40.59 ? 468 HOH A O     1 
HETATM 1560 O  O     . HOH D 4 .   ? 14.103  -5.365  -8.505  1.00 28.75 ? 469 HOH A O     1 
HETATM 1561 O  O     . HOH D 4 .   ? 4.134   11.797  -7.535  1.00 27.29 ? 470 HOH A O     1 
HETATM 1562 O  O     . HOH D 4 .   ? 3.207   -11.475 5.805   1.00 28.41 ? 471 HOH A O     1 
HETATM 1563 O  O     . HOH D 4 .   ? -8.332  -5.430  12.276  1.00 40.06 ? 472 HOH A O     1 
HETATM 1564 O  O     . HOH D 4 .   ? 14.594  -6.226  6.466   1.00 31.29 ? 473 HOH A O     1 
HETATM 1565 O  O     . HOH D 4 .   ? -12.749 -3.510  9.244   1.00 30.59 ? 474 HOH A O     1 
HETATM 1566 O  O     . HOH D 4 .   ? 15.418  -11.078 4.523   1.00 40.21 ? 475 HOH A O     1 
HETATM 1567 O  O     . HOH D 4 .   ? -9.046  -11.133 -13.602 1.00 35.78 ? 476 HOH A O     1 
HETATM 1568 O  O     . HOH D 4 .   ? 11.128  12.030  6.215   1.00 32.12 ? 477 HOH A O     1 
HETATM 1569 O  O     . HOH D 4 .   ? 12.582  4.310   -14.099 1.00 40.69 ? 478 HOH A O     1 
HETATM 1570 O  O     . HOH D 4 .   ? -12.059 -7.344  7.123   1.00 39.31 ? 479 HOH A O     1 
HETATM 1571 O  O     . HOH D 4 .   ? 13.359  8.227   5.932   1.00 35.97 ? 480 HOH A O     1 
HETATM 1572 O  O     . HOH D 4 .   ? -3.970  -13.519 16.439  1.00 42.21 ? 481 HOH A O     1 
HETATM 1573 O  O     . HOH D 4 .   ? -6.716  10.905  -9.282  1.00 35.10 ? 482 HOH A O     1 
HETATM 1574 O  O     . HOH D 4 .   ? -7.321  -15.848 7.700   1.00 34.19 ? 483 HOH A O     1 
HETATM 1575 O  O     . HOH D 4 .   ? -13.592 -14.242 7.048   1.00 40.87 ? 484 HOH A O     1 
HETATM 1576 O  O     . HOH D 4 .   ? 1.913   -19.121 5.335   1.00 38.89 ? 485 HOH A O     1 
HETATM 1577 O  O     . HOH D 4 .   ? -14.435 5.013   13.653  1.00 38.65 ? 486 HOH A O     1 
HETATM 1578 O  O     . HOH D 4 .   ? 15.599  -4.342  -16.668 1.00 41.23 ? 487 HOH A O     1 
HETATM 1579 O  O     . HOH D 4 .   ? -13.582 -9.686  9.970   1.00 42.29 ? 488 HOH A O     1 
HETATM 1580 O  O     . HOH D 4 .   ? 11.190  -9.600  -7.282  1.00 35.81 ? 489 HOH A O     1 
HETATM 1581 O  O     . HOH D 4 .   ? 4.944   6.646   16.346  1.00 36.99 ? 490 HOH A O     1 
HETATM 1582 O  O     . HOH D 4 .   ? 2.715   -13.831 -14.240 1.00 36.81 ? 491 HOH A O     1 
HETATM 1583 O  O     . HOH D 4 .   ? -14.846 8.558   -6.222  1.00 44.78 ? 492 HOH A O     1 
HETATM 1584 O  O     . HOH D 4 .   ? 13.134  7.472   -13.824 1.00 42.18 ? 493 HOH A O     1 
HETATM 1585 O  O     . HOH D 4 .   ? 14.212  0.448   14.633  1.00 38.43 ? 494 HOH A O     1 
HETATM 1586 O  O     . HOH D 4 .   ? 6.670   -13.128 -12.942 1.00 49.44 ? 495 HOH A O     1 
HETATM 1587 O  O     . HOH D 4 .   ? -12.696 -20.093 6.359   1.00 40.84 ? 496 HOH A O     1 
HETATM 1588 O  O     . HOH D 4 .   ? -8.730  -20.236 2.230   1.00 41.67 ? 497 HOH A O     1 
HETATM 1589 O  O     . HOH D 4 .   ? -15.007 13.023  10.054  1.00 27.53 ? 498 HOH A O     1 
HETATM 1590 O  O     . HOH D 4 .   ? 18.112  3.382   16.843  1.00 47.04 ? 499 HOH A O     1 
HETATM 1591 O  O     . HOH D 4 .   ? -1.146  15.537  12.226  1.00 33.63 ? 500 HOH A O     1 
HETATM 1592 O  O     . HOH D 4 .   ? 19.890  -7.039  4.850   1.00 47.42 ? 501 HOH A O     1 
HETATM 1593 O  O     . HOH D 4 .   ? 11.450  -11.316 9.486   1.00 34.53 ? 502 HOH A O     1 
HETATM 1594 O  O     . HOH D 4 .   ? 1.196   0.808   16.083  1.00 42.19 ? 503 HOH A O     1 
HETATM 1595 O  O     . HOH D 4 .   ? -15.544 7.212   -4.034  1.00 46.63 ? 504 HOH A O     1 
HETATM 1596 O  O     . HOH D 4 .   ? 15.684  -4.006  5.500   1.00 31.45 ? 505 HOH A O     1 
HETATM 1597 O  O     . HOH D 4 .   ? -6.594  -3.776  -13.085 1.00 29.62 ? 506 HOH A O     1 
HETATM 1598 O  O     . HOH D 4 .   ? -21.471 2.685   3.712   1.00 39.48 ? 507 HOH A O     1 
HETATM 1599 O  O     . HOH D 4 .   ? -13.026 -0.838  11.197  1.00 31.18 ? 508 HOH A O     1 
HETATM 1600 O  O     . HOH D 4 .   ? 11.041  -0.369  -21.058 1.00 38.58 ? 509 HOH A O     1 
HETATM 1601 O  O     . HOH D 4 .   ? 13.955  0.708   -21.054 1.00 44.25 ? 510 HOH A O     1 
HETATM 1602 O  O     . HOH D 4 .   ? -7.750  -15.544 -9.742  1.00 42.61 ? 511 HOH A O     1 
HETATM 1603 O  O     . HOH D 4 .   ? -18.868 -5.043  -4.437  1.00 40.71 ? 512 HOH A O     1 
HETATM 1604 O  O     . HOH D 4 .   ? -11.316 14.471  -0.080  1.00 39.61 ? 513 HOH A O     1 
HETATM 1605 O  O     . HOH D 4 .   ? 5.170   7.597   14.092  1.00 39.92 ? 514 HOH A O     1 
HETATM 1606 O  O     . HOH D 4 .   ? -9.907  16.412  13.058  1.00 35.78 ? 515 HOH A O     1 
HETATM 1607 O  O     . HOH D 4 .   ? -15.574 -4.761  -11.117 1.00 46.25 ? 516 HOH A O     1 
HETATM 1608 O  O     . HOH D 4 .   ? -6.970  -14.860 10.696  1.00 39.91 ? 517 HOH A O     1 
HETATM 1609 O  O     . HOH D 4 .   ? 5.798   16.124  13.516  1.00 41.86 ? 518 HOH A O     1 
HETATM 1610 O  O     . HOH D 4 .   ? 3.449   -8.896  17.435  1.00 45.58 ? 519 HOH A O     1 
HETATM 1611 O  O     . HOH D 4 .   ? -5.955  -16.608 -2.755  1.00 47.44 ? 520 HOH A O     1 
HETATM 1612 O  O     . HOH D 4 .   ? -16.001 -2.234  -9.673  1.00 29.34 ? 521 HOH A O     1 
HETATM 1613 O  O     . HOH D 4 .   ? -21.235 1.575   8.058   1.00 44.49 ? 522 HOH A O     1 
HETATM 1614 O  O     . HOH D 4 .   ? 15.411  -2.682  -13.542 1.00 41.09 ? 523 HOH A O     1 
HETATM 1615 O  O     . HOH D 4 .   ? 8.331   -13.059 -11.061 1.00 45.26 ? 524 HOH A O     1 
HETATM 1616 O  O     . HOH D 4 .   ? -24.140 0.301   7.775   1.00 39.38 ? 525 HOH A O     1 
HETATM 1617 O  O     . HOH D 4 .   ? -20.602 0.233   4.988   1.00 39.26 ? 526 HOH A O     1 
HETATM 1618 O  O     . HOH D 4 .   ? 0.644   4.057   -22.400 1.00 43.29 ? 527 HOH A O     1 
HETATM 1619 O  O     . HOH D 4 .   ? -3.190  19.301  9.363   1.00 40.79 ? 528 HOH A O     1 
HETATM 1620 O  O     . HOH D 4 .   ? 12.982  11.066  2.039   1.00 42.12 ? 529 HOH A O     1 
HETATM 1621 O  O     . HOH D 4 .   ? 15.734  10.021  1.275   1.00 42.80 ? 530 HOH A O     1 
HETATM 1622 O  O     . HOH D 4 .   ? -6.536  -3.798  16.505  1.00 43.52 ? 531 HOH A O     1 
HETATM 1623 O  O     . HOH D 4 .   ? 15.189  2.136   -6.117  1.00 45.71 ? 532 HOH A O     1 
HETATM 1624 O  O     . HOH D 4 .   ? 7.914   7.020   -25.345 1.00 44.65 ? 533 HOH A O     1 
HETATM 1625 O  O     . HOH D 4 .   ? 7.545   8.373   -16.879 1.00 42.68 ? 534 HOH A O     1 
HETATM 1626 O  O     . HOH D 4 .   ? -8.863  -3.279  14.267  1.00 43.31 ? 535 HOH A O     1 
HETATM 1627 O  O     . HOH D 4 .   ? 5.035   8.766   -18.110 1.00 40.99 ? 536 HOH A O     1 
HETATM 1628 O  O     . HOH D 4 .   ? 1.891   -15.570 -7.720  1.00 38.89 ? 537 HOH A O     1 
HETATM 1629 O  O     . HOH D 4 .   ? -4.378  -2.851  -13.595 1.00 40.53 ? 538 HOH A O     1 
HETATM 1630 O  O     . HOH D 4 .   ? 0.702   -17.474 0.548   1.00 40.80 ? 539 HOH A O     1 
HETATM 1631 O  O     . HOH D 4 .   ? -15.357 11.645  -1.563  1.00 42.59 ? 540 HOH A O     1 
HETATM 1632 O  O     . HOH D 4 .   ? -11.168 13.425  12.395  1.00 40.86 ? 541 HOH A O     1 
HETATM 1633 O  O     . HOH D 4 .   ? -4.852  19.201  -0.139  1.00 41.80 ? 542 HOH A O     1 
# 
